data_3CEA
#
_entry.id   3CEA
#
_cell.length_a   47.331
_cell.length_b   145.684
_cell.length_c   100.208
_cell.angle_alpha   90.000
_cell.angle_beta   91.920
_cell.angle_gamma   90.000
#
_symmetry.space_group_name_H-M   'P 1 21 1'
#
loop_
_entity.id
_entity.type
_entity.pdbx_description
1 polymer 'Myo-inositol 2-dehydrogenase'
2 non-polymer NICOTINAMIDE-ADENINE-DINUCLEOTIDE
3 non-polymer 'CHLORIDE ION'
4 non-polymer 1,2-ETHANEDIOL
5 water water
#
_entity_poly.entity_id   1
_entity_poly.type   'polypeptide(L)'
_entity_poly.pdbx_seq_one_letter_code
;G(MSE)VTTRKPLRAAIIGLGRLGERHARHLVNKIQGVKLVAACALDSNQLEWAKNELGVETTYTNYKD(MSE)IDTENI
DAIFIVAPTPFHPE(MSE)TIYA(MSE)NAGLNVFCEKPLGLDFNEVDE(MSE)AKVIKSHPNQIFQSGF(MSE)RRYDD
SYRYAKKIVDNGDIGKIIY(MSE)RGYGIDPISG(MSE)ESFTKFATEADSGGIFVD(MSE)NIHDIDLIRWFTGQDPVQ
AYGLTSNIAAPQLADIGEFETGVAQLK(MSE)SDGVIATLIGGRHAAHGNQVELEV(MSE)GSNGWVRIGEHPDLNRVTV
FNDQGVVRPSLQSFGERFDTAFTDEVQDFVNNVIVGKQPEVTVDDGIKALKIAKACQQSANIGKLVDIQL
;
_entity_poly.pdbx_strand_id   A,B,C,D
#
loop_
_chem_comp.id
_chem_comp.type
_chem_comp.name
_chem_comp.formula
CL non-polymer 'CHLORIDE ION' 'Cl -1'
EDO non-polymer 1,2-ETHANEDIOL 'C2 H6 O2'
NAD non-polymer NICOTINAMIDE-ADENINE-DINUCLEOTIDE 'C21 H27 N7 O14 P2'
#
# COMPACT_ATOMS: atom_id res chain seq x y z
N THR A 5 -13.41 6.27 -46.42
CA THR A 5 -14.48 7.18 -45.91
C THR A 5 -14.14 8.66 -46.13
N ARG A 6 -13.25 9.20 -45.30
CA ARG A 6 -12.79 10.58 -45.41
C ARG A 6 -11.27 10.60 -45.51
N LYS A 7 -10.74 11.55 -46.29
CA LYS A 7 -9.30 11.75 -46.41
C LYS A 7 -8.65 11.87 -45.03
N PRO A 8 -7.60 11.06 -44.77
CA PRO A 8 -6.84 11.24 -43.54
C PRO A 8 -6.00 12.53 -43.61
N LEU A 9 -5.68 13.10 -42.44
CA LEU A 9 -4.80 14.25 -42.39
C LEU A 9 -3.38 13.82 -42.72
N ARG A 10 -2.70 14.60 -43.54
CA ARG A 10 -1.32 14.33 -43.88
C ARG A 10 -0.41 15.08 -42.91
N ALA A 11 0.40 14.33 -42.17
CA ALA A 11 1.21 14.90 -41.10
C ALA A 11 2.71 14.66 -41.25
N ALA A 12 3.48 15.54 -40.62
CA ALA A 12 4.92 15.42 -40.53
C ALA A 12 5.37 15.58 -39.07
N ILE A 13 6.58 15.12 -38.77
CA ILE A 13 7.14 15.24 -37.44
C ILE A 13 8.57 15.77 -37.48
N ILE A 14 8.86 16.75 -36.63
CA ILE A 14 10.24 17.19 -36.42
C ILE A 14 10.71 16.61 -35.08
N GLY A 15 11.85 15.93 -35.12
CA GLY A 15 12.43 15.33 -33.92
C GLY A 15 11.96 13.91 -33.67
N LEU A 16 12.91 13.02 -33.47
CA LEU A 16 12.61 11.60 -33.20
C LEU A 16 13.41 11.08 -32.01
N GLY A 17 13.66 11.96 -31.03
CA GLY A 17 14.43 11.60 -29.84
C GLY A 17 13.63 10.86 -28.78
N ARG A 18 13.88 11.21 -27.53
CA ARG A 18 13.25 10.56 -26.38
C ARG A 18 11.72 10.54 -26.46
N LEU A 19 11.14 11.66 -26.88
CA LEU A 19 9.69 11.76 -27.01
C LEU A 19 9.24 11.61 -28.46
N GLY A 20 10.05 12.13 -29.38
CA GLY A 20 9.76 12.08 -30.81
C GLY A 20 9.44 10.69 -31.32
N GLU A 21 10.26 9.71 -30.93
CA GLU A 21 10.09 8.33 -31.37
C GLU A 21 8.78 7.69 -30.90
N ARG A 22 8.34 8.09 -29.70
CA ARG A 22 7.08 7.61 -29.14
C ARG A 22 5.88 8.22 -29.86
N HIS A 23 5.92 9.54 -30.06
CA HIS A 23 4.92 10.26 -30.85
C HIS A 23 4.78 9.69 -32.26
N ALA A 24 5.91 9.39 -32.90
CA ALA A 24 5.93 8.83 -34.25
C ALA A 24 5.31 7.44 -34.31
N ARG A 25 5.60 6.62 -33.30
CA ARG A 25 5.02 5.29 -33.17
C ARG A 25 3.49 5.34 -33.05
N HIS A 26 2.99 6.21 -32.16
CA HIS A 26 1.55 6.38 -31.97
C HIS A 26 0.87 6.89 -33.23
N LEU A 27 1.57 7.78 -33.93
CA LEU A 27 1.07 8.45 -35.12
C LEU A 27 0.85 7.46 -36.28
N VAL A 28 1.66 6.40 -36.29
CA VAL A 28 1.55 5.34 -37.30
C VAL A 28 0.62 4.22 -36.83
N ASN A 29 0.72 3.86 -35.55
CA ASN A 29 0.05 2.66 -35.03
C ASN A 29 -1.28 2.87 -34.32
N LYS A 30 -1.42 4.00 -33.62
CA LYS A 30 -2.58 4.20 -32.74
C LYS A 30 -3.54 5.30 -33.20
N ILE A 31 -2.99 6.47 -33.55
CA ILE A 31 -3.82 7.63 -33.91
C ILE A 31 -4.62 7.38 -35.19
N GLN A 32 -5.90 7.75 -35.16
CA GLN A 32 -6.81 7.56 -36.28
C GLN A 32 -7.04 8.85 -37.07
N GLY A 33 -7.27 8.69 -38.37
CA GLY A 33 -7.56 9.82 -39.26
C GLY A 33 -6.32 10.62 -39.62
N VAL A 34 -5.15 10.01 -39.46
CA VAL A 34 -3.88 10.67 -39.75
C VAL A 34 -2.90 9.72 -40.47
N LYS A 35 -2.02 10.30 -41.28
CA LYS A 35 -0.97 9.56 -41.96
C LYS A 35 0.33 10.34 -41.87
N LEU A 36 1.33 9.74 -41.23
CA LEU A 36 2.66 10.36 -41.10
C LEU A 36 3.45 10.13 -42.40
N VAL A 37 3.70 11.23 -43.12
CA VAL A 37 4.28 11.16 -44.45
C VAL A 37 5.79 11.44 -44.47
N ALA A 38 6.22 12.38 -43.65
CA ALA A 38 7.63 12.80 -43.60
C ALA A 38 8.12 12.99 -42.17
N ALA A 39 9.43 12.87 -42.00
CA ALA A 39 10.07 13.09 -40.69
C ALA A 39 11.36 13.89 -40.85
N CYS A 40 11.63 14.74 -39.86
CA CYS A 40 12.85 15.56 -39.88
C CYS A 40 13.63 15.40 -38.58
N ALA A 41 14.90 15.05 -38.71
CA ALA A 41 15.83 14.94 -37.59
C ALA A 41 17.26 15.24 -38.05
N LEU A 42 18.15 15.55 -37.12
CA LEU A 42 19.56 15.75 -37.42
C LEU A 42 20.35 14.44 -37.28
N ASP A 43 19.70 13.43 -36.71
CA ASP A 43 20.30 12.10 -36.57
C ASP A 43 19.92 11.21 -37.75
N SER A 44 20.93 10.69 -38.42
CA SER A 44 20.75 9.85 -39.62
C SER A 44 20.07 8.52 -39.31
N ASN A 45 20.49 7.88 -38.23
CA ASN A 45 19.97 6.58 -37.82
C ASN A 45 18.50 6.61 -37.41
N GLN A 46 18.08 7.73 -36.83
CA GLN A 46 16.69 7.94 -36.45
C GLN A 46 15.79 8.06 -37.68
N LEU A 47 16.30 8.72 -38.72
CA LEU A 47 15.57 8.89 -39.98
C LEU A 47 15.46 7.56 -40.74
N GLU A 48 16.53 6.77 -40.71
CA GLU A 48 16.53 5.43 -41.31
C GLU A 48 15.51 4.53 -40.60
N TRP A 49 15.45 4.66 -39.28
CA TRP A 49 14.48 3.93 -38.45
C TRP A 49 13.04 4.30 -38.84
N ALA A 50 12.80 5.57 -39.11
CA ALA A 50 11.47 6.05 -39.53
C ALA A 50 11.04 5.44 -40.86
N LYS A 51 11.98 5.38 -41.82
CA LYS A 51 11.72 4.79 -43.13
C LYS A 51 11.56 3.26 -43.08
N ASN A 52 12.52 2.59 -42.45
CA ASN A 52 12.59 1.12 -42.48
C ASN A 52 11.64 0.41 -41.51
N GLU A 53 11.47 0.96 -40.31
CA GLU A 53 10.63 0.34 -39.30
C GLU A 53 9.19 0.85 -39.31
N LEU A 54 9.01 2.15 -39.53
CA LEU A 54 7.68 2.77 -39.48
C LEU A 54 7.01 2.94 -40.85
N GLY A 55 7.81 2.92 -41.91
CA GLY A 55 7.29 3.03 -43.28
C GLY A 55 7.04 4.47 -43.72
N VAL A 56 7.70 5.41 -43.06
CA VAL A 56 7.62 6.83 -43.40
C VAL A 56 8.24 7.05 -44.79
N GLU A 57 7.50 7.71 -45.67
CA GLU A 57 7.92 7.89 -47.07
C GLU A 57 9.21 8.68 -47.25
N THR A 58 9.21 9.93 -46.80
CA THR A 58 10.34 10.84 -47.02
C THR A 58 10.98 11.29 -45.72
N THR A 59 12.27 11.61 -45.77
CA THR A 59 13.02 12.10 -44.60
C THR A 59 13.84 13.34 -44.94
N TYR A 60 14.01 14.20 -43.94
CA TYR A 60 14.73 15.47 -44.11
C TYR A 60 15.67 15.75 -42.93
N THR A 61 16.69 16.56 -43.18
CA THR A 61 17.54 17.09 -42.11
C THR A 61 17.25 18.59 -41.91
N ASN A 62 16.68 19.21 -42.94
CA ASN A 62 16.24 20.59 -42.90
C ASN A 62 14.71 20.64 -42.79
N TYR A 63 14.21 21.24 -41.71
CA TYR A 63 12.76 21.29 -41.47
C TYR A 63 12.04 22.24 -42.44
N LYS A 64 12.73 23.31 -42.84
CA LYS A 64 12.19 24.26 -43.80
C LYS A 64 12.05 23.62 -45.18
N ASP A 65 13.00 22.76 -45.53
CA ASP A 65 12.93 21.98 -46.77
C ASP A 65 11.70 21.08 -46.77
N MSE A 66 11.42 20.43 -45.63
CA MSE A 66 10.29 19.53 -45.50
C MSE A 66 8.95 20.27 -45.64
O MSE A 66 8.06 19.80 -46.37
CB MSE A 66 10.34 18.79 -44.17
CG MSE A 66 9.28 17.69 -44.02
SE MSE A 66 9.45 16.68 -42.37
CE MSE A 66 9.00 18.08 -41.11
N ILE A 67 8.83 21.39 -44.97
CA ILE A 67 7.60 22.20 -44.98
C ILE A 67 7.30 22.77 -46.36
N ASP A 68 8.35 23.08 -47.12
CA ASP A 68 8.21 23.67 -48.46
C ASP A 68 8.11 22.64 -49.59
N THR A 69 8.20 21.35 -49.25
CA THR A 69 8.19 20.29 -50.25
C THR A 69 7.03 19.31 -50.05
N GLU A 70 6.70 19.01 -48.81
CA GLU A 70 5.69 18.00 -48.50
C GLU A 70 4.27 18.56 -48.53
N ASN A 71 3.34 17.73 -49.00
CA ASN A 71 1.92 18.04 -48.94
C ASN A 71 1.35 17.57 -47.61
N ILE A 72 1.26 18.50 -46.65
CA ILE A 72 0.82 18.18 -45.29
C ILE A 72 -0.17 19.19 -44.72
N ASP A 73 -1.09 18.68 -43.89
CA ASP A 73 -2.10 19.50 -43.22
C ASP A 73 -1.62 19.93 -41.83
N ALA A 74 -0.80 19.09 -41.21
CA ALA A 74 -0.37 19.29 -39.83
C ALA A 74 1.09 18.89 -39.59
N ILE A 75 1.68 19.49 -38.56
CA ILE A 75 3.06 19.18 -38.18
C ILE A 75 3.18 18.98 -36.67
N PHE A 76 4.07 18.07 -36.28
CA PHE A 76 4.37 17.81 -34.87
C PHE A 76 5.81 18.21 -34.56
N ILE A 77 5.97 19.22 -33.72
CA ILE A 77 7.30 19.71 -33.35
C ILE A 77 7.76 19.11 -32.03
N VAL A 78 8.62 18.10 -32.13
CA VAL A 78 9.24 17.46 -30.97
C VAL A 78 10.77 17.64 -31.05
N ALA A 79 11.18 18.81 -31.54
CA ALA A 79 12.57 19.22 -31.55
C ALA A 79 12.85 19.96 -30.23
N PRO A 80 14.13 20.23 -29.90
CA PRO A 80 14.47 20.95 -28.67
C PRO A 80 13.77 22.29 -28.53
N THR A 81 13.61 22.75 -27.28
CA THR A 81 12.85 23.95 -26.94
C THR A 81 13.27 25.26 -27.66
N PRO A 82 14.60 25.53 -27.79
CA PRO A 82 14.99 26.77 -28.47
C PRO A 82 14.46 26.90 -29.90
N PHE A 83 14.24 25.77 -30.57
CA PHE A 83 13.79 25.76 -31.98
C PHE A 83 12.27 25.84 -32.14
N HIS A 84 11.55 25.74 -31.03
CA HIS A 84 10.08 25.76 -31.03
C HIS A 84 9.45 27.02 -31.65
N PRO A 85 9.88 28.23 -31.22
CA PRO A 85 9.28 29.45 -31.77
C PRO A 85 9.48 29.60 -33.28
N GLU A 86 10.71 29.44 -33.74
CA GLU A 86 11.04 29.60 -35.16
C GLU A 86 10.40 28.53 -36.06
N MSE A 87 10.23 27.33 -35.51
CA MSE A 87 9.58 26.25 -36.24
C MSE A 87 8.08 26.46 -36.32
O MSE A 87 7.46 26.21 -37.36
CB MSE A 87 9.89 24.89 -35.62
CG MSE A 87 11.28 24.37 -35.94
SE MSE A 87 11.73 22.77 -34.95
CE MSE A 87 13.51 22.46 -35.70
N THR A 88 7.49 26.92 -35.22
CA THR A 88 6.06 27.22 -35.15
C THR A 88 5.70 28.35 -36.11
N ILE A 89 6.44 29.45 -36.05
CA ILE A 89 6.21 30.60 -36.93
C ILE A 89 6.27 30.19 -38.42
N TYR A 90 7.31 29.47 -38.80
CA TYR A 90 7.49 29.04 -40.19
C TYR A 90 6.34 28.14 -40.67
N ALA A 91 5.93 27.21 -39.81
CA ALA A 91 4.85 26.27 -40.12
C ALA A 91 3.47 26.93 -40.13
N MSE A 92 3.24 27.85 -39.19
CA MSE A 92 1.99 28.64 -39.16
C MSE A 92 1.85 29.48 -40.44
O MSE A 92 0.76 29.54 -41.01
CB MSE A 92 1.95 29.56 -37.93
CG MSE A 92 1.82 28.86 -36.57
SE MSE A 92 0.10 28.02 -36.18
CE MSE A 92 -1.06 29.49 -36.52
N ASN A 93 2.94 30.10 -40.87
CA ASN A 93 2.95 30.93 -42.07
C ASN A 93 2.74 30.13 -43.36
N ALA A 94 3.02 28.84 -43.31
CA ALA A 94 2.83 27.96 -44.46
C ALA A 94 1.43 27.31 -44.46
N GLY A 95 0.57 27.77 -43.56
CA GLY A 95 -0.82 27.32 -43.51
C GLY A 95 -1.07 26.04 -42.73
N LEU A 96 0.00 25.51 -42.13
CA LEU A 96 -0.07 24.25 -41.39
C LEU A 96 -0.71 24.40 -40.02
N ASN A 97 -1.37 23.32 -39.58
CA ASN A 97 -1.81 23.21 -38.19
C ASN A 97 -0.65 22.66 -37.38
N VAL A 98 -0.44 23.22 -36.19
CA VAL A 98 0.77 22.92 -35.42
C VAL A 98 0.48 22.32 -34.05
N PHE A 99 1.09 21.16 -33.81
CA PHE A 99 1.21 20.61 -32.47
C PHE A 99 2.65 20.77 -32.03
N CYS A 100 2.88 21.67 -31.08
CA CYS A 100 4.22 21.92 -30.55
C CYS A 100 4.34 21.39 -29.14
N GLU A 101 5.43 20.68 -28.86
CA GLU A 101 5.70 20.19 -27.51
C GLU A 101 6.01 21.32 -26.55
N LYS A 102 5.84 21.04 -25.26
CA LYS A 102 6.13 21.99 -24.20
C LYS A 102 7.65 22.06 -23.98
N PRO A 103 8.17 23.22 -23.52
CA PRO A 103 7.50 24.50 -23.36
C PRO A 103 7.44 25.24 -24.69
N LEU A 104 6.77 26.40 -24.72
CA LEU A 104 6.66 27.21 -25.94
C LEU A 104 8.03 27.65 -26.46
N GLY A 105 8.92 28.02 -25.54
CA GLY A 105 10.27 28.47 -25.87
C GLY A 105 11.04 28.82 -24.62
N LEU A 106 12.08 29.64 -24.76
CA LEU A 106 12.90 30.07 -23.64
C LEU A 106 13.01 31.58 -23.53
N ASP A 107 13.33 32.22 -24.66
CA ASP A 107 13.42 33.68 -24.75
C ASP A 107 12.01 34.27 -24.82
N PHE A 108 11.73 35.25 -23.96
CA PHE A 108 10.42 35.91 -23.92
C PHE A 108 10.09 36.70 -25.19
N ASN A 109 11.12 37.23 -25.85
CA ASN A 109 10.96 37.93 -27.13
C ASN A 109 10.52 37.00 -28.25
N GLU A 110 11.17 35.83 -28.33
CA GLU A 110 10.83 34.81 -29.34
C GLU A 110 9.41 34.27 -29.16
N VAL A 111 9.02 34.06 -27.89
CA VAL A 111 7.71 33.49 -27.55
C VAL A 111 6.57 34.48 -27.80
N ASP A 112 6.85 35.77 -27.59
CA ASP A 112 5.88 36.83 -27.88
C ASP A 112 5.54 36.90 -29.36
N GLU A 113 6.57 36.86 -30.20
CA GLU A 113 6.41 36.88 -31.66
C GLU A 113 5.66 35.64 -32.13
N MSE A 114 6.04 34.50 -31.56
CA MSE A 114 5.39 33.21 -31.83
C MSE A 114 3.90 33.26 -31.49
O MSE A 114 3.06 32.85 -32.31
CB MSE A 114 6.10 32.11 -31.03
CG MSE A 114 5.48 30.73 -31.13
SE MSE A 114 6.16 29.59 -29.71
CE MSE A 114 5.06 28.04 -30.02
N ALA A 115 3.56 33.77 -30.30
CA ALA A 115 2.18 33.91 -29.86
C ALA A 115 1.37 34.80 -30.80
N LYS A 116 1.99 35.89 -31.26
CA LYS A 116 1.36 36.84 -32.19
C LYS A 116 1.08 36.20 -33.56
N VAL A 117 2.01 35.37 -34.03
CA VAL A 117 1.86 34.65 -35.30
C VAL A 117 0.72 33.64 -35.23
N ILE A 118 0.59 32.96 -34.09
CA ILE A 118 -0.49 32.00 -33.84
C ILE A 118 -1.86 32.69 -33.82
N LYS A 119 -1.91 33.88 -33.20
CA LYS A 119 -3.14 34.67 -33.12
C LYS A 119 -3.61 35.13 -34.50
N SER A 120 -2.66 35.44 -35.38
CA SER A 120 -2.98 35.94 -36.73
C SER A 120 -3.47 34.85 -37.69
N HIS A 121 -3.43 33.60 -37.26
CA HIS A 121 -3.98 32.48 -38.03
C HIS A 121 -5.04 31.74 -37.20
N PRO A 122 -6.25 32.32 -37.08
CA PRO A 122 -7.29 31.73 -36.23
C PRO A 122 -7.93 30.48 -36.85
N ASN A 123 -7.78 30.32 -38.16
CA ASN A 123 -8.31 29.17 -38.89
CA ASN A 123 -8.31 29.16 -38.87
C ASN A 123 -7.39 27.95 -38.75
N GLN A 124 -6.19 28.17 -38.23
CA GLN A 124 -5.22 27.10 -38.02
C GLN A 124 -5.13 26.74 -36.54
N ILE A 125 -5.21 25.44 -36.26
CA ILE A 125 -5.16 24.95 -34.89
C ILE A 125 -3.72 24.96 -34.38
N PHE A 126 -3.53 25.51 -33.19
CA PHE A 126 -2.29 25.34 -32.44
C PHE A 126 -2.56 24.65 -31.11
N GLN A 127 -1.70 23.68 -30.78
CA GLN A 127 -1.86 22.91 -29.55
C GLN A 127 -0.53 22.64 -28.87
N SER A 128 -0.49 22.92 -27.56
CA SER A 128 0.69 22.66 -26.73
CA SER A 128 0.69 22.66 -26.73
C SER A 128 0.72 21.21 -26.27
N GLY A 129 1.73 20.85 -25.47
CA GLY A 129 1.90 19.47 -25.01
C GLY A 129 1.80 19.19 -23.53
N PHE A 130 0.82 19.80 -22.85
CA PHE A 130 0.58 19.48 -21.44
C PHE A 130 -0.29 18.22 -21.34
N MSE A 131 0.36 17.07 -21.47
CA MSE A 131 -0.34 15.78 -21.58
C MSE A 131 -1.00 15.31 -20.28
O MSE A 131 -1.99 14.57 -20.33
CB MSE A 131 0.60 14.69 -22.13
CG MSE A 131 1.57 14.09 -21.11
SE MSE A 131 2.91 15.35 -20.48
CE MSE A 131 3.79 14.22 -19.21
N ARG A 132 -0.48 15.76 -19.15
CA ARG A 132 -0.98 15.30 -17.83
C ARG A 132 -2.45 15.61 -17.62
N ARG A 133 -2.95 16.63 -18.31
CA ARG A 133 -4.37 17.00 -18.27
C ARG A 133 -5.26 15.93 -18.90
N TYR A 134 -4.66 15.10 -19.77
CA TYR A 134 -5.35 14.00 -20.45
C TYR A 134 -5.27 12.70 -19.65
N ASP A 135 -4.30 12.60 -18.76
CA ASP A 135 -4.09 11.39 -17.95
C ASP A 135 -5.34 11.05 -17.14
N ASP A 136 -5.67 9.75 -17.10
CA ASP A 136 -6.88 9.24 -16.47
C ASP A 136 -6.97 9.57 -14.98
N SER A 137 -5.84 9.44 -14.28
CA SER A 137 -5.78 9.67 -12.84
C SER A 137 -5.90 11.14 -12.46
N TYR A 138 -5.16 12.00 -13.14
CA TYR A 138 -5.25 13.45 -12.93
C TYR A 138 -6.67 13.95 -13.16
N ARG A 139 -7.29 13.46 -14.24
CA ARG A 139 -8.70 13.77 -14.56
C ARG A 139 -9.67 13.32 -13.46
N TYR A 140 -9.41 12.14 -12.90
CA TYR A 140 -10.22 11.59 -11.81
C TYR A 140 -10.14 12.47 -10.56
N ALA A 141 -8.92 12.89 -10.23
CA ALA A 141 -8.66 13.77 -9.09
C ALA A 141 -9.27 15.16 -9.29
N LYS A 142 -9.23 15.66 -10.53
CA LYS A 142 -9.83 16.95 -10.88
C LYS A 142 -11.34 16.91 -10.71
N LYS A 143 -11.94 15.77 -11.04
CA LYS A 143 -13.37 15.56 -10.87
C LYS A 143 -13.72 15.51 -9.38
N ILE A 144 -12.92 14.79 -8.60
CA ILE A 144 -13.06 14.73 -7.14
C ILE A 144 -13.06 16.14 -6.53
N VAL A 145 -12.07 16.94 -6.93
CA VAL A 145 -11.92 18.30 -6.42
C VAL A 145 -13.11 19.18 -6.81
N ASP A 146 -13.54 19.09 -8.06
CA ASP A 146 -14.65 19.90 -8.57
C ASP A 146 -16.00 19.56 -7.93
N ASN A 147 -16.18 18.31 -7.54
CA ASN A 147 -17.38 17.88 -6.83
C ASN A 147 -17.36 18.33 -5.36
N GLY A 148 -16.21 18.84 -4.93
CA GLY A 148 -16.05 19.35 -3.56
C GLY A 148 -15.70 18.27 -2.56
N ASP A 149 -15.27 17.12 -3.07
CA ASP A 149 -14.96 15.95 -2.22
C ASP A 149 -13.69 16.10 -1.36
N ILE A 150 -12.98 17.21 -1.52
CA ILE A 150 -11.87 17.52 -0.60
C ILE A 150 -12.02 18.90 0.06
N GLY A 151 -13.19 19.52 -0.15
CA GLY A 151 -13.44 20.87 0.34
C GLY A 151 -12.72 21.89 -0.53
N LYS A 152 -12.26 22.97 0.08
CA LYS A 152 -11.46 23.98 -0.63
C LYS A 152 -9.98 23.61 -0.55
N ILE A 153 -9.27 23.83 -1.65
CA ILE A 153 -7.84 23.54 -1.71
C ILE A 153 -7.07 24.50 -0.82
N ILE A 154 -6.12 23.97 -0.04
CA ILE A 154 -5.25 24.81 0.78
C ILE A 154 -3.78 24.70 0.39
N TYR A 155 -3.40 23.55 -0.18
CA TYR A 155 -1.99 23.27 -0.50
C TYR A 155 -1.86 22.21 -1.58
N MSE A 156 -0.85 22.38 -2.43
CA MSE A 156 -0.57 21.42 -3.49
C MSE A 156 0.93 21.15 -3.59
O MSE A 156 1.75 22.04 -3.41
CB MSE A 156 -1.11 21.90 -4.83
CG MSE A 156 -2.64 22.02 -4.87
SE MSE A 156 -3.34 22.40 -6.63
CE MSE A 156 -2.73 20.80 -7.58
N ARG A 157 1.27 19.90 -3.89
CA ARG A 157 2.66 19.49 -3.98
C ARG A 157 2.89 18.68 -5.24
N GLY A 158 3.81 19.14 -6.08
CA GLY A 158 4.15 18.47 -7.32
C GLY A 158 5.57 17.97 -7.31
N TYR A 159 5.73 16.68 -7.58
CA TYR A 159 7.03 16.05 -7.73
C TYR A 159 7.20 15.58 -9.17
N GLY A 160 8.38 15.86 -9.74
CA GLY A 160 8.73 15.41 -11.08
C GLY A 160 10.21 15.03 -11.10
N ILE A 161 10.49 13.79 -10.75
CA ILE A 161 11.88 13.32 -10.61
C ILE A 161 12.17 12.14 -11.53
N ASP A 162 13.17 12.32 -12.39
CA ASP A 162 13.68 11.27 -13.27
C ASP A 162 14.54 10.27 -12.48
N PRO A 163 14.67 9.03 -13.00
CA PRO A 163 15.58 8.06 -12.36
C PRO A 163 17.04 8.25 -12.76
N ILE A 164 17.96 7.70 -11.96
CA ILE A 164 19.41 7.80 -12.19
C ILE A 164 19.83 7.23 -13.56
N SER A 165 19.08 6.25 -14.06
CA SER A 165 19.35 5.64 -15.36
C SER A 165 19.19 6.65 -16.51
N GLY A 166 18.38 7.68 -16.27
CA GLY A 166 18.13 8.72 -17.27
C GLY A 166 19.16 9.85 -17.30
N MSE A 167 20.15 9.78 -16.41
CA MSE A 167 21.20 10.82 -16.34
C MSE A 167 21.99 11.00 -17.63
O MSE A 167 22.27 12.13 -18.04
CB MSE A 167 22.15 10.57 -15.16
CG MSE A 167 21.65 11.14 -13.83
SE MSE A 167 21.53 13.10 -13.74
CE MSE A 167 23.43 13.53 -14.00
N GLU A 168 22.33 9.90 -18.30
CA GLU A 168 23.10 9.95 -19.54
C GLU A 168 22.29 10.59 -20.69
N SER A 169 21.05 10.14 -20.85
CA SER A 169 20.16 10.65 -21.89
C SER A 169 19.69 12.08 -21.66
N PHE A 170 19.70 12.53 -20.40
CA PHE A 170 19.38 13.92 -20.10
C PHE A 170 20.57 14.84 -20.39
N THR A 171 21.76 14.42 -19.98
CA THR A 171 22.98 15.21 -20.20
C THR A 171 23.17 15.47 -21.70
N LYS A 172 22.98 14.43 -22.51
CA LYS A 172 22.96 14.54 -23.98
C LYS A 172 21.95 15.59 -24.44
N PHE A 173 20.74 15.49 -23.89
CA PHE A 173 19.62 16.40 -24.20
C PHE A 173 19.91 17.84 -23.79
N ALA A 174 20.61 18.01 -22.67
CA ALA A 174 20.86 19.33 -22.08
C ALA A 174 22.20 19.97 -22.49
N THR A 175 23.12 19.17 -23.00
CA THR A 175 24.39 19.69 -23.48
C THR A 175 24.26 20.16 -24.94
N GLU A 176 23.46 19.45 -25.72
CA GLU A 176 23.24 19.79 -27.12
C GLU A 176 22.34 21.03 -27.30
N ALA A 177 21.50 21.30 -26.31
CA ALA A 177 20.60 22.45 -26.34
C ALA A 177 20.25 22.95 -24.95
N ASP A 178 19.93 24.23 -24.85
CA ASP A 178 19.43 24.84 -23.62
C ASP A 178 18.06 24.25 -23.29
N SER A 179 17.97 23.54 -22.17
CA SER A 179 16.69 22.97 -21.71
C SER A 179 15.85 24.03 -20.99
N GLY A 180 16.53 25.04 -20.45
CA GLY A 180 15.88 26.13 -19.74
C GLY A 180 15.96 26.00 -18.23
N GLY A 181 16.73 25.01 -17.77
CA GLY A 181 16.85 24.74 -16.34
C GLY A 181 15.82 23.76 -15.81
N ILE A 182 16.02 23.34 -14.57
CA ILE A 182 15.20 22.30 -13.94
C ILE A 182 13.73 22.69 -13.75
N PHE A 183 13.47 23.94 -13.37
CA PHE A 183 12.10 24.42 -13.13
C PHE A 183 11.30 24.50 -14.42
N VAL A 184 11.96 24.89 -15.52
CA VAL A 184 11.32 24.99 -16.81
C VAL A 184 11.08 23.60 -17.43
N ASP A 185 12.09 22.74 -17.34
CA ASP A 185 12.02 21.42 -17.96
C ASP A 185 11.13 20.45 -17.18
N MSE A 186 11.32 20.38 -15.86
CA MSE A 186 10.51 19.49 -15.02
C MSE A 186 9.22 20.12 -14.51
O MSE A 186 8.12 19.67 -14.85
CB MSE A 186 11.32 18.94 -13.84
CG MSE A 186 12.14 17.70 -14.11
SE MSE A 186 11.22 16.18 -14.96
CE MSE A 186 9.34 16.46 -14.42
N ASN A 187 9.36 21.17 -13.71
CA ASN A 187 8.26 21.68 -12.87
C ASN A 187 7.11 22.36 -13.60
N ILE A 188 7.31 22.70 -14.87
CA ILE A 188 6.32 23.40 -15.68
C ILE A 188 4.97 22.66 -15.75
N HIS A 189 5.04 21.33 -15.75
CA HIS A 189 3.85 20.48 -15.81
C HIS A 189 2.98 20.67 -14.58
N ASP A 190 3.61 20.66 -13.41
CA ASP A 190 2.91 20.85 -12.13
C ASP A 190 2.35 22.26 -12.00
N ILE A 191 3.08 23.25 -12.53
CA ILE A 191 2.62 24.63 -12.56
C ILE A 191 1.28 24.72 -13.28
N ASP A 192 1.21 24.14 -14.48
CA ASP A 192 -0.02 24.07 -15.26
C ASP A 192 -1.13 23.37 -14.49
N LEU A 193 -0.79 22.26 -13.83
CA LEU A 193 -1.74 21.49 -13.04
C LEU A 193 -2.31 22.29 -11.88
N ILE A 194 -1.43 23.04 -11.21
CA ILE A 194 -1.84 23.89 -10.09
C ILE A 194 -2.79 25.00 -10.58
N ARG A 195 -2.44 25.63 -11.70
CA ARG A 195 -3.30 26.65 -12.32
C ARG A 195 -4.66 26.05 -12.70
N TRP A 196 -4.62 24.84 -13.25
CA TRP A 196 -5.81 24.11 -13.65
C TRP A 196 -6.71 23.79 -12.45
N PHE A 197 -6.13 23.25 -11.38
CA PHE A 197 -6.88 22.81 -10.21
C PHE A 197 -7.47 23.96 -9.38
N THR A 198 -6.72 25.06 -9.28
CA THR A 198 -7.08 26.19 -8.42
C THR A 198 -7.84 27.29 -9.13
N GLY A 199 -7.51 27.51 -10.40
CA GLY A 199 -8.04 28.67 -11.14
C GLY A 199 -7.33 29.95 -10.73
N GLN A 200 -6.32 29.80 -9.86
CA GLN A 200 -5.54 30.91 -9.35
C GLN A 200 -4.17 30.99 -10.04
N ASP A 201 -3.51 32.13 -9.89
CA ASP A 201 -2.14 32.33 -10.38
C ASP A 201 -1.19 32.57 -9.20
N PRO A 202 0.07 32.13 -9.32
CA PRO A 202 1.09 32.45 -8.31
C PRO A 202 1.47 33.93 -8.33
N VAL A 203 1.63 34.52 -7.15
CA VAL A 203 2.03 35.92 -7.04
C VAL A 203 3.47 36.07 -6.51
N GLN A 204 4.01 34.99 -5.95
CA GLN A 204 5.33 35.02 -5.32
C GLN A 204 5.99 33.64 -5.39
N ALA A 205 7.30 33.63 -5.61
CA ALA A 205 8.05 32.39 -5.73
C ALA A 205 9.36 32.40 -4.96
N TYR A 206 9.62 31.30 -4.28
CA TYR A 206 10.89 31.06 -3.61
C TYR A 206 11.45 29.76 -4.18
N GLY A 207 12.61 29.86 -4.82
CA GLY A 207 13.26 28.71 -5.43
C GLY A 207 14.63 28.44 -4.85
N LEU A 208 14.95 27.15 -4.72
CA LEU A 208 16.27 26.71 -4.27
C LEU A 208 16.75 25.56 -5.13
N THR A 209 18.05 25.56 -5.45
CA THR A 209 18.61 24.53 -6.31
C THR A 209 19.67 23.70 -5.59
N SER A 210 19.92 22.51 -6.12
CA SER A 210 20.89 21.58 -5.55
C SER A 210 21.64 20.82 -6.62
N ASN A 211 22.94 20.66 -6.40
CA ASN A 211 23.79 19.79 -7.21
C ASN A 211 24.49 18.73 -6.36
N ILE A 212 23.94 18.45 -5.17
CA ILE A 212 24.51 17.47 -4.26
C ILE A 212 24.55 16.06 -4.90
N ALA A 213 23.42 15.66 -5.47
CA ALA A 213 23.29 14.34 -6.11
C ALA A 213 24.13 14.16 -7.37
N ALA A 214 24.40 15.26 -8.07
CA ALA A 214 25.21 15.23 -9.31
C ALA A 214 25.91 16.57 -9.55
N PRO A 215 27.14 16.75 -9.02
CA PRO A 215 27.86 18.02 -9.12
C PRO A 215 28.38 18.31 -10.54
N GLN A 216 28.45 17.28 -11.37
CA GLN A 216 28.95 17.41 -12.75
C GLN A 216 27.97 18.16 -13.65
N LEU A 217 26.72 18.31 -13.19
CA LEU A 217 25.71 19.03 -13.96
C LEU A 217 25.98 20.53 -14.01
N ALA A 218 26.75 21.03 -13.04
CA ALA A 218 27.17 22.43 -13.01
C ALA A 218 28.04 22.78 -14.22
N ASP A 219 28.78 21.79 -14.71
CA ASP A 219 29.68 21.96 -15.85
C ASP A 219 28.95 22.31 -17.15
N ILE A 220 27.67 21.94 -17.21
CA ILE A 220 26.80 22.36 -18.32
C ILE A 220 25.75 23.38 -17.85
N GLY A 221 25.97 23.98 -16.68
CA GLY A 221 25.11 25.03 -16.14
C GLY A 221 23.73 24.55 -15.68
N GLU A 222 23.65 23.29 -15.29
CA GLU A 222 22.40 22.69 -14.86
C GLU A 222 22.40 22.36 -13.36
N PHE A 223 21.22 22.39 -12.75
CA PHE A 223 21.04 21.97 -11.36
C PHE A 223 20.23 20.69 -11.28
N GLU A 224 20.73 19.72 -10.50
CA GLU A 224 20.08 18.43 -10.34
C GLU A 224 18.67 18.55 -9.76
N THR A 225 18.53 19.31 -8.69
CA THR A 225 17.25 19.45 -8.00
C THR A 225 16.82 20.92 -7.92
N GLY A 226 15.52 21.14 -8.08
CA GLY A 226 14.94 22.45 -7.90
C GLY A 226 13.70 22.35 -7.03
N VAL A 227 13.73 23.03 -5.89
CA VAL A 227 12.57 23.09 -5.01
C VAL A 227 12.01 24.51 -5.01
N ALA A 228 10.72 24.64 -5.30
CA ALA A 228 10.05 25.93 -5.29
C ALA A 228 8.84 25.95 -4.37
N GLN A 229 8.68 27.04 -3.63
CA GLN A 229 7.45 27.31 -2.89
C GLN A 229 6.76 28.51 -3.52
N LEU A 230 5.42 28.46 -3.58
CA LEU A 230 4.64 29.48 -4.28
C LEU A 230 3.46 29.99 -3.45
N LYS A 231 3.23 31.30 -3.53
CA LYS A 231 2.06 31.92 -2.95
C LYS A 231 1.07 32.18 -4.08
N MSE A 232 -0.14 31.65 -3.94
CA MSE A 232 -1.18 31.83 -4.96
C MSE A 232 -2.03 33.07 -4.68
O MSE A 232 -2.08 33.57 -3.57
CB MSE A 232 -2.06 30.58 -5.10
CG MSE A 232 -1.30 29.28 -5.29
SE MSE A 232 -0.21 29.18 -6.88
CE MSE A 232 -1.60 29.14 -8.22
N SER A 233 -2.73 33.53 -5.73
CA SER A 233 -3.50 34.77 -5.70
C SER A 233 -4.68 34.79 -4.72
N ASP A 234 -5.12 33.61 -4.27
CA ASP A 234 -6.23 33.54 -3.32
C ASP A 234 -5.95 32.68 -2.08
N GLY A 235 -4.67 32.58 -1.73
CA GLY A 235 -4.28 31.96 -0.46
C GLY A 235 -3.49 30.66 -0.54
N VAL A 236 -3.74 29.88 -1.58
CA VAL A 236 -3.17 28.53 -1.72
C VAL A 236 -1.64 28.56 -1.71
N ILE A 237 -1.04 27.53 -1.11
CA ILE A 237 0.41 27.40 -1.08
C ILE A 237 0.80 26.15 -1.85
N ALA A 238 1.93 26.20 -2.55
CA ALA A 238 2.36 25.07 -3.36
C ALA A 238 3.86 24.86 -3.32
N THR A 239 4.25 23.58 -3.39
CA THR A 239 5.65 23.20 -3.51
C THR A 239 5.84 22.44 -4.80
N LEU A 240 6.91 22.75 -5.52
CA LEU A 240 7.30 22.00 -6.72
C LEU A 240 8.70 21.45 -6.56
N ILE A 241 8.86 20.17 -6.90
CA ILE A 241 10.18 19.55 -6.87
C ILE A 241 10.50 18.88 -8.21
N GLY A 242 11.58 19.34 -8.83
CA GLY A 242 12.10 18.74 -10.04
C GLY A 242 13.44 18.10 -9.73
N GLY A 243 13.60 16.85 -10.12
CA GLY A 243 14.82 16.10 -9.86
C GLY A 243 15.19 15.17 -10.99
N ARG A 244 16.41 14.63 -10.94
CA ARG A 244 16.95 13.78 -12.00
C ARG A 244 17.77 12.60 -11.45
N HIS A 245 17.63 12.30 -10.16
CA HIS A 245 18.50 11.31 -9.51
C HIS A 245 17.80 10.36 -8.54
N ALA A 246 16.55 9.98 -8.85
CA ALA A 246 15.85 8.96 -8.06
C ALA A 246 16.39 7.56 -8.36
N ALA A 247 16.48 6.74 -7.33
CA ALA A 247 16.97 5.37 -7.47
C ALA A 247 15.86 4.38 -7.89
N HIS A 248 14.64 4.60 -7.42
CA HIS A 248 13.54 3.65 -7.64
C HIS A 248 12.94 3.69 -9.04
N GLY A 249 12.87 4.87 -9.64
CA GLY A 249 12.30 5.04 -10.97
C GLY A 249 11.91 6.49 -11.24
N ASN A 250 10.92 6.67 -12.10
CA ASN A 250 10.38 7.98 -12.39
C ASN A 250 9.26 8.30 -11.40
N GLN A 251 9.47 9.33 -10.58
CA GLN A 251 8.47 9.77 -9.62
C GLN A 251 7.70 10.96 -10.16
N VAL A 252 6.39 10.79 -10.34
CA VAL A 252 5.51 11.87 -10.77
C VAL A 252 4.28 11.85 -9.86
N GLU A 253 4.22 12.86 -9.00
CA GLU A 253 3.33 12.84 -7.85
C GLU A 253 2.67 14.20 -7.71
N LEU A 254 1.35 14.19 -7.47
CA LEU A 254 0.61 15.40 -7.15
C LEU A 254 -0.27 15.17 -5.93
N GLU A 255 -0.10 16.06 -4.95
CA GLU A 255 -0.91 16.03 -3.73
C GLU A 255 -1.76 17.28 -3.66
N VAL A 256 -3.07 17.09 -3.63
CA VAL A 256 -3.98 18.21 -3.43
C VAL A 256 -4.56 18.11 -2.03
N MSE A 257 -4.10 19.00 -1.16
CA MSE A 257 -4.47 19.00 0.24
C MSE A 257 -5.61 20.00 0.45
O MSE A 257 -5.41 21.20 0.30
CB MSE A 257 -3.25 19.37 1.08
CG MSE A 257 -3.40 19.11 2.56
SE MSE A 257 -2.11 20.09 3.61
CE MSE A 257 -0.53 19.02 3.26
N GLY A 258 -6.79 19.49 0.79
CA GLY A 258 -7.97 20.31 0.98
C GLY A 258 -8.40 20.48 2.43
N SER A 259 -9.52 21.17 2.61
CA SER A 259 -10.05 21.47 3.94
C SER A 259 -10.96 20.35 4.46
N ASN A 260 -11.32 19.43 3.57
CA ASN A 260 -12.19 18.31 3.93
C ASN A 260 -11.80 17.07 3.10
N GLY A 261 -10.52 16.71 3.19
CA GLY A 261 -9.98 15.57 2.45
C GLY A 261 -8.78 15.94 1.61
N TRP A 262 -7.95 14.94 1.29
CA TRP A 262 -6.84 15.13 0.37
C TRP A 262 -6.95 14.14 -0.79
N VAL A 263 -6.12 14.35 -1.80
CA VAL A 263 -5.85 13.34 -2.82
C VAL A 263 -4.36 13.33 -3.12
N ARG A 264 -3.83 12.13 -3.33
CA ARG A 264 -2.48 11.99 -3.86
C ARG A 264 -2.55 11.19 -5.14
N ILE A 265 -1.88 11.71 -6.17
CA ILE A 265 -1.85 11.09 -7.48
C ILE A 265 -0.43 10.59 -7.70
N GLY A 266 -0.29 9.29 -7.92
CA GLY A 266 1.02 8.67 -8.13
C GLY A 266 1.93 8.80 -6.94
N GLU A 267 1.43 8.42 -5.76
CA GLU A 267 2.23 8.41 -4.54
C GLU A 267 3.44 7.51 -4.73
N HIS A 268 3.19 6.32 -5.29
CA HIS A 268 4.23 5.41 -5.75
C HIS A 268 4.07 5.19 -7.25
N PRO A 269 5.19 5.15 -8.00
CA PRO A 269 5.07 5.01 -9.46
C PRO A 269 4.99 3.54 -9.88
N ASP A 270 3.96 2.83 -9.43
CA ASP A 270 3.84 1.38 -9.65
C ASP A 270 3.85 1.02 -11.14
N LEU A 271 4.71 0.07 -11.49
CA LEU A 271 4.83 -0.41 -12.86
C LEU A 271 3.57 -1.14 -13.32
N ASN A 272 3.06 -2.02 -12.47
CA ASN A 272 1.90 -2.83 -12.80
C ASN A 272 1.12 -3.22 -11.54
N ARG A 273 0.36 -4.31 -11.63
CA ARG A 273 -0.47 -4.77 -10.52
C ARG A 273 0.13 -5.99 -9.81
N VAL A 274 1.46 -6.08 -9.85
CA VAL A 274 2.17 -7.21 -9.24
C VAL A 274 2.90 -6.78 -7.98
N THR A 275 2.63 -7.50 -6.90
CA THR A 275 3.34 -7.32 -5.64
C THR A 275 4.36 -8.44 -5.49
N VAL A 276 5.61 -8.06 -5.22
CA VAL A 276 6.71 -9.02 -5.14
C VAL A 276 7.16 -9.21 -3.69
N PHE A 277 7.38 -10.47 -3.31
CA PHE A 277 7.88 -10.82 -1.99
C PHE A 277 9.25 -11.45 -2.13
N ASN A 278 10.27 -10.81 -1.57
CA ASN A 278 11.63 -11.34 -1.60
C ASN A 278 12.40 -10.99 -0.33
N ASP A 279 13.73 -11.17 -0.33
CA ASP A 279 14.53 -10.91 0.87
C ASP A 279 14.53 -9.45 1.34
N GLN A 280 13.87 -8.58 0.57
CA GLN A 280 13.78 -7.15 0.89
C GLN A 280 12.51 -6.82 1.68
N GLY A 281 11.50 -7.68 1.54
CA GLY A 281 10.19 -7.46 2.12
C GLY A 281 9.14 -7.51 1.03
N VAL A 282 8.14 -6.64 1.13
CA VAL A 282 7.07 -6.53 0.14
C VAL A 282 7.38 -5.40 -0.84
N VAL A 283 7.53 -5.74 -2.11
CA VAL A 283 8.03 -4.79 -3.11
C VAL A 283 7.05 -4.49 -4.24
N ARG A 284 6.99 -3.21 -4.63
CA ARG A 284 6.27 -2.80 -5.83
C ARG A 284 7.24 -2.19 -6.84
N PRO A 285 7.52 -2.93 -7.94
CA PRO A 285 8.39 -2.44 -9.02
C PRO A 285 7.83 -1.15 -9.60
N SER A 286 8.73 -0.26 -10.03
CA SER A 286 8.34 1.07 -10.44
C SER A 286 8.51 1.32 -11.94
N LEU A 287 7.76 2.30 -12.44
CA LEU A 287 7.91 2.81 -13.80
C LEU A 287 9.25 3.52 -13.90
N GLN A 288 9.90 3.41 -15.06
CA GLN A 288 11.26 3.92 -15.24
C GLN A 288 11.38 5.17 -16.11
N SER A 289 10.27 5.61 -16.71
CA SER A 289 10.29 6.78 -17.58
C SER A 289 8.96 7.50 -17.64
N PHE A 290 9.02 8.79 -17.99
CA PHE A 290 7.83 9.61 -18.21
C PHE A 290 6.98 9.03 -19.35
N GLY A 291 7.66 8.45 -20.34
CA GLY A 291 7.00 7.91 -21.53
C GLY A 291 6.20 6.66 -21.28
N GLU A 292 6.64 5.84 -20.33
CA GLU A 292 5.89 4.67 -19.90
C GLU A 292 4.72 5.06 -19.00
N ARG A 293 4.94 6.04 -18.13
CA ARG A 293 3.92 6.55 -17.21
C ARG A 293 2.76 7.22 -17.96
N PHE A 294 3.09 8.01 -18.98
CA PHE A 294 2.10 8.84 -19.64
C PHE A 294 1.78 8.43 -21.08
N ASP A 295 2.16 7.21 -21.45
CA ASP A 295 1.94 6.67 -22.81
C ASP A 295 0.53 6.92 -23.34
N THR A 296 -0.49 6.55 -22.56
CA THR A 296 -1.89 6.73 -22.95
C THR A 296 -2.26 8.22 -23.10
N ALA A 297 -1.83 9.03 -22.14
CA ALA A 297 -2.06 10.49 -22.19
C ALA A 297 -1.46 11.13 -23.43
N PHE A 298 -0.26 10.69 -23.81
CA PHE A 298 0.41 11.14 -25.04
C PHE A 298 -0.40 10.75 -26.27
N THR A 299 -0.95 9.54 -26.27
CA THR A 299 -1.79 9.07 -27.37
C THR A 299 -3.08 9.88 -27.42
N ASP A 300 -3.76 9.99 -26.28
CA ASP A 300 -5.04 10.68 -26.20
C ASP A 300 -4.97 12.16 -26.58
N GLU A 301 -3.88 12.84 -26.22
CA GLU A 301 -3.70 14.26 -26.54
C GLU A 301 -3.47 14.50 -28.03
N VAL A 302 -2.69 13.62 -28.67
CA VAL A 302 -2.40 13.71 -30.09
C VAL A 302 -3.66 13.40 -30.89
N GLN A 303 -4.43 12.42 -30.42
CA GLN A 303 -5.72 12.10 -31.01
C GLN A 303 -6.68 13.30 -30.90
N ASP A 304 -6.66 13.97 -29.75
CA ASP A 304 -7.48 15.17 -29.52
C ASP A 304 -7.10 16.28 -30.50
N PHE A 305 -5.80 16.45 -30.74
CA PHE A 305 -5.29 17.42 -31.71
C PHE A 305 -5.77 17.10 -33.12
N VAL A 306 -5.66 15.84 -33.52
CA VAL A 306 -6.10 15.37 -34.84
C VAL A 306 -7.60 15.62 -35.02
N ASN A 307 -8.38 15.27 -34.00
CA ASN A 307 -9.82 15.55 -33.98
C ASN A 307 -10.10 17.05 -34.07
N ASN A 308 -9.31 17.84 -33.33
CA ASN A 308 -9.43 19.30 -33.33
C ASN A 308 -9.23 19.92 -34.71
N VAL A 309 -8.22 19.43 -35.43
CA VAL A 309 -7.95 19.89 -36.80
C VAL A 309 -9.13 19.54 -37.73
N ILE A 310 -9.63 18.31 -37.61
CA ILE A 310 -10.77 17.82 -38.40
C ILE A 310 -12.04 18.62 -38.14
N VAL A 311 -12.42 18.74 -36.87
CA VAL A 311 -13.65 19.43 -36.47
C VAL A 311 -13.51 20.96 -36.55
N GLY A 312 -12.27 21.45 -36.51
CA GLY A 312 -12.02 22.88 -36.58
C GLY A 312 -12.27 23.57 -35.24
N LYS A 313 -11.58 23.09 -34.21
CA LYS A 313 -11.76 23.57 -32.85
C LYS A 313 -10.42 23.71 -32.14
N GLN A 314 -10.20 24.86 -31.51
CA GLN A 314 -8.98 25.11 -30.75
C GLN A 314 -9.07 24.35 -29.42
N PRO A 315 -7.92 23.82 -28.94
CA PRO A 315 -7.87 23.07 -27.69
C PRO A 315 -8.16 23.94 -26.48
N GLU A 316 -8.53 23.31 -25.35
CA GLU A 316 -8.80 24.04 -24.12
C GLU A 316 -7.58 24.81 -23.64
N VAL A 317 -6.44 24.12 -23.59
CA VAL A 317 -5.18 24.75 -23.17
C VAL A 317 -4.70 25.71 -24.25
N THR A 318 -4.79 27.00 -23.93
CA THR A 318 -4.45 28.09 -24.86
C THR A 318 -2.94 28.38 -24.87
N VAL A 319 -2.54 29.30 -25.73
CA VAL A 319 -1.16 29.80 -25.79
C VAL A 319 -0.85 30.53 -24.49
N ASP A 320 -1.83 31.29 -24.01
CA ASP A 320 -1.74 32.05 -22.76
C ASP A 320 -1.39 31.16 -21.55
N ASP A 321 -1.95 29.95 -21.53
CA ASP A 321 -1.64 28.97 -20.50
C ASP A 321 -0.17 28.55 -20.54
N GLY A 322 0.38 28.44 -21.75
CA GLY A 322 1.78 28.07 -21.95
C GLY A 322 2.75 29.17 -21.56
N ILE A 323 2.36 30.42 -21.88
CA ILE A 323 3.19 31.58 -21.56
C ILE A 323 3.31 31.76 -20.04
N LYS A 324 2.16 31.76 -19.36
CA LYS A 324 2.11 31.88 -17.90
C LYS A 324 2.92 30.80 -17.18
N ALA A 325 2.73 29.55 -17.58
CA ALA A 325 3.46 28.42 -17.01
C ALA A 325 4.97 28.60 -17.17
N LEU A 326 5.38 29.07 -18.34
CA LEU A 326 6.78 29.34 -18.64
C LEU A 326 7.32 30.51 -17.81
N LYS A 327 6.47 31.52 -17.60
CA LYS A 327 6.84 32.70 -16.81
C LYS A 327 7.04 32.36 -15.34
N ILE A 328 6.12 31.56 -14.79
CA ILE A 328 6.19 31.11 -13.39
C ILE A 328 7.42 30.22 -13.18
N ALA A 329 7.70 29.35 -14.15
CA ALA A 329 8.88 28.49 -14.11
C ALA A 329 10.17 29.30 -14.08
N LYS A 330 10.28 30.26 -14.98
CA LYS A 330 11.47 31.12 -15.07
C LYS A 330 11.62 32.01 -13.84
N ALA A 331 10.50 32.29 -13.17
CA ALA A 331 10.51 33.06 -11.92
C ALA A 331 11.09 32.25 -10.77
N CYS A 332 10.86 30.93 -10.79
CA CYS A 332 11.40 30.04 -9.77
C CYS A 332 12.91 29.88 -9.96
N GLN A 333 13.34 29.80 -11.22
CA GLN A 333 14.75 29.69 -11.57
C GLN A 333 15.50 30.97 -11.20
N GLN A 334 14.87 32.12 -11.45
CA GLN A 334 15.43 33.42 -11.12
C GLN A 334 15.59 33.56 -9.61
N SER A 335 14.57 33.14 -8.86
CA SER A 335 14.57 33.19 -7.40
C SER A 335 15.77 32.45 -6.79
N ALA A 336 16.08 31.29 -7.37
CA ALA A 336 17.19 30.46 -6.94
C ALA A 336 18.55 31.08 -7.29
N ASN A 337 18.64 31.65 -8.49
CA ASN A 337 19.88 32.27 -8.96
C ASN A 337 20.22 33.57 -8.25
N ILE A 338 19.20 34.36 -7.92
CA ILE A 338 19.41 35.65 -7.25
C ILE A 338 19.35 35.55 -5.72
N GLY A 339 18.93 34.40 -5.21
CA GLY A 339 18.83 34.17 -3.77
C GLY A 339 17.85 35.10 -3.08
N LYS A 340 16.79 35.45 -3.80
CA LYS A 340 15.76 36.36 -3.30
C LYS A 340 14.38 35.84 -3.67
N LEU A 341 13.38 36.33 -2.95
CA LEU A 341 11.99 36.12 -3.28
C LEU A 341 11.69 36.86 -4.57
N VAL A 342 10.93 36.24 -5.47
CA VAL A 342 10.52 36.90 -6.70
C VAL A 342 9.00 37.06 -6.74
N ASP A 343 8.54 38.30 -6.92
CA ASP A 343 7.12 38.58 -7.11
C ASP A 343 6.75 38.40 -8.57
N ILE A 344 5.73 37.57 -8.82
CA ILE A 344 5.32 37.24 -10.18
C ILE A 344 4.20 38.16 -10.65
N GLN A 345 4.37 38.70 -11.85
CA GLN A 345 3.33 39.48 -12.52
C GLN A 345 2.97 38.83 -13.85
N LEU A 346 1.68 38.52 -14.02
CA LEU A 346 1.18 37.90 -15.24
C LEU A 346 0.11 38.77 -15.90
N THR B 5 1.51 -2.13 48.21
CA THR B 5 0.06 -2.38 48.42
C THR B 5 -0.24 -3.87 48.70
N ARG B 6 -0.35 -4.65 47.64
CA ARG B 6 -0.69 -6.08 47.73
C ARG B 6 0.54 -6.93 47.41
N LYS B 7 0.67 -8.04 48.13
CA LYS B 7 1.76 -9.00 47.90
C LYS B 7 1.74 -9.50 46.45
N PRO B 8 2.89 -9.40 45.74
CA PRO B 8 2.97 -9.87 44.37
C PRO B 8 2.97 -11.40 44.27
N LEU B 9 2.50 -11.92 43.13
CA LEU B 9 2.47 -13.37 42.91
C LEU B 9 3.88 -13.90 42.66
N ARG B 10 4.23 -14.99 43.32
CA ARG B 10 5.51 -15.66 43.13
C ARG B 10 5.36 -16.69 42.01
N ALA B 11 6.23 -16.58 41.00
CA ALA B 11 6.09 -17.39 39.79
C ALA B 11 7.36 -18.14 39.40
N ALA B 12 7.17 -19.20 38.61
CA ALA B 12 8.28 -19.95 38.04
C ALA B 12 8.03 -20.19 36.55
N ILE B 13 9.09 -20.48 35.80
CA ILE B 13 8.98 -20.76 34.37
C ILE B 13 9.71 -22.04 33.97
N ILE B 14 9.06 -22.86 33.16
CA ILE B 14 9.70 -24.01 32.53
C ILE B 14 9.89 -23.69 31.06
N GLY B 15 11.12 -23.80 30.57
CA GLY B 15 11.44 -23.50 29.18
C GLY B 15 11.93 -22.09 28.99
N LEU B 16 13.09 -21.95 28.36
CA LEU B 16 13.70 -20.65 28.11
C LEU B 16 14.24 -20.56 26.68
N GLY B 17 13.53 -21.19 25.75
CA GLY B 17 13.93 -21.21 24.34
C GLY B 17 13.39 -20.05 23.55
N ARG B 18 12.97 -20.34 22.31
CA ARG B 18 12.49 -19.33 21.36
C ARG B 18 11.44 -18.41 21.96
N LEU B 19 10.43 -18.99 22.59
CA LEU B 19 9.37 -18.23 23.25
C LEU B 19 9.63 -18.06 24.74
N GLY B 20 10.14 -19.11 25.37
CA GLY B 20 10.46 -19.10 26.80
C GLY B 20 11.22 -17.87 27.26
N GLU B 21 12.26 -17.52 26.52
CA GLU B 21 13.11 -16.36 26.87
C GLU B 21 12.35 -15.03 26.78
N ARG B 22 11.43 -14.94 25.83
CA ARG B 22 10.60 -13.75 25.68
C ARG B 22 9.63 -13.60 26.85
N HIS B 23 8.94 -14.69 27.21
CA HIS B 23 8.07 -14.74 28.37
C HIS B 23 8.81 -14.36 29.66
N ALA B 24 10.02 -14.87 29.81
CA ALA B 24 10.86 -14.60 30.99
C ALA B 24 11.22 -13.11 31.08
N ARG B 25 11.59 -12.51 29.95
CA ARG B 25 11.90 -11.09 29.89
C ARG B 25 10.69 -10.24 30.30
N HIS B 26 9.53 -10.56 29.72
CA HIS B 26 8.28 -9.85 30.05
C HIS B 26 7.91 -10.02 31.52
N LEU B 27 8.06 -11.24 32.01
CA LEU B 27 7.75 -11.61 33.39
C LEU B 27 8.57 -10.79 34.40
N VAL B 28 9.80 -10.48 34.03
CA VAL B 28 10.71 -9.69 34.87
C VAL B 28 10.52 -8.19 34.65
N ASN B 29 10.44 -7.77 33.38
CA ASN B 29 10.49 -6.35 33.03
C ASN B 29 9.14 -5.65 32.83
N LYS B 30 8.11 -6.40 32.44
CA LYS B 30 6.88 -5.77 31.94
C LYS B 30 5.61 -6.09 32.72
N ILE B 31 5.54 -7.28 33.33
CA ILE B 31 4.31 -7.73 33.99
C ILE B 31 4.21 -7.21 35.42
N GLN B 32 3.06 -6.61 35.73
CA GLN B 32 2.81 -6.06 37.07
C GLN B 32 2.20 -7.09 38.00
N GLY B 33 2.56 -7.01 39.28
CA GLY B 33 2.00 -7.88 40.31
C GLY B 33 2.57 -9.28 40.34
N VAL B 34 3.78 -9.45 39.80
CA VAL B 34 4.41 -10.76 39.73
C VAL B 34 5.92 -10.68 39.97
N LYS B 35 6.46 -11.73 40.59
CA LYS B 35 7.90 -11.89 40.76
C LYS B 35 8.31 -13.28 40.27
N LEU B 36 9.21 -13.32 39.29
CA LEU B 36 9.72 -14.58 38.76
C LEU B 36 10.92 -15.03 39.59
N VAL B 37 10.69 -16.02 40.46
CA VAL B 37 11.69 -16.42 41.44
C VAL B 37 12.48 -17.67 41.06
N ALA B 38 11.95 -18.46 40.13
CA ALA B 38 12.58 -19.71 39.70
C ALA B 38 12.44 -19.98 38.21
N ALA B 39 13.46 -20.61 37.63
CA ALA B 39 13.45 -20.97 36.22
C ALA B 39 13.95 -22.41 36.02
N CYS B 40 13.38 -23.09 35.02
CA CYS B 40 13.77 -24.47 34.71
C CYS B 40 13.98 -24.65 33.20
N ALA B 41 15.09 -25.29 32.86
CA ALA B 41 15.44 -25.64 31.48
C ALA B 41 16.50 -26.73 31.48
N LEU B 42 16.65 -27.42 30.35
CA LEU B 42 17.68 -28.45 30.20
C LEU B 42 18.97 -27.88 29.61
N ASP B 43 18.92 -26.64 29.16
CA ASP B 43 20.09 -25.94 28.64
C ASP B 43 20.73 -25.11 29.76
N SER B 44 22.01 -25.40 30.04
CA SER B 44 22.75 -24.75 31.12
C SER B 44 23.00 -23.26 30.86
N ASN B 45 23.22 -22.91 29.61
CA ASN B 45 23.47 -21.51 29.23
C ASN B 45 22.26 -20.62 29.48
N GLN B 46 21.09 -21.12 29.12
CA GLN B 46 19.81 -20.43 29.34
C GLN B 46 19.54 -20.20 30.82
N LEU B 47 19.91 -21.18 31.66
CA LEU B 47 19.74 -21.08 33.11
C LEU B 47 20.68 -20.07 33.73
N GLU B 48 21.92 -20.03 33.23
CA GLU B 48 22.91 -19.04 33.68
C GLU B 48 22.47 -17.63 33.26
N TRP B 49 21.94 -17.52 32.05
CA TRP B 49 21.39 -16.26 31.54
C TRP B 49 20.18 -15.79 32.35
N ALA B 50 19.33 -16.73 32.74
CA ALA B 50 18.16 -16.44 33.58
C ALA B 50 18.58 -15.94 34.97
N LYS B 51 19.67 -16.48 35.49
CA LYS B 51 20.17 -16.12 36.82
C LYS B 51 20.97 -14.81 36.80
N ASN B 52 21.87 -14.67 35.83
CA ASN B 52 22.82 -13.56 35.82
C ASN B 52 22.30 -12.29 35.12
N GLU B 53 21.62 -12.48 33.98
CA GLU B 53 21.11 -11.35 33.22
C GLU B 53 19.71 -10.90 33.66
N LEU B 54 18.91 -11.84 34.15
CA LEU B 54 17.54 -11.54 34.57
C LEU B 54 17.36 -11.40 36.08
N GLY B 55 18.26 -12.03 36.84
CA GLY B 55 18.24 -11.94 38.30
C GLY B 55 17.28 -12.91 38.98
N VAL B 56 17.03 -14.04 38.33
CA VAL B 56 16.21 -15.11 38.90
C VAL B 56 17.03 -15.84 39.97
N GLU B 57 16.43 -16.02 41.14
CA GLU B 57 17.13 -16.60 42.30
C GLU B 57 17.64 -18.02 42.06
N THR B 58 16.72 -18.95 41.80
CA THR B 58 17.05 -20.38 41.73
C THR B 58 16.79 -20.97 40.34
N THR B 59 17.70 -21.84 39.90
CA THR B 59 17.55 -22.54 38.63
C THR B 59 17.45 -24.06 38.83
N TYR B 60 16.73 -24.72 37.92
CA TYR B 60 16.50 -26.15 38.00
C TYR B 60 16.59 -26.81 36.62
N THR B 61 17.01 -28.07 36.60
CA THR B 61 16.91 -28.90 35.40
C THR B 61 15.73 -29.87 35.51
N ASN B 62 15.29 -30.10 36.75
CA ASN B 62 14.13 -30.94 37.05
C ASN B 62 12.94 -30.08 37.48
N TYR B 63 11.86 -30.13 36.70
CA TYR B 63 10.68 -29.30 36.97
C TYR B 63 9.89 -29.77 38.19
N LYS B 64 9.86 -31.10 38.40
CA LYS B 64 9.20 -31.68 39.56
C LYS B 64 9.88 -31.23 40.85
N ASP B 65 11.22 -31.25 40.84
CA ASP B 65 12.02 -30.75 41.95
C ASP B 65 11.71 -29.29 42.26
N MSE B 66 11.57 -28.48 41.21
CA MSE B 66 11.27 -27.06 41.37
C MSE B 66 9.92 -26.85 42.06
O MSE B 66 9.84 -26.11 43.04
CB MSE B 66 11.30 -26.34 40.02
CG MSE B 66 11.09 -24.83 40.11
SE MSE B 66 11.43 -23.90 38.46
CE MSE B 66 9.84 -24.44 37.48
N ILE B 67 8.88 -27.51 41.55
CA ILE B 67 7.54 -27.39 42.10
C ILE B 67 7.48 -27.88 43.55
N ASP B 68 8.24 -28.95 43.84
CA ASP B 68 8.33 -29.50 45.19
C ASP B 68 9.07 -28.59 46.17
N THR B 69 10.04 -27.83 45.68
CA THR B 69 10.92 -27.02 46.53
C THR B 69 10.48 -25.56 46.66
N GLU B 70 9.98 -24.99 45.56
CA GLU B 70 9.69 -23.55 45.50
C GLU B 70 8.36 -23.12 46.11
N ASN B 71 8.38 -21.96 46.75
CA ASN B 71 7.19 -21.29 47.24
C ASN B 71 6.63 -20.40 46.12
N ILE B 72 5.70 -20.95 45.34
CA ILE B 72 5.14 -20.25 44.19
C ILE B 72 3.62 -20.38 44.10
N ASP B 73 2.99 -19.37 43.52
CA ASP B 73 1.53 -19.33 43.36
C ASP B 73 1.11 -19.74 41.95
N ALA B 74 1.96 -19.41 40.98
CA ALA B 74 1.65 -19.64 39.57
C ALA B 74 2.87 -20.14 38.79
N ILE B 75 2.63 -20.95 37.78
CA ILE B 75 3.72 -21.48 36.94
C ILE B 75 3.45 -21.24 35.45
N PHE B 76 4.53 -20.98 34.71
CA PHE B 76 4.47 -20.79 33.26
C PHE B 76 5.17 -21.96 32.57
N ILE B 77 4.40 -22.72 31.80
CA ILE B 77 4.92 -23.89 31.10
C ILE B 77 5.17 -23.54 29.63
N VAL B 78 6.44 -23.30 29.32
CA VAL B 78 6.89 -22.97 27.97
C VAL B 78 7.93 -23.98 27.52
N ALA B 79 7.71 -25.25 27.87
CA ALA B 79 8.52 -26.37 27.43
C ALA B 79 7.83 -27.01 26.23
N PRO B 80 8.50 -27.95 25.53
CA PRO B 80 7.92 -28.60 24.35
C PRO B 80 6.54 -29.23 24.57
N THR B 81 5.76 -29.32 23.50
CA THR B 81 4.38 -29.80 23.53
C THR B 81 4.11 -31.16 24.23
N PRO B 82 4.93 -32.21 23.96
CA PRO B 82 4.70 -33.50 24.61
C PRO B 82 4.73 -33.48 26.15
N PHE B 83 5.40 -32.48 26.72
CA PHE B 83 5.54 -32.38 28.18
C PHE B 83 4.40 -31.62 28.85
N HIS B 84 3.64 -30.88 28.05
CA HIS B 84 2.54 -30.04 28.54
C HIS B 84 1.54 -30.77 29.47
N PRO B 85 0.96 -31.90 29.02
CA PRO B 85 0.01 -32.59 29.89
C PRO B 85 0.61 -33.02 31.24
N GLU B 86 1.78 -33.65 31.23
CA GLU B 86 2.38 -34.12 32.49
C GLU B 86 2.81 -32.98 33.42
N MSE B 87 3.33 -31.91 32.83
CA MSE B 87 3.78 -30.74 33.61
C MSE B 87 2.59 -30.00 34.22
O MSE B 87 2.67 -29.53 35.35
CB MSE B 87 4.60 -29.80 32.73
CG MSE B 87 6.02 -30.27 32.49
SE MSE B 87 7.04 -29.17 31.26
CE MSE B 87 8.75 -30.08 31.42
N THR B 88 1.49 -29.92 33.45
CA THR B 88 0.27 -29.29 33.92
C THR B 88 -0.39 -30.10 35.04
N ILE B 89 -0.48 -31.42 34.84
CA ILE B 89 -1.08 -32.32 35.83
C ILE B 89 -0.31 -32.22 37.16
N TYR B 90 1.02 -32.23 37.07
CA TYR B 90 1.87 -32.16 38.25
C TYR B 90 1.69 -30.85 39.01
N ALA B 91 1.59 -29.75 38.26
CA ALA B 91 1.40 -28.42 38.86
C ALA B 91 0.00 -28.23 39.44
N MSE B 92 -1.02 -28.76 38.76
CA MSE B 92 -2.40 -28.68 39.24
C MSE B 92 -2.60 -29.47 40.53
O MSE B 92 -3.31 -29.02 41.43
CB MSE B 92 -3.38 -29.17 38.17
CG MSE B 92 -3.44 -28.33 36.90
SE MSE B 92 -4.15 -26.54 37.14
CE MSE B 92 -5.97 -26.97 37.56
N ASN B 93 -1.95 -30.62 40.62
CA ASN B 93 -1.99 -31.46 41.83
C ASN B 93 -1.24 -30.82 43.00
N ALA B 94 -0.25 -29.98 42.68
CA ALA B 94 0.52 -29.26 43.67
C ALA B 94 -0.22 -28.00 44.17
N GLY B 95 -1.32 -27.65 43.53
CA GLY B 95 -2.14 -26.52 43.93
C GLY B 95 -1.82 -25.21 43.21
N LEU B 96 -1.05 -25.31 42.12
CA LEU B 96 -0.56 -24.15 41.39
C LEU B 96 -1.54 -23.63 40.34
N ASN B 97 -1.48 -22.32 40.10
CA ASN B 97 -2.15 -21.72 38.95
C ASN B 97 -1.26 -21.88 37.73
N VAL B 98 -1.84 -22.31 36.62
CA VAL B 98 -1.05 -22.73 35.45
C VAL B 98 -1.31 -21.89 34.21
N PHE B 99 -0.25 -21.36 33.63
CA PHE B 99 -0.26 -20.85 32.28
C PHE B 99 0.52 -21.82 31.42
N CYS B 100 -0.17 -22.49 30.50
CA CYS B 100 0.48 -23.44 29.61
C CYS B 100 0.39 -22.96 28.18
N GLU B 101 1.54 -22.92 27.51
CA GLU B 101 1.58 -22.57 26.10
C GLU B 101 0.85 -23.58 25.23
N LYS B 102 0.41 -23.12 24.06
CA LYS B 102 -0.26 -23.99 23.10
C LYS B 102 0.74 -24.90 22.39
N PRO B 103 0.29 -26.08 21.92
CA PRO B 103 -1.01 -26.70 22.17
C PRO B 103 -1.03 -27.37 23.55
N LEU B 104 -2.18 -27.90 23.94
CA LEU B 104 -2.32 -28.61 25.21
C LEU B 104 -1.43 -29.84 25.26
N GLY B 105 -1.29 -30.52 24.12
CA GLY B 105 -0.49 -31.74 24.01
C GLY B 105 -0.64 -32.38 22.64
N LEU B 106 -0.34 -33.67 22.54
CA LEU B 106 -0.42 -34.39 21.27
C LEU B 106 -1.30 -35.65 21.34
N ASP B 107 -1.11 -36.45 22.37
CA ASP B 107 -1.94 -37.64 22.60
C ASP B 107 -3.29 -37.23 23.16
N PHE B 108 -4.37 -37.75 22.57
CA PHE B 108 -5.74 -37.41 22.99
C PHE B 108 -6.05 -37.85 24.42
N ASN B 109 -5.57 -39.03 24.79
CA ASN B 109 -5.75 -39.55 26.15
C ASN B 109 -4.99 -38.74 27.19
N GLU B 110 -3.75 -38.37 26.86
CA GLU B 110 -2.92 -37.53 27.73
C GLU B 110 -3.52 -36.14 27.92
N VAL B 111 -4.17 -35.62 26.87
CA VAL B 111 -4.85 -34.32 26.94
C VAL B 111 -6.16 -34.44 27.73
N ASP B 112 -6.90 -35.52 27.52
CA ASP B 112 -8.15 -35.77 28.25
C ASP B 112 -7.92 -35.90 29.76
N GLU B 113 -6.86 -36.61 30.15
CA GLU B 113 -6.50 -36.77 31.55
C GLU B 113 -6.08 -35.43 32.15
N MSE B 114 -5.29 -34.67 31.39
CA MSE B 114 -4.91 -33.30 31.72
C MSE B 114 -6.16 -32.44 31.94
O MSE B 114 -6.27 -31.73 32.94
CB MSE B 114 -4.02 -32.73 30.61
CG MSE B 114 -3.64 -31.25 30.70
SE MSE B 114 -2.88 -30.69 28.99
CE MSE B 114 -2.43 -28.88 29.42
N ALA B 115 -7.10 -32.53 30.99
CA ALA B 115 -8.38 -31.81 31.09
C ALA B 115 -9.16 -32.20 32.34
N LYS B 116 -9.11 -33.49 32.68
CA LYS B 116 -9.79 -34.00 33.87
C LYS B 116 -9.19 -33.47 35.18
N VAL B 117 -7.86 -33.38 35.22
CA VAL B 117 -7.15 -32.84 36.38
C VAL B 117 -7.46 -31.34 36.55
N ILE B 118 -7.51 -30.62 35.43
CA ILE B 118 -7.84 -29.19 35.42
C ILE B 118 -9.25 -28.92 35.97
N LYS B 119 -10.21 -29.71 35.51
CA LYS B 119 -11.60 -29.57 35.94
C LYS B 119 -11.81 -29.93 37.42
N SER B 120 -10.99 -30.82 37.95
CA SER B 120 -11.10 -31.23 39.35
C SER B 120 -10.49 -30.20 40.32
N HIS B 121 -9.77 -29.23 39.76
CA HIS B 121 -9.22 -28.12 40.56
C HIS B 121 -9.78 -26.77 40.09
N PRO B 122 -11.06 -26.49 40.38
CA PRO B 122 -11.69 -25.26 39.88
C PRO B 122 -11.21 -23.99 40.57
N ASN B 123 -10.63 -24.14 41.76
CA ASN B 123 -10.06 -23.03 42.52
C ASN B 123 -8.76 -22.50 41.93
N GLN B 124 -8.13 -23.30 41.06
CA GLN B 124 -6.88 -22.92 40.40
C GLN B 124 -7.12 -22.50 38.97
N ILE B 125 -6.44 -21.43 38.57
CA ILE B 125 -6.59 -20.86 37.23
C ILE B 125 -5.76 -21.64 36.21
N PHE B 126 -6.41 -22.08 35.13
CA PHE B 126 -5.70 -22.59 33.97
C PHE B 126 -5.91 -21.70 32.74
N GLN B 127 -4.80 -21.33 32.09
CA GLN B 127 -4.84 -20.48 30.90
C GLN B 127 -3.95 -21.02 29.79
N SER B 128 -4.47 -21.04 28.57
CA SER B 128 -3.74 -21.51 27.39
CA SER B 128 -3.75 -21.50 27.39
C SER B 128 -2.92 -20.37 26.77
N GLY B 129 -2.32 -20.63 25.61
CA GLY B 129 -1.46 -19.63 24.95
C GLY B 129 -1.89 -19.09 23.60
N PHE B 130 -3.19 -18.92 23.38
CA PHE B 130 -3.70 -18.32 22.14
C PHE B 130 -3.63 -16.79 22.19
N MSE B 131 -2.43 -16.24 21.93
CA MSE B 131 -2.16 -14.81 22.09
C MSE B 131 -2.83 -13.91 21.05
O MSE B 131 -3.09 -12.73 21.32
CB MSE B 131 -0.65 -14.53 22.15
CG MSE B 131 0.07 -14.56 20.81
SE MSE B 131 0.08 -16.31 19.97
CE MSE B 131 1.06 -15.85 18.36
N ARG B 132 -3.11 -14.46 19.87
CA ARG B 132 -3.67 -13.67 18.76
C ARG B 132 -5.02 -13.03 19.11
N ARG B 133 -5.68 -13.58 20.12
CA ARG B 133 -6.95 -13.03 20.61
C ARG B 133 -6.74 -11.72 21.36
N TYR B 134 -5.52 -11.49 21.84
CA TYR B 134 -5.18 -10.29 22.60
C TYR B 134 -4.57 -9.20 21.71
N ASP B 135 -4.23 -9.58 20.48
CA ASP B 135 -3.64 -8.65 19.51
C ASP B 135 -4.65 -7.61 19.07
N ASP B 136 -4.20 -6.36 19.00
CA ASP B 136 -5.08 -5.22 18.75
C ASP B 136 -5.78 -5.31 17.40
N SER B 137 -5.05 -5.76 16.37
CA SER B 137 -5.59 -5.86 15.02
C SER B 137 -6.70 -6.90 14.88
N TYR B 138 -6.46 -8.09 15.44
CA TYR B 138 -7.49 -9.14 15.46
C TYR B 138 -8.75 -8.73 16.24
N ARG B 139 -8.54 -8.05 17.38
CA ARG B 139 -9.64 -7.51 18.18
C ARG B 139 -10.45 -6.47 17.40
N TYR B 140 -9.75 -5.60 16.68
CA TYR B 140 -10.37 -4.56 15.87
C TYR B 140 -11.25 -5.15 14.78
N ALA B 141 -10.72 -6.16 14.09
CA ALA B 141 -11.45 -6.89 13.06
C ALA B 141 -12.65 -7.65 13.64
N LYS B 142 -12.46 -8.27 14.80
CA LYS B 142 -13.52 -8.97 15.52
C LYS B 142 -14.65 -8.03 15.90
N LYS B 143 -14.28 -6.80 16.28
CA LYS B 143 -15.26 -5.78 16.66
C LYS B 143 -16.08 -5.33 15.44
N ILE B 144 -15.42 -5.21 14.29
CA ILE B 144 -16.08 -4.90 13.01
C ILE B 144 -17.08 -6.00 12.65
N VAL B 145 -16.64 -7.26 12.75
CA VAL B 145 -17.50 -8.42 12.48
C VAL B 145 -18.70 -8.46 13.44
N ASP B 146 -18.45 -8.23 14.72
CA ASP B 146 -19.50 -8.23 15.74
C ASP B 146 -20.49 -7.08 15.57
N ASN B 147 -20.02 -5.99 14.96
CA ASN B 147 -20.88 -4.84 14.68
C ASN B 147 -21.85 -5.06 13.52
N GLY B 148 -21.53 -6.03 12.66
CA GLY B 148 -22.33 -6.29 11.46
C GLY B 148 -21.86 -5.49 10.25
N ASP B 149 -20.62 -4.98 10.33
CA ASP B 149 -20.10 -4.06 9.31
C ASP B 149 -19.57 -4.77 8.05
N ILE B 150 -19.46 -6.11 8.10
CA ILE B 150 -19.15 -6.89 6.90
C ILE B 150 -20.23 -7.92 6.56
N GLY B 151 -21.39 -7.79 7.21
CA GLY B 151 -22.51 -8.70 7.00
C GLY B 151 -22.28 -10.05 7.65
N LYS B 152 -22.69 -11.12 6.96
CA LYS B 152 -22.44 -12.47 7.43
C LYS B 152 -21.12 -13.00 6.85
N ILE B 153 -20.40 -13.79 7.64
CA ILE B 153 -19.14 -14.38 7.18
C ILE B 153 -19.41 -15.47 6.14
N ILE B 154 -18.72 -15.38 5.00
CA ILE B 154 -18.81 -16.37 3.93
C ILE B 154 -17.60 -17.30 3.98
N TYR B 155 -16.42 -16.69 4.09
CA TYR B 155 -15.18 -17.41 3.91
C TYR B 155 -14.07 -16.79 4.76
N MSE B 156 -13.19 -17.64 5.29
CA MSE B 156 -12.03 -17.16 6.02
C MSE B 156 -10.76 -17.85 5.58
O MSE B 156 -10.75 -19.06 5.31
CB MSE B 156 -12.23 -17.32 7.53
CG MSE B 156 -13.36 -16.46 8.09
SE MSE B 156 -13.55 -16.68 9.99
CE MSE B 156 -11.83 -15.90 10.55
N ARG B 157 -9.68 -17.09 5.49
CA ARG B 157 -8.41 -17.61 5.04
C ARG B 157 -7.33 -17.20 6.04
N GLY B 158 -6.57 -18.19 6.51
CA GLY B 158 -5.51 -17.96 7.49
C GLY B 158 -4.15 -18.44 7.00
N TYR B 159 -3.17 -17.53 7.04
CA TYR B 159 -1.78 -17.85 6.72
C TYR B 159 -0.93 -17.77 7.98
N GLY B 160 -0.01 -18.72 8.13
CA GLY B 160 0.99 -18.70 9.18
C GLY B 160 2.27 -19.30 8.64
N ILE B 161 3.16 -18.45 8.14
CA ILE B 161 4.37 -18.90 7.45
C ILE B 161 5.63 -18.24 8.00
N ASP B 162 6.56 -19.07 8.46
CA ASP B 162 7.86 -18.62 8.96
C ASP B 162 8.78 -18.30 7.78
N PRO B 163 9.82 -17.47 8.01
CA PRO B 163 10.74 -17.19 6.91
C PRO B 163 11.86 -18.22 6.81
N ILE B 164 12.53 -18.25 5.66
CA ILE B 164 13.64 -19.16 5.38
C ILE B 164 14.72 -19.10 6.47
N SER B 165 15.01 -17.90 6.97
CA SER B 165 16.00 -17.69 8.02
C SER B 165 15.70 -18.46 9.31
N GLY B 166 14.45 -18.90 9.46
CA GLY B 166 14.04 -19.64 10.64
C GLY B 166 14.12 -21.16 10.49
N MSE B 167 14.75 -21.63 9.42
CA MSE B 167 14.83 -23.08 9.15
C MSE B 167 15.77 -23.81 10.12
O MSE B 167 15.53 -24.97 10.44
CB MSE B 167 15.21 -23.36 7.70
CG MSE B 167 14.03 -23.31 6.71
SE MSE B 167 12.67 -24.73 6.94
CE MSE B 167 13.83 -26.29 6.64
N GLU B 168 16.82 -23.13 10.56
CA GLU B 168 17.76 -23.71 11.52
C GLU B 168 17.14 -23.97 12.89
N SER B 169 16.50 -22.94 13.46
CA SER B 169 15.94 -23.02 14.80
C SER B 169 14.67 -23.87 14.86
N PHE B 170 13.90 -23.90 13.77
CA PHE B 170 12.75 -24.80 13.70
C PHE B 170 13.19 -26.27 13.67
N THR B 171 14.22 -26.56 12.88
CA THR B 171 14.73 -27.92 12.77
C THR B 171 15.15 -28.45 14.14
N LYS B 172 15.92 -27.65 14.88
CA LYS B 172 16.31 -27.98 16.26
C LYS B 172 15.06 -28.21 17.14
N PHE B 173 14.10 -27.29 17.05
CA PHE B 173 12.82 -27.37 17.76
C PHE B 173 12.03 -28.64 17.45
N ALA B 174 12.06 -29.06 16.18
CA ALA B 174 11.32 -30.24 15.71
C ALA B 174 12.12 -31.55 15.85
N THR B 175 13.45 -31.43 15.84
CA THR B 175 14.33 -32.58 16.01
C THR B 175 14.33 -33.06 17.46
N GLU B 176 14.35 -32.11 18.39
CA GLU B 176 14.49 -32.40 19.82
C GLU B 176 13.20 -32.84 20.51
N ALA B 177 12.06 -32.47 19.93
CA ALA B 177 10.74 -32.88 20.44
C ALA B 177 9.69 -32.79 19.36
N ASP B 178 8.73 -33.71 19.40
CA ASP B 178 7.64 -33.73 18.42
C ASP B 178 6.77 -32.48 18.55
N SER B 179 6.64 -31.75 17.45
CA SER B 179 5.85 -30.52 17.39
C SER B 179 4.38 -30.79 17.08
N GLY B 180 4.11 -31.99 16.57
CA GLY B 180 2.76 -32.39 16.15
C GLY B 180 2.50 -32.19 14.67
N GLY B 181 3.50 -31.63 13.97
CA GLY B 181 3.40 -31.41 12.54
C GLY B 181 2.91 -30.02 12.19
N ILE B 182 2.98 -29.69 10.90
CA ILE B 182 2.68 -28.35 10.39
C ILE B 182 1.30 -27.78 10.79
N PHE B 183 0.24 -28.59 10.72
CA PHE B 183 -1.11 -28.13 11.08
C PHE B 183 -1.26 -27.84 12.58
N VAL B 184 -0.69 -28.71 13.39
CA VAL B 184 -0.74 -28.59 14.85
C VAL B 184 0.16 -27.44 15.33
N ASP B 185 1.30 -27.25 14.67
CA ASP B 185 2.26 -26.24 15.11
C ASP B 185 1.97 -24.85 14.56
N MSE B 186 1.63 -24.76 13.27
CA MSE B 186 1.37 -23.46 12.63
C MSE B 186 -0.10 -23.05 12.59
O MSE B 186 -0.44 -21.92 12.92
CB MSE B 186 1.93 -23.44 11.20
CG MSE B 186 3.43 -23.26 11.09
SE MSE B 186 4.22 -21.83 12.18
CE MSE B 186 2.78 -20.44 12.08
N ASN B 187 -0.97 -23.97 12.17
CA ASN B 187 -2.35 -23.61 11.83
C ASN B 187 -3.31 -23.52 12.99
N ILE B 188 -2.88 -24.00 14.16
CA ILE B 188 -3.76 -24.12 15.33
C ILE B 188 -4.30 -22.75 15.80
N HIS B 189 -3.50 -21.71 15.64
CA HIS B 189 -3.90 -20.34 15.98
C HIS B 189 -5.07 -19.89 15.13
N ASP B 190 -4.94 -20.12 13.82
CA ASP B 190 -5.96 -19.77 12.84
C ASP B 190 -7.23 -20.59 13.05
N ILE B 191 -7.07 -21.84 13.44
CA ILE B 191 -8.22 -22.71 13.75
C ILE B 191 -9.05 -22.12 14.90
N ASP B 192 -8.37 -21.61 15.93
CA ASP B 192 -9.05 -20.97 17.04
C ASP B 192 -9.73 -19.66 16.61
N LEU B 193 -9.04 -18.87 15.79
CA LEU B 193 -9.59 -17.61 15.29
C LEU B 193 -10.88 -17.82 14.50
N ILE B 194 -10.90 -18.83 13.64
CA ILE B 194 -12.09 -19.16 12.84
C ILE B 194 -13.26 -19.57 13.74
N ARG B 195 -12.97 -20.34 14.78
CA ARG B 195 -13.98 -20.72 15.77
C ARG B 195 -14.48 -19.49 16.54
N TRP B 196 -13.55 -18.59 16.86
CA TRP B 196 -13.85 -17.36 17.59
C TRP B 196 -14.72 -16.40 16.76
N PHE B 197 -14.32 -16.18 15.50
CA PHE B 197 -15.02 -15.25 14.61
C PHE B 197 -16.40 -15.72 14.18
N THR B 198 -16.55 -17.02 13.93
CA THR B 198 -17.81 -17.58 13.41
C THR B 198 -18.76 -18.09 14.49
N GLY B 199 -18.18 -18.56 15.60
CA GLY B 199 -18.97 -19.21 16.65
C GLY B 199 -19.40 -20.59 16.22
N GLN B 200 -18.74 -21.11 15.19
CA GLN B 200 -19.08 -22.41 14.60
C GLN B 200 -17.90 -23.37 14.63
N ASP B 201 -18.20 -24.65 14.42
CA ASP B 201 -17.19 -25.70 14.40
C ASP B 201 -17.01 -26.28 13.00
N PRO B 202 -15.76 -26.62 12.63
CA PRO B 202 -15.49 -27.36 11.40
C PRO B 202 -16.00 -28.80 11.49
N VAL B 203 -16.63 -29.26 10.41
CA VAL B 203 -17.24 -30.60 10.38
C VAL B 203 -16.57 -31.51 9.35
N GLN B 204 -15.74 -30.92 8.49
CA GLN B 204 -15.05 -31.68 7.45
C GLN B 204 -13.75 -30.99 7.07
N ALA B 205 -12.71 -31.79 6.86
CA ALA B 205 -11.38 -31.28 6.53
C ALA B 205 -10.79 -31.99 5.32
N TYR B 206 -10.17 -31.20 4.46
CA TYR B 206 -9.34 -31.72 3.38
C TYR B 206 -7.97 -31.11 3.57
N GLY B 207 -6.99 -31.97 3.80
CA GLY B 207 -5.63 -31.51 4.04
C GLY B 207 -4.68 -32.00 2.96
N LEU B 208 -3.78 -31.13 2.55
CA LEU B 208 -2.71 -31.50 1.63
C LEU B 208 -1.41 -30.94 2.18
N THR B 209 -0.34 -31.72 2.04
CA THR B 209 0.98 -31.31 2.51
C THR B 209 2.00 -31.29 1.38
N SER B 210 3.18 -30.74 1.67
CA SER B 210 4.19 -30.49 0.65
C SER B 210 5.59 -30.38 1.27
N ASN B 211 6.57 -30.87 0.53
CA ASN B 211 7.99 -30.72 0.89
C ASN B 211 8.81 -30.23 -0.29
N ILE B 212 8.15 -29.51 -1.20
CA ILE B 212 8.78 -28.99 -2.40
C ILE B 212 9.85 -27.93 -2.06
N ALA B 213 9.54 -27.06 -1.11
CA ALA B 213 10.41 -25.97 -0.69
C ALA B 213 11.55 -26.42 0.20
N ALA B 214 11.32 -27.48 0.98
CA ALA B 214 12.34 -28.04 1.87
C ALA B 214 12.22 -29.56 1.96
N PRO B 215 12.76 -30.28 0.94
CA PRO B 215 12.68 -31.75 0.88
C PRO B 215 13.39 -32.47 2.02
N GLN B 216 14.38 -31.81 2.63
CA GLN B 216 15.15 -32.41 3.73
C GLN B 216 14.33 -32.56 5.02
N LEU B 217 13.18 -31.90 5.07
CA LEU B 217 12.26 -32.01 6.21
C LEU B 217 11.59 -33.38 6.28
N ALA B 218 11.57 -34.09 5.15
CA ALA B 218 11.03 -35.45 5.09
C ALA B 218 11.86 -36.41 5.93
N ASP B 219 13.18 -36.14 6.01
CA ASP B 219 14.12 -36.94 6.82
C ASP B 219 13.74 -37.01 8.29
N ILE B 220 13.13 -35.94 8.80
CA ILE B 220 12.75 -35.85 10.21
C ILE B 220 11.23 -35.94 10.39
N GLY B 221 10.53 -36.41 9.35
CA GLY B 221 9.10 -36.62 9.39
C GLY B 221 8.26 -35.35 9.44
N GLU B 222 8.78 -34.27 8.87
CA GLU B 222 8.08 -32.99 8.82
C GLU B 222 7.70 -32.59 7.39
N PHE B 223 6.63 -31.81 7.28
CA PHE B 223 6.20 -31.25 6.00
C PHE B 223 6.38 -29.73 6.04
N GLU B 224 7.01 -29.19 4.97
CA GLU B 224 7.28 -27.76 4.88
C GLU B 224 6.01 -26.93 4.88
N THR B 225 5.03 -27.36 4.08
CA THR B 225 3.77 -26.65 3.93
C THR B 225 2.58 -27.58 4.20
N GLY B 226 1.56 -27.04 4.85
CA GLY B 226 0.29 -27.72 5.05
C GLY B 226 -0.87 -26.84 4.64
N VAL B 227 -1.62 -27.27 3.63
CA VAL B 227 -2.80 -26.54 3.16
C VAL B 227 -4.07 -27.34 3.47
N ALA B 228 -5.04 -26.69 4.10
CA ALA B 228 -6.29 -27.35 4.47
C ALA B 228 -7.51 -26.51 4.13
N GLN B 229 -8.52 -27.15 3.54
CA GLN B 229 -9.82 -26.51 3.32
C GLN B 229 -10.84 -27.12 4.27
N LEU B 230 -11.56 -26.24 4.99
CA LEU B 230 -12.51 -26.69 5.99
C LEU B 230 -13.95 -26.30 5.68
N LYS B 231 -14.86 -27.19 6.06
CA LYS B 231 -16.30 -26.94 5.98
C LYS B 231 -16.82 -26.77 7.40
N MSE B 232 -17.53 -25.67 7.65
CA MSE B 232 -18.08 -25.38 8.97
C MSE B 232 -19.55 -25.79 9.11
O MSE B 232 -20.27 -25.94 8.13
CB MSE B 232 -17.93 -23.90 9.33
CG MSE B 232 -16.99 -23.62 10.48
SE MSE B 232 -15.12 -23.82 9.98
CE MSE B 232 -15.13 -22.64 8.44
N SER B 233 -19.97 -25.92 10.38
CA SER B 233 -21.32 -26.37 10.73
C SER B 233 -22.44 -25.41 10.27
N ASP B 234 -22.05 -24.20 9.88
CA ASP B 234 -23.00 -23.15 9.49
C ASP B 234 -22.95 -22.78 8.00
N GLY B 235 -22.03 -23.39 7.26
CA GLY B 235 -21.88 -23.12 5.82
C GLY B 235 -20.66 -22.28 5.44
N VAL B 236 -20.02 -21.69 6.45
CA VAL B 236 -18.77 -20.96 6.26
C VAL B 236 -17.68 -21.91 5.77
N ILE B 237 -16.83 -21.43 4.87
CA ILE B 237 -15.73 -22.20 4.29
C ILE B 237 -14.41 -21.55 4.71
N ALA B 238 -13.34 -22.35 4.78
CA ALA B 238 -12.03 -21.83 5.22
C ALA B 238 -10.84 -22.51 4.53
N THR B 239 -9.76 -21.73 4.38
CA THR B 239 -8.46 -22.26 3.98
C THR B 239 -7.43 -21.92 5.05
N LEU B 240 -6.59 -22.91 5.38
CA LEU B 240 -5.50 -22.71 6.31
C LEU B 240 -4.20 -23.09 5.62
N ILE B 241 -3.22 -22.21 5.75
CA ILE B 241 -1.89 -22.48 5.22
C ILE B 241 -0.85 -22.23 6.30
N GLY B 242 -0.08 -23.28 6.60
CA GLY B 242 1.09 -23.19 7.44
C GLY B 242 2.30 -23.46 6.58
N GLY B 243 3.37 -22.72 6.82
CA GLY B 243 4.61 -22.87 6.04
C GLY B 243 5.85 -22.44 6.80
N ARG B 244 7.01 -22.70 6.20
CA ARG B 244 8.28 -22.45 6.88
C ARG B 244 9.37 -21.90 5.96
N HIS B 245 8.98 -21.45 4.76
CA HIS B 245 9.97 -21.11 3.74
C HIS B 245 9.69 -19.80 2.98
N ALA B 246 9.04 -18.84 3.65
CA ALA B 246 8.85 -17.50 3.09
C ALA B 246 10.19 -16.75 2.98
N ALA B 247 10.34 -15.97 1.91
CA ALA B 247 11.55 -15.19 1.68
C ALA B 247 11.50 -13.80 2.32
N HIS B 248 10.30 -13.22 2.41
CA HIS B 248 10.16 -11.83 2.88
C HIS B 248 10.22 -11.66 4.40
N GLY B 249 9.70 -12.65 5.11
CA GLY B 249 9.65 -12.61 6.57
C GLY B 249 8.58 -13.53 7.10
N ASN B 250 8.12 -13.24 8.31
CA ASN B 250 7.03 -13.99 8.93
C ASN B 250 5.71 -13.49 8.41
N GLN B 251 4.99 -14.33 7.66
CA GLN B 251 3.66 -13.98 7.18
C GLN B 251 2.60 -14.54 8.12
N VAL B 252 1.87 -13.65 8.80
CA VAL B 252 0.71 -14.06 9.58
C VAL B 252 -0.48 -13.19 9.15
N GLU B 253 -1.40 -13.83 8.43
CA GLU B 253 -2.46 -13.12 7.74
C GLU B 253 -3.78 -13.83 8.00
N LEU B 254 -4.82 -13.04 8.25
CA LEU B 254 -6.18 -13.57 8.33
C LEU B 254 -7.12 -12.73 7.48
N GLU B 255 -7.79 -13.40 6.56
CA GLU B 255 -8.75 -12.78 5.67
C GLU B 255 -10.14 -13.25 6.05
N VAL B 256 -11.03 -12.29 6.32
CA VAL B 256 -12.42 -12.57 6.65
C VAL B 256 -13.30 -11.99 5.55
N MSE B 257 -13.85 -12.88 4.72
CA MSE B 257 -14.64 -12.49 3.58
C MSE B 257 -16.12 -12.56 3.93
O MSE B 257 -16.66 -13.64 4.14
CB MSE B 257 -14.32 -13.40 2.40
CG MSE B 257 -14.80 -12.91 1.08
SE MSE B 257 -14.66 -14.30 -0.27
CE MSE B 257 -12.70 -14.16 -0.63
N GLY B 258 -16.76 -11.40 4.01
CA GLY B 258 -18.16 -11.29 4.41
C GLY B 258 -19.13 -11.07 3.26
N SER B 259 -20.41 -11.01 3.58
CA SER B 259 -21.45 -10.83 2.57
C SER B 259 -21.59 -9.37 2.16
N ASN B 260 -21.01 -8.47 2.95
CA ASN B 260 -21.10 -7.04 2.70
C ASN B 260 -19.83 -6.33 3.16
N GLY B 261 -18.74 -6.62 2.48
CA GLY B 261 -17.43 -6.08 2.85
C GLY B 261 -16.54 -7.18 3.39
N TRP B 262 -15.23 -6.97 3.31
CA TRP B 262 -14.26 -7.90 3.90
C TRP B 262 -13.34 -7.16 4.87
N VAL B 263 -12.46 -7.92 5.52
CA VAL B 263 -11.29 -7.39 6.21
C VAL B 263 -10.09 -8.32 6.04
N ARG B 264 -8.91 -7.74 5.97
CA ARG B 264 -7.66 -8.51 5.94
C ARG B 264 -6.74 -8.02 7.03
N ILE B 265 -6.29 -8.95 7.86
CA ILE B 265 -5.42 -8.66 8.97
C ILE B 265 -4.02 -9.14 8.62
N GLY B 266 -3.06 -8.23 8.60
CA GLY B 266 -1.67 -8.56 8.33
C GLY B 266 -1.39 -9.00 6.91
N GLU B 267 -2.05 -8.35 5.95
CA GLU B 267 -1.86 -8.61 4.52
C GLU B 267 -0.38 -8.60 4.16
N HIS B 268 0.33 -7.54 4.57
CA HIS B 268 1.78 -7.50 4.53
C HIS B 268 2.29 -7.42 5.95
N PRO B 269 3.33 -8.21 6.28
CA PRO B 269 3.87 -8.23 7.64
C PRO B 269 4.87 -7.09 7.85
N ASP B 270 4.40 -5.86 7.73
CA ASP B 270 5.27 -4.69 7.80
C ASP B 270 6.03 -4.58 9.12
N LEU B 271 7.33 -4.32 9.01
CA LEU B 271 8.21 -4.18 10.17
C LEU B 271 7.91 -2.91 10.96
N ASN B 272 7.71 -1.81 10.24
CA ASN B 272 7.52 -0.49 10.82
C ASN B 272 6.76 0.43 9.87
N ARG B 273 6.90 1.73 10.07
CA ARG B 273 6.16 2.72 9.28
C ARG B 273 7.04 3.35 8.21
N VAL B 274 8.12 2.65 7.86
CA VAL B 274 9.12 3.17 6.93
C VAL B 274 8.98 2.57 5.53
N THR B 275 8.80 3.45 4.55
CA THR B 275 8.78 3.07 3.14
C THR B 275 10.14 3.36 2.53
N VAL B 276 10.76 2.34 1.95
CA VAL B 276 12.07 2.45 1.33
C VAL B 276 11.95 2.48 -0.19
N PHE B 277 12.63 3.45 -0.81
CA PHE B 277 12.70 3.59 -2.26
C PHE B 277 14.13 3.29 -2.70
N ASN B 278 14.32 2.16 -3.38
CA ASN B 278 15.63 1.78 -3.93
C ASN B 278 15.50 1.21 -5.34
N ASP B 279 16.59 0.63 -5.86
CA ASP B 279 16.59 0.07 -7.22
C ASP B 279 15.59 -1.06 -7.45
N GLN B 280 14.97 -1.53 -6.36
CA GLN B 280 13.93 -2.56 -6.43
C GLN B 280 12.55 -1.97 -6.71
N GLY B 281 12.41 -0.68 -6.46
CA GLY B 281 11.13 0.00 -6.51
C GLY B 281 10.74 0.50 -5.13
N VAL B 282 9.48 0.31 -4.77
CA VAL B 282 8.97 0.78 -3.48
C VAL B 282 8.83 -0.40 -2.52
N VAL B 283 9.62 -0.36 -1.45
CA VAL B 283 9.79 -1.50 -0.53
C VAL B 283 9.18 -1.23 0.85
N ARG B 284 8.56 -2.26 1.43
CA ARG B 284 8.22 -2.26 2.85
C ARG B 284 8.88 -3.46 3.51
N PRO B 285 9.97 -3.22 4.28
CA PRO B 285 10.63 -4.28 5.04
C PRO B 285 9.64 -4.99 5.96
N SER B 286 9.88 -6.28 6.21
CA SER B 286 8.92 -7.13 6.92
C SER B 286 9.45 -7.65 8.26
N LEU B 287 8.53 -8.02 9.13
CA LEU B 287 8.87 -8.70 10.39
C LEU B 287 9.46 -10.08 10.12
N GLN B 288 10.47 -10.45 10.88
CA GLN B 288 11.20 -11.71 10.64
C GLN B 288 10.85 -12.83 11.63
N SER B 289 9.97 -12.57 12.59
CA SER B 289 9.57 -13.58 13.58
C SER B 289 8.20 -13.34 14.19
N PHE B 290 7.58 -14.41 14.66
CA PHE B 290 6.29 -14.37 15.36
C PHE B 290 6.38 -13.55 16.65
N GLY B 291 7.56 -13.58 17.28
CA GLY B 291 7.78 -12.90 18.55
C GLY B 291 7.81 -11.40 18.44
N GLU B 292 8.36 -10.89 17.34
CA GLU B 292 8.37 -9.45 17.09
C GLU B 292 7.00 -9.00 16.61
N ARG B 293 6.30 -9.89 15.92
CA ARG B 293 4.94 -9.62 15.46
C ARG B 293 3.96 -9.51 16.62
N PHE B 294 4.02 -10.47 17.54
CA PHE B 294 3.01 -10.57 18.61
C PHE B 294 3.53 -10.26 20.00
N ASP B 295 4.63 -9.53 20.09
CA ASP B 295 5.25 -9.18 21.37
C ASP B 295 4.28 -8.60 22.39
N THR B 296 3.46 -7.64 21.97
CA THR B 296 2.48 -7.00 22.85
C THR B 296 1.38 -7.99 23.26
N ALA B 297 0.95 -8.82 22.31
CA ALA B 297 -0.04 -9.86 22.57
C ALA B 297 0.44 -10.85 23.65
N PHE B 298 1.71 -11.25 23.57
CA PHE B 298 2.32 -12.12 24.58
C PHE B 298 2.36 -11.46 25.95
N THR B 299 2.67 -10.16 25.98
CA THR B 299 2.69 -9.39 27.22
C THR B 299 1.29 -9.26 27.81
N ASP B 300 0.32 -8.86 26.98
CA ASP B 300 -1.05 -8.66 27.42
C ASP B 300 -1.75 -9.92 27.94
N GLU B 301 -1.54 -11.06 27.27
CA GLU B 301 -2.13 -12.33 27.69
C GLU B 301 -1.61 -12.81 29.05
N VAL B 302 -0.31 -12.62 29.28
CA VAL B 302 0.33 -13.03 30.54
C VAL B 302 -0.13 -12.12 31.68
N GLN B 303 -0.25 -10.82 31.41
CA GLN B 303 -0.80 -9.87 32.36
C GLN B 303 -2.25 -10.24 32.70
N ASP B 304 -3.01 -10.61 31.68
CA ASP B 304 -4.39 -11.09 31.85
C ASP B 304 -4.44 -12.29 32.79
N PHE B 305 -3.49 -13.21 32.64
CA PHE B 305 -3.39 -14.41 33.47
C PHE B 305 -3.10 -14.06 34.93
N VAL B 306 -2.14 -13.16 35.13
CA VAL B 306 -1.79 -12.67 36.47
C VAL B 306 -3.00 -12.01 37.12
N ASN B 307 -3.71 -11.20 36.33
CA ASN B 307 -4.96 -10.58 36.77
C ASN B 307 -6.05 -11.60 37.07
N ASN B 308 -6.12 -12.65 36.26
CA ASN B 308 -7.07 -13.74 36.48
C ASN B 308 -6.83 -14.48 37.79
N VAL B 309 -5.56 -14.68 38.15
CA VAL B 309 -5.19 -15.33 39.41
C VAL B 309 -5.58 -14.46 40.61
N ILE B 310 -5.22 -13.18 40.55
CA ILE B 310 -5.53 -12.21 41.61
C ILE B 310 -7.04 -12.08 41.85
N VAL B 311 -7.80 -11.86 40.77
CA VAL B 311 -9.24 -11.69 40.83
C VAL B 311 -9.97 -13.02 41.09
N GLY B 312 -9.36 -14.14 40.67
CA GLY B 312 -9.98 -15.45 40.80
C GLY B 312 -11.01 -15.66 39.71
N LYS B 313 -10.57 -15.59 38.46
CA LYS B 313 -11.45 -15.67 37.30
C LYS B 313 -10.79 -16.50 36.21
N GLN B 314 -11.51 -17.51 35.72
CA GLN B 314 -11.01 -18.34 34.62
C GLN B 314 -11.05 -17.57 33.30
N PRO B 315 -10.07 -17.81 32.40
CA PRO B 315 -10.02 -17.18 31.09
C PRO B 315 -11.23 -17.49 30.22
N GLU B 316 -11.50 -16.63 29.24
CA GLU B 316 -12.60 -16.81 28.29
C GLU B 316 -12.32 -18.02 27.39
N VAL B 317 -11.06 -18.17 26.99
CA VAL B 317 -10.62 -19.34 26.23
C VAL B 317 -10.50 -20.52 27.18
N THR B 318 -11.32 -21.55 26.95
CA THR B 318 -11.40 -22.70 27.85
C THR B 318 -10.46 -23.83 27.43
N VAL B 319 -10.39 -24.86 28.27
CA VAL B 319 -9.65 -26.09 27.97
C VAL B 319 -10.24 -26.74 26.71
N ASP B 320 -11.57 -26.73 26.64
CA ASP B 320 -12.32 -27.27 25.50
C ASP B 320 -11.97 -26.60 24.17
N ASP B 321 -11.70 -25.29 24.21
CA ASP B 321 -11.26 -24.57 23.02
C ASP B 321 -9.88 -25.05 22.55
N GLY B 322 -9.02 -25.39 23.51
CA GLY B 322 -7.71 -25.93 23.23
C GLY B 322 -7.77 -27.34 22.66
N ILE B 323 -8.71 -28.14 23.17
CA ILE B 323 -8.91 -29.51 22.72
C ILE B 323 -9.49 -29.52 21.30
N LYS B 324 -10.55 -28.73 21.10
CA LYS B 324 -11.24 -28.68 19.82
C LYS B 324 -10.32 -28.27 18.69
N ALA B 325 -9.56 -27.19 18.90
CA ALA B 325 -8.55 -26.73 17.94
C ALA B 325 -7.46 -27.77 17.66
N LEU B 326 -7.11 -28.55 18.68
CA LEU B 326 -6.10 -29.61 18.53
C LEU B 326 -6.64 -30.78 17.70
N LYS B 327 -7.89 -31.16 17.94
CA LYS B 327 -8.54 -32.24 17.22
C LYS B 327 -8.75 -31.91 15.75
N ILE B 328 -9.00 -30.63 15.47
CA ILE B 328 -9.18 -30.13 14.10
C ILE B 328 -7.84 -30.16 13.34
N ALA B 329 -6.79 -29.66 13.98
CA ALA B 329 -5.45 -29.66 13.39
C ALA B 329 -4.96 -31.07 13.09
N LYS B 330 -5.30 -32.01 13.98
CA LYS B 330 -4.99 -33.42 13.80
C LYS B 330 -5.76 -34.00 12.62
N ALA B 331 -7.02 -33.58 12.48
CA ALA B 331 -7.88 -34.02 11.38
C ALA B 331 -7.33 -33.61 10.01
N CYS B 332 -6.79 -32.39 9.94
CA CYS B 332 -6.18 -31.88 8.71
C CYS B 332 -4.94 -32.69 8.34
N GLN B 333 -4.14 -33.05 9.35
CA GLN B 333 -2.95 -33.87 9.15
C GLN B 333 -3.31 -35.29 8.75
N GLN B 334 -4.36 -35.82 9.37
CA GLN B 334 -4.88 -37.15 9.04
C GLN B 334 -5.33 -37.21 7.58
N SER B 335 -6.05 -36.17 7.14
CA SER B 335 -6.51 -36.04 5.77
C SER B 335 -5.38 -36.13 4.75
N ALA B 336 -4.26 -35.45 5.05
CA ALA B 336 -3.09 -35.44 4.19
C ALA B 336 -2.38 -36.81 4.16
N ASN B 337 -2.23 -37.40 5.34
CA ASN B 337 -1.61 -38.72 5.50
C ASN B 337 -2.34 -39.83 4.74
N ILE B 338 -3.67 -39.89 4.91
CA ILE B 338 -4.48 -40.96 4.32
C ILE B 338 -4.98 -40.65 2.90
N GLY B 339 -4.92 -39.38 2.52
CA GLY B 339 -5.34 -38.95 1.18
C GLY B 339 -6.84 -39.03 0.99
N LYS B 340 -7.58 -38.74 2.06
CA LYS B 340 -9.03 -38.78 2.05
C LYS B 340 -9.59 -37.57 2.78
N LEU B 341 -10.88 -37.34 2.59
CA LEU B 341 -11.62 -36.32 3.32
C LEU B 341 -11.81 -36.83 4.75
N VAL B 342 -11.73 -35.95 5.74
CA VAL B 342 -11.91 -36.34 7.14
C VAL B 342 -13.06 -35.58 7.79
N ASP B 343 -14.06 -36.33 8.24
CA ASP B 343 -15.18 -35.77 8.99
C ASP B 343 -14.76 -35.57 10.44
N ILE B 344 -14.84 -34.32 10.89
CA ILE B 344 -14.31 -33.96 12.20
C ILE B 344 -15.26 -34.32 13.33
N GLN B 345 -14.72 -35.02 14.33
CA GLN B 345 -15.48 -35.43 15.50
C GLN B 345 -15.01 -34.68 16.73
N LEU B 346 -15.90 -33.91 17.33
CA LEU B 346 -15.58 -33.08 18.50
C LEU B 346 -16.51 -33.39 19.69
N LYS C 7 -3.42 -4.86 -46.68
CA LYS C 7 -4.81 -5.28 -46.98
C LYS C 7 -5.51 -5.78 -45.71
N PRO C 8 -6.63 -5.14 -45.34
CA PRO C 8 -7.34 -5.50 -44.11
C PRO C 8 -8.19 -6.77 -44.25
N LEU C 9 -8.32 -7.50 -43.14
CA LEU C 9 -9.20 -8.67 -43.09
C LEU C 9 -10.64 -8.20 -42.84
N ARG C 10 -11.56 -8.69 -43.67
CA ARG C 10 -12.97 -8.36 -43.51
C ARG C 10 -13.58 -9.22 -42.41
N ALA C 11 -14.19 -8.57 -41.42
CA ALA C 11 -14.66 -9.28 -40.22
C ALA C 11 -16.12 -9.01 -39.87
N ALA C 12 -16.74 -10.00 -39.22
CA ALA C 12 -18.09 -9.88 -38.68
C ALA C 12 -18.09 -10.22 -37.19
N ILE C 13 -19.13 -9.80 -36.47
CA ILE C 13 -19.25 -10.10 -35.05
C ILE C 13 -20.65 -10.57 -34.68
N ILE C 14 -20.73 -11.60 -33.84
CA ILE C 14 -22.00 -12.07 -33.31
C ILE C 14 -22.03 -11.76 -31.83
N GLY C 15 -22.97 -10.91 -31.43
CA GLY C 15 -23.12 -10.52 -30.03
C GLY C 15 -22.63 -9.11 -29.78
N LEU C 16 -23.49 -8.28 -29.20
CA LEU C 16 -23.15 -6.89 -28.85
C LEU C 16 -23.63 -6.54 -27.45
N GLY C 17 -23.57 -7.52 -26.54
CA GLY C 17 -24.00 -7.34 -25.16
C GLY C 17 -22.92 -6.75 -24.27
N ARG C 18 -22.76 -7.33 -23.08
CA ARG C 18 -21.80 -6.83 -22.09
C ARG C 18 -20.38 -6.75 -22.66
N LEU C 19 -19.93 -7.85 -23.26
CA LEU C 19 -18.57 -7.93 -23.80
C LEU C 19 -18.51 -7.65 -25.31
N GLY C 20 -19.54 -8.05 -26.03
CA GLY C 20 -19.62 -7.83 -27.48
C GLY C 20 -19.45 -6.37 -27.84
N GLU C 21 -20.15 -5.52 -27.11
CA GLU C 21 -20.08 -4.07 -27.26
C GLU C 21 -18.64 -3.55 -27.13
N ARG C 22 -17.89 -4.15 -26.20
CA ARG C 22 -16.48 -3.80 -25.98
C ARG C 22 -15.58 -4.29 -27.12
N HIS C 23 -15.77 -5.55 -27.54
CA HIS C 23 -15.02 -6.11 -28.67
C HIS C 23 -15.27 -5.34 -29.96
N ALA C 24 -16.52 -4.95 -30.20
CA ALA C 24 -16.90 -4.17 -31.37
C ALA C 24 -16.18 -2.82 -31.43
N ARG C 25 -16.16 -2.10 -30.32
CA ARG C 25 -15.46 -0.81 -30.22
C ARG C 25 -13.97 -0.92 -30.51
N HIS C 26 -13.31 -1.92 -29.90
CA HIS C 26 -11.88 -2.16 -30.15
C HIS C 26 -11.60 -2.49 -31.61
N LEU C 27 -12.46 -3.30 -32.20
CA LEU C 27 -12.38 -3.67 -33.62
C LEU C 27 -12.40 -2.46 -34.55
N VAL C 28 -13.24 -1.47 -34.23
CA VAL C 28 -13.37 -0.27 -35.05
C VAL C 28 -12.27 0.76 -34.74
N ASN C 29 -12.01 0.98 -33.45
CA ASN C 29 -11.15 2.09 -33.00
C ASN C 29 -9.67 1.76 -32.81
N LYS C 30 -9.37 0.53 -32.39
CA LYS C 30 -8.02 0.22 -31.93
C LYS C 30 -7.27 -0.88 -32.70
N ILE C 31 -7.99 -1.84 -33.28
CA ILE C 31 -7.34 -2.96 -33.96
C ILE C 31 -6.88 -2.60 -35.37
N GLN C 32 -5.63 -2.94 -35.67
CA GLN C 32 -5.04 -2.70 -36.98
C GLN C 32 -5.14 -3.90 -37.90
N GLY C 33 -5.41 -3.64 -39.17
CA GLY C 33 -5.48 -4.68 -40.20
C GLY C 33 -6.80 -5.41 -40.29
N VAL C 34 -7.85 -4.79 -39.74
CA VAL C 34 -9.17 -5.39 -39.75
C VAL C 34 -10.28 -4.35 -39.97
N LYS C 35 -11.27 -4.73 -40.77
CA LYS C 35 -12.46 -3.91 -40.97
C LYS C 35 -13.69 -4.67 -40.49
N LEU C 36 -14.41 -4.08 -39.55
CA LEU C 36 -15.66 -4.65 -39.07
C LEU C 36 -16.78 -4.29 -40.05
N VAL C 37 -17.19 -5.29 -40.83
CA VAL C 37 -18.13 -5.10 -41.94
C VAL C 37 -19.58 -5.37 -41.54
N ALA C 38 -19.80 -6.44 -40.79
CA ALA C 38 -21.15 -6.85 -40.39
C ALA C 38 -21.24 -7.18 -38.91
N ALA C 39 -22.46 -7.07 -38.37
CA ALA C 39 -22.73 -7.38 -36.97
C ALA C 39 -24.09 -8.05 -36.83
N CYS C 40 -24.17 -9.05 -35.96
CA CYS C 40 -25.41 -9.76 -35.71
C CYS C 40 -25.74 -9.83 -34.21
N ALA C 41 -27.00 -9.57 -33.89
CA ALA C 41 -27.52 -9.62 -32.53
C ALA C 41 -29.03 -9.81 -32.54
N LEU C 42 -29.61 -10.15 -31.40
CA LEU C 42 -31.07 -10.29 -31.27
C LEU C 42 -31.74 -9.00 -30.78
N ASP C 43 -30.95 -7.93 -30.66
CA ASP C 43 -31.41 -6.65 -30.14
C ASP C 43 -31.33 -5.58 -31.22
N SER C 44 -32.47 -4.93 -31.49
CA SER C 44 -32.55 -3.85 -32.48
C SER C 44 -31.71 -2.64 -32.08
N ASN C 45 -31.78 -2.27 -30.81
CA ASN C 45 -31.04 -1.13 -30.27
C ASN C 45 -29.53 -1.31 -30.38
N GLN C 46 -29.07 -2.54 -30.16
CA GLN C 46 -27.66 -2.87 -30.30
C GLN C 46 -27.21 -2.81 -31.76
N LEU C 47 -28.00 -3.40 -32.65
CA LEU C 47 -27.73 -3.40 -34.08
C LEU C 47 -27.72 -1.99 -34.68
N GLU C 48 -28.65 -1.15 -34.23
CA GLU C 48 -28.72 0.25 -34.67
C GLU C 48 -27.53 1.06 -34.16
N TRP C 49 -27.07 0.73 -32.96
CA TRP C 49 -25.86 1.34 -32.38
C TRP C 49 -24.61 0.99 -33.18
N ALA C 50 -24.57 -0.23 -33.70
CA ALA C 50 -23.45 -0.71 -34.52
C ALA C 50 -23.38 0.02 -35.86
N LYS C 51 -24.55 0.31 -36.43
CA LYS C 51 -24.64 0.96 -37.74
C LYS C 51 -24.40 2.47 -37.66
N ASN C 52 -24.71 3.07 -36.51
CA ASN C 52 -24.63 4.53 -36.36
C ASN C 52 -23.37 5.03 -35.66
N GLU C 53 -22.97 4.36 -34.58
CA GLU C 53 -21.83 4.80 -33.77
C GLU C 53 -20.49 4.18 -34.21
N LEU C 54 -20.56 3.06 -34.92
CA LEU C 54 -19.36 2.33 -35.33
C LEU C 54 -19.16 2.30 -36.85
N GLY C 55 -20.24 2.57 -37.59
CA GLY C 55 -20.19 2.62 -39.05
C GLY C 55 -20.17 1.27 -39.72
N VAL C 56 -20.86 0.30 -39.12
CA VAL C 56 -20.97 -1.05 -39.66
C VAL C 56 -22.00 -1.06 -40.80
N GLU C 57 -21.59 -1.58 -41.96
CA GLU C 57 -22.43 -1.58 -43.17
C GLU C 57 -23.76 -2.31 -43.00
N THR C 58 -23.69 -3.60 -42.66
CA THR C 58 -24.88 -4.45 -42.60
C THR C 58 -25.11 -5.04 -41.21
N THR C 59 -26.37 -5.05 -40.80
CA THR C 59 -26.78 -5.62 -39.52
C THR C 59 -27.75 -6.78 -39.72
N TYR C 60 -27.59 -7.81 -38.90
CA TYR C 60 -28.39 -9.02 -39.02
C TYR C 60 -29.03 -9.44 -37.69
N THR C 61 -30.08 -10.25 -37.77
CA THR C 61 -30.71 -10.86 -36.60
C THR C 61 -30.54 -12.38 -36.64
N ASN C 62 -30.01 -12.86 -37.77
CA ASN C 62 -29.70 -14.27 -37.96
C ASN C 62 -28.23 -14.39 -38.39
N TYR C 63 -27.44 -15.11 -37.60
CA TYR C 63 -26.01 -15.26 -37.87
C TYR C 63 -25.74 -16.10 -39.11
N LYS C 64 -26.60 -17.09 -39.35
CA LYS C 64 -26.50 -17.95 -40.53
C LYS C 64 -26.64 -17.14 -41.81
N ASP C 65 -27.60 -16.21 -41.82
CA ASP C 65 -27.80 -15.32 -42.96
C ASP C 65 -26.59 -14.41 -43.21
N MSE C 66 -25.98 -13.95 -42.11
CA MSE C 66 -24.80 -13.08 -42.19
C MSE C 66 -23.60 -13.79 -42.78
O MSE C 66 -22.92 -13.24 -43.65
CB MSE C 66 -24.45 -12.53 -40.80
CG MSE C 66 -23.27 -11.55 -40.79
SE MSE C 66 -22.90 -10.76 -39.05
CE MSE C 66 -22.24 -12.33 -38.15
N ILE C 67 -23.33 -15.00 -42.31
CA ILE C 67 -22.22 -15.83 -42.81
C ILE C 67 -22.40 -16.17 -44.29
N ASP C 68 -23.64 -16.49 -44.68
CA ASP C 68 -23.95 -16.91 -46.04
C ASP C 68 -24.06 -15.76 -47.04
N THR C 69 -24.05 -14.52 -46.56
CA THR C 69 -24.18 -13.35 -47.42
C THR C 69 -22.89 -12.53 -47.50
N GLU C 70 -22.29 -12.25 -46.33
CA GLU C 70 -21.16 -11.34 -46.25
C GLU C 70 -19.85 -11.92 -46.77
N ASN C 71 -19.01 -11.03 -47.31
CA ASN C 71 -17.67 -11.40 -47.75
C ASN C 71 -16.69 -11.15 -46.60
N ILE C 72 -16.42 -12.21 -45.84
CA ILE C 72 -15.62 -12.10 -44.62
C ILE C 72 -14.50 -13.15 -44.51
N ASP C 73 -13.43 -12.78 -43.81
CA ASP C 73 -12.30 -13.67 -43.54
C ASP C 73 -12.34 -14.21 -42.12
N ALA C 74 -12.89 -13.42 -41.20
CA ALA C 74 -12.92 -13.75 -39.79
C ALA C 74 -14.26 -13.43 -39.14
N ILE C 75 -14.59 -14.15 -38.08
CA ILE C 75 -15.80 -13.91 -37.31
C ILE C 75 -15.52 -14.00 -35.80
N PHE C 76 -16.15 -13.10 -35.04
CA PHE C 76 -16.00 -13.06 -33.59
C PHE C 76 -17.28 -13.51 -32.90
N ILE C 77 -17.19 -14.61 -32.16
CA ILE C 77 -18.37 -15.18 -31.49
C ILE C 77 -18.44 -14.72 -30.03
N VAL C 78 -19.23 -13.68 -29.80
CA VAL C 78 -19.46 -13.13 -28.46
C VAL C 78 -20.95 -13.28 -28.12
N ALA C 79 -21.53 -14.39 -28.56
CA ALA C 79 -22.92 -14.73 -28.28
C ALA C 79 -22.97 -15.59 -27.00
N PRO C 80 -24.18 -15.83 -26.46
CA PRO C 80 -24.28 -16.69 -25.28
C PRO C 80 -23.66 -18.05 -25.49
N THR C 81 -23.09 -18.62 -24.42
CA THR C 81 -22.36 -19.89 -24.43
C THR C 81 -23.09 -21.07 -25.10
N PRO C 82 -24.41 -21.23 -24.88
CA PRO C 82 -25.13 -22.34 -25.53
C PRO C 82 -25.03 -22.36 -27.06
N PHE C 83 -24.75 -21.20 -27.65
CA PHE C 83 -24.65 -21.08 -29.10
C PHE C 83 -23.22 -21.24 -29.63
N HIS C 84 -22.24 -21.21 -28.72
CA HIS C 84 -20.83 -21.31 -29.07
C HIS C 84 -20.46 -22.52 -29.95
N PRO C 85 -20.85 -23.75 -29.54
CA PRO C 85 -20.54 -24.93 -30.36
C PRO C 85 -21.13 -24.89 -31.78
N GLU C 86 -22.41 -24.57 -31.90
CA GLU C 86 -23.08 -24.58 -33.20
C GLU C 86 -22.69 -23.40 -34.11
N MSE C 87 -22.31 -22.27 -33.51
CA MSE C 87 -21.87 -21.10 -34.27
C MSE C 87 -20.46 -21.27 -34.79
O MSE C 87 -20.12 -20.74 -35.86
CB MSE C 87 -21.95 -19.84 -33.40
CG MSE C 87 -23.34 -19.25 -33.27
SE MSE C 87 -23.35 -17.69 -32.13
CE MSE C 87 -25.25 -17.25 -32.27
N THR C 88 -19.63 -22.00 -34.05
CA THR C 88 -18.26 -22.27 -34.46
C THR C 88 -18.22 -23.27 -35.61
N ILE C 89 -19.01 -24.34 -35.49
CA ILE C 89 -19.11 -25.38 -36.52
C ILE C 89 -19.66 -24.80 -37.83
N TYR C 90 -20.67 -23.94 -37.72
CA TYR C 90 -21.29 -23.30 -38.88
C TYR C 90 -20.30 -22.39 -39.62
N ALA C 91 -19.47 -21.69 -38.85
CA ALA C 91 -18.46 -20.79 -39.39
C ALA C 91 -17.24 -21.53 -39.95
N MSE C 92 -16.76 -22.56 -39.22
CA MSE C 92 -15.63 -23.36 -39.67
C MSE C 92 -15.93 -24.04 -41.00
O MSE C 92 -15.10 -24.04 -41.91
CB MSE C 92 -15.21 -24.40 -38.63
CG MSE C 92 -14.65 -23.85 -37.32
SE MSE C 92 -12.88 -23.02 -37.44
CE MSE C 92 -11.82 -24.55 -37.77
N ASN C 93 -17.13 -24.63 -41.12
CA ASN C 93 -17.58 -25.24 -42.37
C ASN C 93 -17.67 -24.25 -43.52
N ALA C 94 -17.87 -22.97 -43.19
CA ALA C 94 -17.92 -21.90 -44.18
C ALA C 94 -16.52 -21.41 -44.58
N GLY C 95 -15.49 -22.10 -44.13
CA GLY C 95 -14.10 -21.77 -44.46
C GLY C 95 -13.64 -20.47 -43.81
N LEU C 96 -14.08 -20.25 -42.58
CA LEU C 96 -13.90 -18.98 -41.89
C LEU C 96 -12.94 -19.10 -40.70
N ASN C 97 -12.20 -18.04 -40.43
CA ASN C 97 -11.36 -17.96 -39.22
C ASN C 97 -12.20 -17.53 -38.03
N VAL C 98 -12.08 -18.28 -36.93
CA VAL C 98 -12.98 -18.10 -35.80
C VAL C 98 -12.29 -17.67 -34.52
N PHE C 99 -12.73 -16.55 -33.95
CA PHE C 99 -12.40 -16.18 -32.59
C PHE C 99 -13.65 -16.39 -31.74
N CYS C 100 -13.54 -17.26 -30.75
CA CYS C 100 -14.67 -17.60 -29.89
C CYS C 100 -14.37 -17.27 -28.43
N GLU C 101 -15.34 -16.64 -27.77
CA GLU C 101 -15.21 -16.30 -26.35
C GLU C 101 -15.29 -17.52 -25.44
N LYS C 102 -14.80 -17.34 -24.21
CA LYS C 102 -14.86 -18.39 -23.20
C LYS C 102 -16.30 -18.57 -22.67
N PRO C 103 -16.67 -19.82 -22.30
CA PRO C 103 -15.94 -21.05 -22.57
C PRO C 103 -16.34 -21.65 -23.92
N LEU C 104 -15.72 -22.77 -24.30
CA LEU C 104 -16.02 -23.45 -25.56
C LEU C 104 -17.49 -23.88 -25.64
N GLY C 105 -18.02 -24.33 -24.50
CA GLY C 105 -19.42 -24.74 -24.38
C GLY C 105 -19.68 -25.36 -23.02
N LEU C 106 -20.93 -25.73 -22.76
CA LEU C 106 -21.29 -26.32 -21.47
C LEU C 106 -21.53 -27.83 -21.56
N ASP C 107 -21.98 -28.28 -22.72
CA ASP C 107 -22.21 -29.70 -22.97
C ASP C 107 -20.97 -30.33 -23.62
N PHE C 108 -20.48 -31.42 -23.01
CA PHE C 108 -19.25 -32.08 -23.47
C PHE C 108 -19.36 -32.70 -24.85
N ASN C 109 -20.53 -33.25 -25.19
CA ASN C 109 -20.76 -33.83 -26.52
C ASN C 109 -20.71 -32.77 -27.63
N GLU C 110 -21.27 -31.59 -27.34
CA GLU C 110 -21.28 -30.48 -28.28
C GLU C 110 -19.88 -29.91 -28.52
N VAL C 111 -19.08 -29.85 -27.45
CA VAL C 111 -17.70 -29.37 -27.52
C VAL C 111 -16.81 -30.39 -28.22
N ASP C 112 -17.06 -31.68 -27.95
CA ASP C 112 -16.36 -32.78 -28.59
C ASP C 112 -16.52 -32.72 -30.12
N GLU C 113 -17.76 -32.49 -30.57
CA GLU C 113 -18.07 -32.33 -31.98
C GLU C 113 -17.43 -31.06 -32.53
N MSE C 114 -17.49 -29.98 -31.73
CA MSE C 114 -16.88 -28.69 -32.05
C MSE C 114 -15.37 -28.81 -32.26
O MSE C 114 -14.84 -28.27 -33.24
CB MSE C 114 -17.21 -27.70 -30.94
CG MSE C 114 -16.57 -26.33 -31.07
SE MSE C 114 -16.89 -25.30 -29.45
CE MSE C 114 -15.97 -23.68 -29.95
N ALA C 115 -14.69 -29.50 -31.36
CA ALA C 115 -13.26 -29.73 -31.44
C ALA C 115 -12.86 -30.56 -32.67
N LYS C 116 -13.69 -31.54 -33.01
CA LYS C 116 -13.46 -32.38 -34.19
C LYS C 116 -13.55 -31.59 -35.49
N VAL C 117 -14.44 -30.61 -35.52
CA VAL C 117 -14.60 -29.74 -36.69
C VAL C 117 -13.42 -28.78 -36.81
N ILE C 118 -12.98 -28.24 -35.68
CA ILE C 118 -11.83 -27.34 -35.63
C ILE C 118 -10.55 -28.00 -36.16
N LYS C 119 -10.34 -29.27 -35.77
CA LYS C 119 -9.18 -30.04 -36.19
C LYS C 119 -9.20 -30.35 -37.68
N SER C 120 -10.39 -30.50 -38.24
CA SER C 120 -10.56 -30.85 -39.66
C SER C 120 -10.43 -29.64 -40.59
N HIS C 121 -10.32 -28.45 -40.01
CA HIS C 121 -10.03 -27.24 -40.78
C HIS C 121 -8.78 -26.55 -40.24
N PRO C 122 -7.59 -27.11 -40.54
CA PRO C 122 -6.34 -26.61 -39.97
C PRO C 122 -5.79 -25.37 -40.68
N ASN C 123 -6.32 -25.08 -41.87
CA ASN C 123 -5.98 -23.86 -42.60
C ASN C 123 -6.68 -22.63 -42.02
N GLN C 124 -7.71 -22.85 -41.23
CA GLN C 124 -8.43 -21.77 -40.58
C GLN C 124 -7.99 -21.65 -39.13
N ILE C 125 -7.83 -20.40 -38.68
CA ILE C 125 -7.40 -20.11 -37.33
C ILE C 125 -8.58 -20.21 -36.35
N PHE C 126 -8.38 -20.96 -35.26
CA PHE C 126 -9.31 -20.92 -34.15
C PHE C 126 -8.63 -20.41 -32.87
N GLN C 127 -9.16 -19.31 -32.33
CA GLN C 127 -8.65 -18.72 -31.11
C GLN C 127 -9.76 -18.55 -30.08
N SER C 128 -9.47 -18.90 -28.82
CA SER C 128 -10.43 -18.73 -27.73
C SER C 128 -10.17 -17.46 -26.91
N GLY C 129 -10.92 -17.27 -25.84
CA GLY C 129 -10.90 -16.00 -25.09
C GLY C 129 -10.30 -16.01 -23.69
N PHE C 130 -9.08 -16.55 -23.56
CA PHE C 130 -8.35 -16.49 -22.29
C PHE C 130 -7.45 -15.27 -22.26
N MSE C 131 -8.06 -14.10 -22.05
CA MSE C 131 -7.39 -12.80 -22.21
C MSE C 131 -6.34 -12.50 -21.15
O MSE C 131 -5.45 -11.69 -21.38
CB MSE C 131 -8.42 -11.66 -22.30
CG MSE C 131 -8.99 -11.20 -20.96
SE MSE C 131 -10.04 -12.58 -20.09
CE MSE C 131 -10.48 -11.64 -18.47
N ARG C 132 -6.43 -13.15 -20.00
CA ARG C 132 -5.49 -12.91 -18.90
C ARG C 132 -4.04 -13.20 -19.26
N ARG C 133 -3.83 -14.12 -20.22
CA ARG C 133 -2.50 -14.45 -20.72
C ARG C 133 -1.87 -13.32 -21.54
N TYR C 134 -2.68 -12.30 -21.85
CA TYR C 134 -2.23 -11.14 -22.60
C TYR C 134 -2.04 -9.93 -21.68
N ASP C 135 -2.57 -10.03 -20.47
CA ASP C 135 -2.48 -8.98 -19.46
C ASP C 135 -1.02 -8.72 -19.09
N ASP C 136 -0.67 -7.44 -18.98
CA ASP C 136 0.69 -7.00 -18.67
C ASP C 136 1.20 -7.53 -17.32
N SER C 137 0.34 -7.52 -16.30
CA SER C 137 0.72 -7.94 -14.96
C SER C 137 0.94 -9.45 -14.84
N TYR C 138 0.01 -10.22 -15.39
CA TYR C 138 0.13 -11.68 -15.43
C TYR C 138 1.37 -12.12 -16.20
N ARG C 139 1.66 -11.44 -17.30
CA ARG C 139 2.84 -11.74 -18.11
C ARG C 139 4.14 -11.40 -17.38
N TYR C 140 4.14 -10.30 -16.65
CA TYR C 140 5.28 -9.88 -15.83
C TYR C 140 5.55 -10.89 -14.71
N ALA C 141 4.49 -11.38 -14.07
CA ALA C 141 4.59 -12.41 -13.04
C ALA C 141 5.03 -13.75 -13.61
N LYS C 142 4.56 -14.06 -14.82
CA LYS C 142 4.95 -15.28 -15.54
C LYS C 142 6.42 -15.25 -15.90
N LYS C 143 6.92 -14.06 -16.21
CA LYS C 143 8.34 -13.85 -16.51
C LYS C 143 9.21 -14.08 -15.26
N ILE C 144 8.73 -13.60 -14.11
CA ILE C 144 9.42 -13.80 -12.83
C ILE C 144 9.51 -15.28 -12.49
N VAL C 145 8.36 -15.96 -12.56
CA VAL C 145 8.28 -17.40 -12.26
C VAL C 145 9.20 -18.22 -13.17
N ASP C 146 9.18 -17.91 -14.47
CA ASP C 146 9.98 -18.62 -15.46
C ASP C 146 11.48 -18.45 -15.25
N ASN C 147 11.90 -17.25 -14.87
CA ASN C 147 13.32 -16.95 -14.60
C ASN C 147 13.85 -17.65 -13.35
N GLY C 148 12.95 -18.19 -12.54
CA GLY C 148 13.30 -18.87 -11.30
C GLY C 148 13.45 -17.91 -10.15
N ASP C 149 12.80 -16.75 -10.27
CA ASP C 149 12.96 -15.67 -9.29
C ASP C 149 12.07 -15.79 -8.06
N ILE C 150 11.23 -16.83 -8.02
CA ILE C 150 10.51 -17.20 -6.80
C ILE C 150 10.81 -18.65 -6.39
N GLY C 151 11.81 -19.23 -7.04
CA GLY C 151 12.18 -20.64 -6.83
C GLY C 151 11.15 -21.59 -7.43
N LYS C 152 10.85 -22.66 -6.70
CA LYS C 152 9.88 -23.65 -7.13
C LYS C 152 8.48 -23.30 -6.63
N ILE C 153 7.50 -23.38 -7.52
CA ILE C 153 6.09 -23.15 -7.14
C ILE C 153 5.65 -24.21 -6.12
N ILE C 154 5.01 -23.77 -5.05
CA ILE C 154 4.50 -24.68 -4.04
C ILE C 154 2.98 -24.57 -3.91
N TYR C 155 2.45 -23.37 -4.09
CA TYR C 155 1.04 -23.09 -3.90
C TYR C 155 0.61 -21.92 -4.79
N MSE C 156 -0.64 -21.94 -5.23
CA MSE C 156 -1.23 -20.86 -6.03
C MSE C 156 -2.67 -20.62 -5.60
O MSE C 156 -3.39 -21.57 -5.24
CB MSE C 156 -1.19 -21.18 -7.52
CG MSE C 156 0.20 -21.10 -8.15
SE MSE C 156 0.15 -21.44 -10.04
CE MSE C 156 -0.48 -19.73 -10.64
N ARG C 157 -3.11 -19.37 -5.65
CA ARG C 157 -4.45 -19.01 -5.19
C ARG C 157 -5.12 -18.04 -6.16
N GLY C 158 -6.25 -18.46 -6.72
CA GLY C 158 -6.97 -17.64 -7.70
C GLY C 158 -8.29 -17.14 -7.17
N TYR C 159 -8.49 -15.83 -7.25
CA TYR C 159 -9.74 -15.18 -6.86
C TYR C 159 -10.42 -14.54 -8.05
N GLY C 160 -11.73 -14.75 -8.15
CA GLY C 160 -12.57 -14.08 -9.13
C GLY C 160 -13.90 -13.78 -8.46
N ILE C 161 -14.06 -12.54 -7.98
CA ILE C 161 -15.28 -12.14 -7.26
C ILE C 161 -15.90 -10.86 -7.84
N ASP C 162 -17.17 -10.96 -8.23
CA ASP C 162 -17.96 -9.85 -8.78
C ASP C 162 -18.55 -8.99 -7.66
N PRO C 163 -18.73 -7.68 -7.94
CA PRO C 163 -19.35 -6.78 -6.95
C PRO C 163 -20.85 -7.00 -6.79
N ILE C 164 -21.39 -6.61 -5.65
CA ILE C 164 -22.82 -6.75 -5.34
C ILE C 164 -23.68 -6.10 -6.44
N SER C 165 -23.26 -4.94 -6.93
CA SER C 165 -23.92 -4.25 -8.05
C SER C 165 -24.21 -5.16 -9.25
N GLY C 166 -23.36 -6.16 -9.47
CA GLY C 166 -23.53 -7.12 -10.56
C GLY C 166 -24.52 -8.26 -10.31
N MSE C 167 -25.03 -8.34 -9.08
CA MSE C 167 -25.99 -9.39 -8.70
C MSE C 167 -27.30 -9.33 -9.49
O MSE C 167 -27.84 -10.37 -9.86
CB MSE C 167 -26.30 -9.33 -7.20
CG MSE C 167 -25.47 -10.28 -6.34
SE MSE C 167 -25.74 -12.17 -6.78
CE MSE C 167 -27.67 -12.30 -6.55
N GLU C 168 -27.79 -8.13 -9.74
CA GLU C 168 -29.09 -7.93 -10.38
C GLU C 168 -29.13 -8.45 -11.81
N SER C 169 -28.08 -8.14 -12.59
CA SER C 169 -28.00 -8.59 -13.98
C SER C 169 -27.79 -10.09 -14.08
N PHE C 170 -27.05 -10.66 -13.11
CA PHE C 170 -26.78 -12.10 -13.08
C PHE C 170 -28.01 -12.93 -12.69
N THR C 171 -28.79 -12.45 -11.72
CA THR C 171 -29.99 -13.15 -11.26
C THR C 171 -31.00 -13.34 -12.39
N LYS C 172 -31.25 -12.26 -13.15
CA LYS C 172 -32.18 -12.30 -14.28
C LYS C 172 -31.65 -13.18 -15.43
N PHE C 173 -30.33 -13.20 -15.59
CA PHE C 173 -29.69 -14.01 -16.63
C PHE C 173 -29.72 -15.51 -16.30
N ALA C 174 -29.35 -15.86 -15.06
CA ALA C 174 -29.23 -17.25 -14.64
C ALA C 174 -30.58 -17.94 -14.49
N THR C 175 -31.64 -17.13 -14.38
CA THR C 175 -33.02 -17.64 -14.42
C THR C 175 -33.35 -18.07 -15.85
N GLU C 176 -32.78 -17.37 -16.83
CA GLU C 176 -33.04 -17.65 -18.24
C GLU C 176 -32.12 -18.72 -18.81
N ALA C 177 -30.82 -18.61 -18.55
CA ALA C 177 -29.82 -19.48 -19.16
C ALA C 177 -28.83 -20.09 -18.15
N ASP C 178 -28.24 -21.21 -18.54
CA ASP C 178 -27.24 -21.89 -17.74
C ASP C 178 -25.89 -21.18 -17.83
N SER C 179 -25.35 -20.79 -16.68
CA SER C 179 -24.03 -20.15 -16.60
C SER C 179 -22.91 -21.18 -16.50
N GLY C 180 -23.28 -22.43 -16.25
CA GLY C 180 -22.33 -23.51 -16.07
C GLY C 180 -21.89 -23.72 -14.63
N GLY C 181 -22.42 -22.89 -13.73
CA GLY C 181 -22.05 -22.95 -12.32
C GLY C 181 -20.95 -21.96 -11.98
N ILE C 182 -20.78 -21.69 -10.69
CA ILE C 182 -19.85 -20.67 -10.19
C ILE C 182 -18.37 -20.90 -10.55
N PHE C 183 -17.94 -22.17 -10.57
CA PHE C 183 -16.56 -22.51 -10.89
C PHE C 183 -16.25 -22.30 -12.37
N VAL C 184 -17.16 -22.73 -13.23
CA VAL C 184 -17.03 -22.56 -14.68
C VAL C 184 -17.05 -21.08 -15.08
N ASP C 185 -17.97 -20.33 -14.49
CA ASP C 185 -18.18 -18.94 -14.84
C ASP C 185 -17.15 -17.97 -14.27
N MSE C 186 -16.65 -18.25 -13.06
CA MSE C 186 -15.76 -17.30 -12.38
C MSE C 186 -14.28 -17.72 -12.27
O MSE C 186 -13.43 -16.86 -12.05
CB MSE C 186 -16.30 -16.94 -10.98
CG MSE C 186 -17.60 -16.15 -11.00
SE MSE C 186 -17.51 -14.45 -11.97
CE MSE C 186 -16.63 -13.38 -10.67
N ASN C 187 -13.99 -19.01 -12.43
CA ASN C 187 -12.63 -19.52 -12.16
C ASN C 187 -11.92 -20.17 -13.34
N ILE C 188 -12.57 -20.25 -14.49
CA ILE C 188 -11.99 -20.92 -15.66
C ILE C 188 -10.68 -20.27 -16.12
N HIS C 189 -10.61 -18.94 -16.02
CA HIS C 189 -9.39 -18.19 -16.32
C HIS C 189 -8.27 -18.56 -15.35
N ASP C 190 -8.62 -18.65 -14.07
CA ASP C 190 -7.66 -19.00 -13.01
C ASP C 190 -7.08 -20.40 -13.17
N ILE C 191 -7.93 -21.35 -13.57
CA ILE C 191 -7.51 -22.72 -13.85
C ILE C 191 -6.48 -22.75 -14.98
N ASP C 192 -6.79 -22.05 -16.07
CA ASP C 192 -5.88 -21.93 -17.19
C ASP C 192 -4.57 -21.29 -16.77
N LEU C 193 -4.66 -20.22 -15.97
CA LEU C 193 -3.48 -19.55 -15.42
C LEU C 193 -2.60 -20.51 -14.62
N ILE C 194 -3.21 -21.29 -13.73
CA ILE C 194 -2.50 -22.30 -12.95
C ILE C 194 -1.86 -23.35 -13.87
N ARG C 195 -2.62 -23.80 -14.87
CA ARG C 195 -2.08 -24.74 -15.86
C ARG C 195 -0.91 -24.12 -16.63
N TRP C 196 -1.02 -22.83 -16.91
CA TRP C 196 0.00 -22.07 -17.63
C TRP C 196 1.26 -21.85 -16.79
N PHE C 197 1.06 -21.43 -15.54
CA PHE C 197 2.18 -21.16 -14.61
C PHE C 197 2.95 -22.41 -14.18
N THR C 198 2.23 -23.51 -13.92
CA THR C 198 2.83 -24.74 -13.40
C THR C 198 3.27 -25.70 -14.49
N GLY C 199 2.50 -25.77 -15.57
CA GLY C 199 2.68 -26.78 -16.61
C GLY C 199 2.13 -28.14 -16.21
N GLN C 200 1.55 -28.20 -15.01
CA GLN C 200 0.98 -29.43 -14.43
CA GLN C 200 0.98 -29.46 -14.52
C GLN C 200 -0.53 -29.42 -14.58
N ASP C 201 -1.16 -30.56 -14.31
CA ASP C 201 -2.62 -30.70 -14.32
C ASP C 201 -3.11 -31.16 -12.94
N PRO C 202 -4.32 -30.72 -12.53
CA PRO C 202 -4.92 -31.22 -11.29
C PRO C 202 -5.29 -32.70 -11.40
N VAL C 203 -5.04 -33.45 -10.32
CA VAL C 203 -5.41 -34.87 -10.25
C VAL C 203 -6.59 -35.11 -9.29
N GLN C 204 -6.91 -34.10 -8.49
CA GLN C 204 -7.95 -34.21 -7.46
C GLN C 204 -8.52 -32.84 -7.12
N ALA C 205 -9.82 -32.80 -6.82
CA ALA C 205 -10.50 -31.55 -6.48
C ALA C 205 -11.43 -31.72 -5.29
N TYR C 206 -11.43 -30.72 -4.42
CA TYR C 206 -12.38 -30.63 -3.32
C TYR C 206 -13.06 -29.28 -3.41
N GLY C 207 -14.35 -29.31 -3.72
CA GLY C 207 -15.14 -28.10 -3.89
C GLY C 207 -16.21 -27.96 -2.83
N LEU C 208 -16.44 -26.72 -2.41
CA LEU C 208 -17.50 -26.39 -1.49
C LEU C 208 -18.19 -25.14 -1.99
N THR C 209 -19.51 -25.10 -1.85
CA THR C 209 -20.30 -23.98 -2.32
C THR C 209 -21.05 -23.31 -1.16
N SER C 210 -21.52 -22.09 -1.40
CA SER C 210 -22.21 -21.31 -0.38
C SER C 210 -23.26 -20.40 -1.00
N ASN C 211 -24.39 -20.24 -0.30
CA ASN C 211 -25.42 -19.28 -0.66
C ASN C 211 -25.80 -18.39 0.53
N ILE C 212 -24.87 -18.20 1.45
CA ILE C 212 -25.08 -17.35 2.62
C ILE C 212 -25.35 -15.90 2.21
N ALA C 213 -24.56 -15.41 1.26
CA ALA C 213 -24.70 -14.05 0.74
C ALA C 213 -25.91 -13.85 -0.19
N ALA C 214 -26.30 -14.91 -0.91
CA ALA C 214 -27.44 -14.82 -1.82
C ALA C 214 -28.29 -16.09 -1.82
N PRO C 215 -29.16 -16.26 -0.80
CA PRO C 215 -29.99 -17.46 -0.66
C PRO C 215 -31.03 -17.62 -1.78
N GLN C 216 -31.35 -16.52 -2.46
CA GLN C 216 -32.29 -16.54 -3.60
C GLN C 216 -31.74 -17.29 -4.80
N LEU C 217 -30.42 -17.50 -4.85
CA LEU C 217 -29.77 -18.24 -5.93
C LEU C 217 -29.99 -19.76 -5.84
N ALA C 218 -30.30 -20.24 -4.65
CA ALA C 218 -30.61 -21.66 -4.44
C ALA C 218 -31.94 -22.04 -5.10
N ASP C 219 -32.78 -21.04 -5.37
CA ASP C 219 -34.05 -21.23 -6.06
C ASP C 219 -33.86 -21.56 -7.54
N ILE C 220 -32.73 -21.14 -8.11
CA ILE C 220 -32.43 -21.37 -9.52
C ILE C 220 -31.22 -22.28 -9.75
N GLY C 221 -30.86 -23.04 -8.71
CA GLY C 221 -29.75 -23.99 -8.79
C GLY C 221 -28.38 -23.36 -8.93
N GLU C 222 -28.26 -22.09 -8.50
CA GLU C 222 -26.98 -21.39 -8.54
C GLU C 222 -26.35 -21.32 -7.15
N PHE C 223 -25.04 -21.08 -7.11
CA PHE C 223 -24.34 -20.85 -5.86
C PHE C 223 -23.58 -19.54 -5.92
N GLU C 224 -23.79 -18.71 -4.90
CA GLU C 224 -23.16 -17.41 -4.81
C GLU C 224 -21.63 -17.53 -4.73
N THR C 225 -21.14 -18.44 -3.91
CA THR C 225 -19.70 -18.62 -3.74
C THR C 225 -19.28 -20.09 -3.91
N GLY C 226 -18.15 -20.29 -4.58
CA GLY C 226 -17.53 -21.60 -4.70
C GLY C 226 -16.09 -21.53 -4.27
N VAL C 227 -15.67 -22.50 -3.46
CA VAL C 227 -14.28 -22.60 -3.02
C VAL C 227 -13.76 -23.99 -3.32
N ALA C 228 -12.67 -24.07 -4.09
CA ALA C 228 -12.08 -25.35 -4.43
C ALA C 228 -10.62 -25.43 -4.00
N GLN C 229 -10.20 -26.62 -3.56
CA GLN C 229 -8.80 -26.92 -3.35
C GLN C 229 -8.37 -28.01 -4.32
N LEU C 230 -7.22 -27.80 -4.97
CA LEU C 230 -6.75 -28.69 -6.02
C LEU C 230 -5.38 -29.29 -5.69
N LYS C 231 -5.27 -30.60 -5.93
CA LYS C 231 -4.01 -31.31 -5.86
C LYS C 231 -3.48 -31.42 -7.28
N MSE C 232 -2.32 -30.81 -7.53
CA MSE C 232 -1.70 -30.87 -8.85
C MSE C 232 -0.85 -32.14 -8.98
O MSE C 232 -0.45 -32.72 -7.97
CB MSE C 232 -0.84 -29.63 -9.14
CG MSE C 232 -1.56 -28.30 -8.89
SE MSE C 232 -3.11 -28.02 -10.04
CE MSE C 232 -2.19 -27.84 -11.74
N SER C 233 -0.59 -32.55 -10.20
CA SER C 233 0.11 -33.81 -10.50
C SER C 233 1.54 -33.92 -9.96
N ASP C 234 2.22 -32.79 -9.83
CA ASP C 234 3.60 -32.80 -9.33
C ASP C 234 3.79 -32.12 -7.96
N GLY C 235 2.73 -32.14 -7.15
CA GLY C 235 2.84 -31.74 -5.75
C GLY C 235 2.44 -30.32 -5.38
N VAL C 236 2.15 -29.50 -6.39
CA VAL C 236 1.67 -28.14 -6.16
C VAL C 236 0.24 -28.20 -5.62
N ILE C 237 -0.11 -27.24 -4.75
CA ILE C 237 -1.45 -27.15 -4.17
C ILE C 237 -2.07 -25.84 -4.63
N ALA C 238 -3.39 -25.84 -4.88
CA ALA C 238 -4.06 -24.64 -5.37
C ALA C 238 -5.43 -24.43 -4.75
N THR C 239 -5.83 -23.16 -4.66
CA THR C 239 -7.16 -22.78 -4.20
C THR C 239 -7.81 -21.88 -5.24
N LEU C 240 -9.09 -22.12 -5.50
CA LEU C 240 -9.90 -21.27 -6.38
C LEU C 240 -11.09 -20.74 -5.62
N ILE C 241 -11.38 -19.45 -5.79
CA ILE C 241 -12.59 -18.85 -5.22
C ILE C 241 -13.32 -17.98 -6.25
N GLY C 242 -14.58 -18.35 -6.49
CA GLY C 242 -15.47 -17.55 -7.32
C GLY C 242 -16.57 -16.99 -6.45
N GLY C 243 -17.00 -15.76 -6.74
CA GLY C 243 -18.01 -15.10 -5.92
C GLY C 243 -18.74 -13.99 -6.65
N ARG C 244 -19.84 -13.54 -6.06
CA ARG C 244 -20.70 -12.54 -6.68
C ARG C 244 -21.22 -11.49 -5.69
N HIS C 245 -20.50 -11.27 -4.60
CA HIS C 245 -21.00 -10.39 -3.54
C HIS C 245 -19.96 -9.51 -2.84
N ALA C 246 -18.92 -9.12 -3.57
CA ALA C 246 -17.91 -8.21 -3.03
C ALA C 246 -18.46 -6.79 -2.98
N ALA C 247 -18.19 -6.10 -1.87
CA ALA C 247 -18.67 -4.74 -1.67
C ALA C 247 -17.80 -3.68 -2.34
N HIS C 248 -16.49 -3.97 -2.45
CA HIS C 248 -15.52 -2.99 -2.93
C HIS C 248 -15.47 -2.87 -4.46
N GLY C 249 -15.73 -3.98 -5.14
CA GLY C 249 -15.71 -4.00 -6.60
C GLY C 249 -15.40 -5.38 -7.13
N ASN C 250 -14.74 -5.43 -8.29
CA ASN C 250 -14.36 -6.67 -8.93
C ASN C 250 -12.99 -7.10 -8.43
N GLN C 251 -12.94 -8.19 -7.66
CA GLN C 251 -11.68 -8.73 -7.18
C GLN C 251 -11.19 -9.84 -8.10
N VAL C 252 -10.04 -9.60 -8.74
CA VAL C 252 -9.37 -10.59 -9.58
C VAL C 252 -7.90 -10.64 -9.18
N GLU C 253 -7.54 -11.70 -8.47
CA GLU C 253 -6.27 -11.81 -7.79
C GLU C 253 -5.63 -13.18 -8.03
N LEU C 254 -4.30 -13.20 -8.18
CA LEU C 254 -3.54 -14.44 -8.25
C LEU C 254 -2.28 -14.38 -7.40
N GLU C 255 -2.19 -15.28 -6.44
CA GLU C 255 -1.00 -15.43 -5.62
C GLU C 255 -0.22 -16.65 -6.08
N VAL C 256 1.07 -16.45 -6.36
CA VAL C 256 1.96 -17.55 -6.67
C VAL C 256 3.00 -17.62 -5.55
N MSE C 257 2.79 -18.59 -4.65
CA MSE C 257 3.66 -18.79 -3.52
C MSE C 257 4.78 -19.76 -3.91
O MSE C 257 4.53 -20.91 -4.27
CB MSE C 257 2.84 -19.32 -2.34
CG MSE C 257 3.60 -19.52 -1.05
SE MSE C 257 2.45 -20.28 0.30
CE MSE C 257 1.30 -18.79 0.63
N GLY C 258 6.02 -19.28 -3.86
CA GLY C 258 7.17 -20.07 -4.28
C GLY C 258 8.08 -20.45 -3.12
N SER C 259 9.12 -21.22 -3.42
CA SER C 259 10.07 -21.68 -2.41
C SER C 259 11.06 -20.57 -2.02
N ASN C 260 11.21 -19.57 -2.87
CA ASN C 260 12.14 -18.48 -2.61
C ASN C 260 11.58 -17.14 -3.10
N GLY C 261 10.43 -16.78 -2.55
CA GLY C 261 9.73 -15.56 -2.93
C GLY C 261 8.32 -15.84 -3.40
N TRP C 262 7.44 -14.84 -3.29
CA TRP C 262 6.09 -14.93 -3.85
C TRP C 262 5.82 -13.75 -4.77
N VAL C 263 4.76 -13.89 -5.58
CA VAL C 263 4.17 -12.77 -6.29
C VAL C 263 2.65 -12.78 -6.12
N ARG C 264 2.07 -11.60 -5.96
CA ARG C 264 0.62 -11.45 -5.93
C ARG C 264 0.21 -10.50 -7.05
N ILE C 265 -0.71 -10.95 -7.88
CA ILE C 265 -1.23 -10.12 -8.96
C ILE C 265 -2.64 -9.68 -8.61
N GLY C 266 -2.83 -8.35 -8.58
CA GLY C 266 -4.14 -7.77 -8.34
C GLY C 266 -4.62 -7.98 -6.92
N GLU C 267 -3.69 -7.85 -5.98
CA GLU C 267 -3.98 -7.96 -4.55
C GLU C 267 -5.10 -6.99 -4.16
N HIS C 268 -5.00 -5.76 -4.64
CA HIS C 268 -6.11 -4.80 -4.59
C HIS C 268 -6.48 -4.43 -6.02
N PRO C 269 -7.80 -4.35 -6.32
CA PRO C 269 -8.22 -4.06 -7.68
C PRO C 269 -8.29 -2.55 -7.92
N ASP C 270 -7.12 -1.89 -7.87
CA ASP C 270 -7.03 -0.43 -7.90
C ASP C 270 -7.58 0.17 -9.19
N LEU C 271 -8.49 1.13 -9.05
CA LEU C 271 -9.10 1.81 -10.19
C LEU C 271 -8.08 2.62 -10.98
N ASN C 272 -7.25 3.36 -10.26
CA ASN C 272 -6.23 4.19 -10.87
C ASN C 272 -5.08 4.50 -9.90
N ARG C 273 -4.37 5.59 -10.15
CA ARG C 273 -3.21 5.99 -9.35
C ARG C 273 -3.56 7.05 -8.30
N VAL C 274 -4.84 7.18 -7.99
CA VAL C 274 -5.30 8.19 -7.03
C VAL C 274 -5.56 7.57 -5.65
N THR C 275 -4.96 8.20 -4.64
CA THR C 275 -5.18 7.85 -3.25
C THR C 275 -6.08 8.91 -2.61
N VAL C 276 -7.22 8.47 -2.09
CA VAL C 276 -8.20 9.37 -1.46
C VAL C 276 -8.05 9.38 0.06
N PHE C 277 -8.09 10.58 0.65
CA PHE C 277 -8.02 10.76 2.09
C PHE C 277 -9.34 11.36 2.60
N ASN C 278 -10.11 10.58 3.37
CA ASN C 278 -11.37 11.06 3.92
C ASN C 278 -11.61 10.59 5.36
N ASP C 279 -12.84 10.78 5.86
CA ASP C 279 -13.15 10.48 7.27
C ASP C 279 -13.00 8.99 7.64
N GLN C 280 -12.90 8.15 6.62
CA GLN C 280 -12.72 6.72 6.82
C GLN C 280 -11.24 6.29 6.81
N GLY C 281 -10.36 7.23 6.49
CA GLY C 281 -8.92 6.98 6.46
C GLY C 281 -8.33 7.11 5.07
N VAL C 282 -7.36 6.26 4.76
CA VAL C 282 -6.69 6.27 3.46
C VAL C 282 -7.35 5.25 2.55
N VAL C 283 -7.84 5.72 1.40
CA VAL C 283 -8.70 4.93 0.53
C VAL C 283 -8.13 4.81 -0.89
N ARG C 284 -8.15 3.58 -1.43
CA ARG C 284 -7.95 3.35 -2.86
C ARG C 284 -9.25 2.86 -3.49
N PRO C 285 -9.88 3.71 -4.33
CA PRO C 285 -11.04 3.31 -5.13
C PRO C 285 -10.72 2.11 -6.01
N SER C 286 -11.71 1.24 -6.19
CA SER C 286 -11.49 -0.03 -6.91
C SER C 286 -12.23 -0.11 -8.25
N LEU C 287 -11.72 -0.99 -9.10
CA LEU C 287 -12.36 -1.35 -10.37
C LEU C 287 -13.69 -2.05 -10.11
N GLN C 288 -14.66 -1.84 -10.98
CA GLN C 288 -15.99 -2.41 -10.78
C GLN C 288 -16.37 -3.53 -11.74
N SER C 289 -15.59 -3.71 -12.81
CA SER C 289 -15.86 -4.79 -13.77
C SER C 289 -14.59 -5.42 -14.35
N PHE C 290 -14.75 -6.66 -14.82
CA PHE C 290 -13.69 -7.39 -15.52
C PHE C 290 -13.24 -6.66 -16.78
N GLY C 291 -14.16 -5.93 -17.40
CA GLY C 291 -13.90 -5.20 -18.64
C GLY C 291 -12.95 -4.04 -18.47
N GLU C 292 -13.20 -3.22 -17.46
CA GLU C 292 -12.33 -2.09 -17.12
C GLU C 292 -10.96 -2.56 -16.62
N ARG C 293 -10.94 -3.73 -15.97
CA ARG C 293 -9.70 -4.34 -15.50
C ARG C 293 -8.85 -4.89 -16.65
N PHE C 294 -9.50 -5.55 -17.61
CA PHE C 294 -8.79 -6.24 -18.67
C PHE C 294 -8.97 -5.63 -20.07
N ASP C 295 -9.36 -4.36 -20.13
CA ASP C 295 -9.60 -3.67 -21.40
C ASP C 295 -8.46 -3.86 -22.40
N THR C 296 -7.23 -3.58 -21.96
CA THR C 296 -6.04 -3.73 -22.80
C THR C 296 -5.83 -5.18 -23.22
N ALA C 297 -6.05 -6.10 -22.27
CA ALA C 297 -5.93 -7.54 -22.51
C ALA C 297 -6.87 -7.99 -23.64
N PHE C 298 -8.11 -7.51 -23.60
CA PHE C 298 -9.09 -7.79 -24.64
C PHE C 298 -8.65 -7.25 -26.01
N THR C 299 -8.10 -6.03 -26.00
CA THR C 299 -7.59 -5.40 -27.21
C THR C 299 -6.42 -6.20 -27.79
N ASP C 300 -5.41 -6.47 -26.96
CA ASP C 300 -4.19 -7.16 -27.40
C ASP C 300 -4.42 -8.59 -27.90
N GLU C 301 -5.37 -9.29 -27.30
CA GLU C 301 -5.68 -10.65 -27.75
C GLU C 301 -6.39 -10.67 -29.11
N VAL C 302 -7.30 -9.71 -29.31
CA VAL C 302 -8.01 -9.59 -30.57
C VAL C 302 -7.05 -9.15 -31.68
N GLN C 303 -6.13 -8.26 -31.32
CA GLN C 303 -5.04 -7.87 -32.21
C GLN C 303 -4.17 -9.08 -32.57
N ASP C 304 -3.87 -9.92 -31.58
CA ASP C 304 -3.10 -11.14 -31.78
C ASP C 304 -3.82 -12.11 -32.72
N PHE C 305 -5.14 -12.23 -32.55
CA PHE C 305 -5.95 -13.07 -33.44
C PHE C 305 -5.86 -12.62 -34.90
N VAL C 306 -6.04 -11.31 -35.12
CA VAL C 306 -5.92 -10.70 -36.44
C VAL C 306 -4.53 -10.96 -37.04
N ASN C 307 -3.48 -10.78 -36.24
CA ASN C 307 -2.12 -11.11 -36.64
C ASN C 307 -1.97 -12.58 -37.00
N ASN C 308 -2.56 -13.45 -36.18
CA ASN C 308 -2.56 -14.89 -36.41
C ASN C 308 -3.18 -15.28 -37.76
N VAL C 309 -4.27 -14.62 -38.12
CA VAL C 309 -4.94 -14.86 -39.40
C VAL C 309 -4.08 -14.38 -40.59
N ILE C 310 -3.45 -13.23 -40.44
CA ILE C 310 -2.59 -12.66 -41.48
C ILE C 310 -1.38 -13.55 -41.78
N VAL C 311 -0.62 -13.90 -40.75
CA VAL C 311 0.59 -14.70 -40.89
C VAL C 311 0.27 -16.17 -41.16
N GLY C 312 -0.83 -16.65 -40.59
CA GLY C 312 -1.23 -18.06 -40.74
C GLY C 312 -0.64 -18.91 -39.64
N LYS C 313 -0.65 -18.37 -38.42
CA LYS C 313 -0.07 -19.04 -37.26
C LYS C 313 -1.16 -19.29 -36.21
N GLN C 314 -1.30 -20.54 -35.78
CA GLN C 314 -2.27 -20.91 -34.74
C GLN C 314 -1.83 -20.32 -33.39
N PRO C 315 -2.80 -19.88 -32.57
CA PRO C 315 -2.46 -19.34 -31.25
C PRO C 315 -1.86 -20.39 -30.33
N GLU C 316 -1.08 -19.94 -29.34
CA GLU C 316 -0.42 -20.84 -28.40
C GLU C 316 -1.45 -21.62 -27.58
N VAL C 317 -2.49 -20.93 -27.14
CA VAL C 317 -3.58 -21.54 -26.38
C VAL C 317 -4.45 -22.37 -27.32
N THR C 318 -4.47 -23.68 -27.07
CA THR C 318 -5.15 -24.65 -27.94
C THR C 318 -6.60 -24.91 -27.53
N VAL C 319 -7.28 -25.77 -28.28
CA VAL C 319 -8.65 -26.19 -28.00
C VAL C 319 -8.67 -27.11 -26.77
N ASP C 320 -7.63 -27.92 -26.64
CA ASP C 320 -7.45 -28.82 -25.49
C ASP C 320 -7.31 -28.06 -24.18
N ASP C 321 -6.77 -26.84 -24.25
CA ASP C 321 -6.65 -25.96 -23.10
C ASP C 321 -8.02 -25.54 -22.57
N GLY C 322 -8.90 -25.16 -23.49
CA GLY C 322 -10.27 -24.75 -23.15
C GLY C 322 -11.11 -25.91 -22.64
N ILE C 323 -10.89 -27.10 -23.20
CA ILE C 323 -11.59 -28.30 -22.78
C ILE C 323 -11.13 -28.73 -21.38
N LYS C 324 -9.81 -28.81 -21.19
CA LYS C 324 -9.24 -29.21 -19.90
C LYS C 324 -9.69 -28.30 -18.77
N ALA C 325 -9.55 -26.99 -18.98
CA ALA C 325 -9.99 -25.99 -18.01
C ALA C 325 -11.47 -26.17 -17.64
N LEU C 326 -12.29 -26.49 -18.64
CA LEU C 326 -13.72 -26.72 -18.43
C LEU C 326 -13.99 -27.96 -17.59
N LYS C 327 -13.32 -29.06 -17.94
CA LYS C 327 -13.42 -30.33 -17.19
C LYS C 327 -13.07 -30.15 -15.73
N ILE C 328 -11.91 -29.52 -15.48
CA ILE C 328 -11.42 -29.22 -14.14
C ILE C 328 -12.44 -28.41 -13.33
N ALA C 329 -13.00 -27.37 -13.94
CA ALA C 329 -14.02 -26.53 -13.30
C ALA C 329 -15.29 -27.30 -12.96
N LYS C 330 -15.70 -28.18 -13.88
CA LYS C 330 -16.87 -29.04 -13.69
C LYS C 330 -16.64 -30.04 -12.55
N ALA C 331 -15.41 -30.53 -12.44
CA ALA C 331 -15.01 -31.43 -11.36
C ALA C 331 -15.16 -30.76 -10.00
N CYS C 332 -14.77 -29.49 -9.93
CA CYS C 332 -14.93 -28.68 -8.72
C CYS C 332 -16.40 -28.52 -8.36
N GLN C 333 -17.23 -28.24 -9.36
CA GLN C 333 -18.67 -28.12 -9.17
C GLN C 333 -19.26 -29.43 -8.70
N GLN C 334 -18.91 -30.53 -9.38
CA GLN C 334 -19.40 -31.86 -9.05
C GLN C 334 -19.00 -32.27 -7.63
N SER C 335 -17.74 -32.00 -7.27
CA SER C 335 -17.21 -32.28 -5.93
C SER C 335 -18.09 -31.70 -4.83
N ALA C 336 -18.56 -30.46 -5.05
CA ALA C 336 -19.43 -29.77 -4.11
C ALA C 336 -20.84 -30.36 -4.11
N ASN C 337 -21.35 -30.64 -5.30
CA ASN C 337 -22.72 -31.16 -5.47
C ASN C 337 -22.93 -32.54 -4.85
N ILE C 338 -21.88 -33.37 -4.88
CA ILE C 338 -21.98 -34.74 -4.35
C ILE C 338 -21.37 -34.90 -2.96
N GLY C 339 -20.72 -33.85 -2.47
CA GLY C 339 -20.10 -33.84 -1.13
C GLY C 339 -18.97 -34.84 -1.00
N LYS C 340 -18.24 -35.04 -2.09
CA LYS C 340 -17.13 -35.98 -2.14
C LYS C 340 -15.94 -35.39 -2.88
N LEU C 341 -14.77 -35.99 -2.66
CA LEU C 341 -13.57 -35.67 -3.41
C LEU C 341 -13.77 -36.18 -4.83
N VAL C 342 -13.18 -35.49 -5.80
CA VAL C 342 -13.27 -35.90 -7.21
C VAL C 342 -11.87 -36.04 -7.83
N ASP C 343 -11.60 -37.22 -8.38
CA ASP C 343 -10.34 -37.48 -9.08
C ASP C 343 -10.45 -37.08 -10.55
N ILE C 344 -9.40 -36.44 -11.05
CA ILE C 344 -9.39 -35.89 -12.41
C ILE C 344 -8.31 -36.57 -13.25
N GLN C 345 -8.68 -36.97 -14.47
CA GLN C 345 -7.74 -37.58 -15.41
C GLN C 345 -7.62 -36.77 -16.69
N LYS D 7 16.54 0.50 44.61
CA LYS D 7 15.85 1.70 45.16
C LYS D 7 15.27 2.53 44.02
N PRO D 8 13.92 2.52 43.88
CA PRO D 8 13.26 3.28 42.83
C PRO D 8 13.32 4.79 43.07
N LEU D 9 13.34 5.56 41.98
CA LEU D 9 13.33 7.02 42.07
C LEU D 9 11.98 7.52 42.56
N ARG D 10 12.01 8.55 43.41
CA ARG D 10 10.80 9.19 43.86
C ARG D 10 10.52 10.37 42.92
N ALA D 11 9.38 10.33 42.25
CA ALA D 11 9.09 11.30 41.21
C ALA D 11 7.75 11.99 41.39
N ALA D 12 7.67 13.23 40.92
CA ALA D 12 6.43 13.99 40.87
C ALA D 12 6.10 14.38 39.44
N ILE D 13 4.83 14.65 39.18
CA ILE D 13 4.40 15.14 37.88
C ILE D 13 3.57 16.41 38.02
N ILE D 14 3.82 17.38 37.14
CA ILE D 14 3.01 18.59 37.06
C ILE D 14 2.26 18.54 35.74
N GLY D 15 0.93 18.55 35.82
CA GLY D 15 0.07 18.52 34.64
C GLY D 15 -0.45 17.13 34.33
N LEU D 16 -1.77 17.00 34.27
CA LEU D 16 -2.43 15.73 33.98
C LEU D 16 -3.43 15.87 32.82
N GLY D 17 -3.06 16.68 31.82
CA GLY D 17 -3.93 16.97 30.68
C GLY D 17 -3.82 15.92 29.59
N ARG D 18 -3.98 16.36 28.34
CA ARG D 18 -3.94 15.48 27.17
C ARG D 18 -2.76 14.52 27.19
N LEU D 19 -1.56 15.08 27.37
CA LEU D 19 -0.33 14.30 27.45
C LEU D 19 0.00 13.93 28.90
N GLY D 20 -0.35 14.81 29.83
CA GLY D 20 -0.08 14.59 31.25
C GLY D 20 -0.66 13.30 31.81
N GLU D 21 -1.90 13.00 31.44
CA GLU D 21 -2.54 11.75 31.86
C GLU D 21 -1.86 10.52 31.26
N ARG D 22 -1.35 10.65 30.05
CA ARG D 22 -0.64 9.55 29.38
C ARG D 22 0.71 9.29 30.04
N HIS D 23 1.49 10.35 30.27
CA HIS D 23 2.78 10.25 30.95
C HIS D 23 2.65 9.65 32.34
N ALA D 24 1.63 10.10 33.08
CA ALA D 24 1.38 9.62 34.45
C ALA D 24 1.03 8.14 34.46
N ARG D 25 0.25 7.69 33.48
CA ARG D 25 -0.10 6.28 33.32
C ARG D 25 1.14 5.42 33.12
N HIS D 26 1.98 5.81 32.16
CA HIS D 26 3.23 5.10 31.88
C HIS D 26 4.09 5.02 33.14
N LEU D 27 4.21 6.15 33.85
CA LEU D 27 4.98 6.23 35.09
C LEU D 27 4.57 5.19 36.12
N VAL D 28 3.28 4.89 36.17
CA VAL D 28 2.73 3.96 37.15
C VAL D 28 2.72 2.51 36.62
N ASN D 29 2.39 2.34 35.35
CA ASN D 29 2.13 1.02 34.80
C ASN D 29 3.29 0.38 34.02
N LYS D 30 4.17 1.21 33.45
CA LYS D 30 5.17 0.71 32.49
C LYS D 30 6.63 1.00 32.85
N ILE D 31 6.88 2.13 33.50
CA ILE D 31 8.27 2.56 33.78
C ILE D 31 8.87 1.82 34.97
N GLN D 32 10.13 1.41 34.81
CA GLN D 32 10.88 0.72 35.86
C GLN D 32 11.86 1.66 36.56
N GLY D 33 12.03 1.45 37.85
CA GLY D 33 12.99 2.21 38.65
C GLY D 33 12.46 3.54 39.14
N VAL D 34 11.14 3.66 39.17
CA VAL D 34 10.48 4.91 39.56
C VAL D 34 9.14 4.67 40.25
N LYS D 35 8.79 5.58 41.16
CA LYS D 35 7.47 5.60 41.78
C LYS D 35 6.89 7.01 41.72
N LEU D 36 5.70 7.13 41.15
CA LEU D 36 5.00 8.42 41.09
C LEU D 36 4.40 8.74 42.45
N VAL D 37 5.12 9.56 43.21
CA VAL D 37 4.83 9.87 44.60
C VAL D 37 3.80 11.01 44.72
N ALA D 38 3.94 12.02 43.88
CA ALA D 38 3.07 13.20 43.93
C ALA D 38 2.62 13.67 42.54
N ALA D 39 1.50 14.38 42.51
CA ALA D 39 0.96 14.94 41.28
C ALA D 39 0.39 16.33 41.52
N CYS D 40 0.64 17.24 40.58
CA CYS D 40 0.16 18.61 40.66
C CYS D 40 -0.59 19.02 39.40
N ALA D 41 -1.74 19.68 39.60
CA ALA D 41 -2.56 20.21 38.52
C ALA D 41 -3.54 21.25 39.08
N LEU D 42 -4.18 22.01 38.19
CA LEU D 42 -5.18 22.99 38.60
C LEU D 42 -6.60 22.41 38.58
N ASP D 43 -6.71 21.18 38.08
CA ASP D 43 -8.00 20.49 37.97
C ASP D 43 -8.21 19.54 39.14
N SER D 44 -9.30 19.72 39.86
CA SER D 44 -9.66 18.89 41.02
C SER D 44 -9.97 17.45 40.60
N ASN D 45 -10.61 17.29 39.44
CA ASN D 45 -11.03 15.99 38.93
C ASN D 45 -9.85 15.14 38.48
N GLN D 46 -8.88 15.79 37.83
CA GLN D 46 -7.64 15.15 37.38
C GLN D 46 -6.80 14.66 38.56
N LEU D 47 -6.79 15.44 39.64
CA LEU D 47 -6.06 15.08 40.87
C LEU D 47 -6.70 13.90 41.60
N GLU D 48 -8.04 13.87 41.62
CA GLU D 48 -8.78 12.75 42.19
C GLU D 48 -8.60 11.48 41.37
N TRP D 49 -8.54 11.63 40.04
CA TRP D 49 -8.23 10.54 39.13
C TRP D 49 -6.83 9.97 39.40
N ALA D 50 -5.87 10.86 39.64
CA ALA D 50 -4.50 10.47 39.96
C ALA D 50 -4.40 9.73 41.28
N LYS D 51 -5.18 10.18 42.26
CA LYS D 51 -5.16 9.60 43.60
C LYS D 51 -5.89 8.27 43.67
N ASN D 52 -7.04 8.18 42.99
CA ASN D 52 -7.87 6.98 43.04
C ASN D 52 -7.45 5.90 42.04
N GLU D 53 -7.32 6.28 40.77
CA GLU D 53 -7.04 5.32 39.70
C GLU D 53 -5.57 4.92 39.58
N LEU D 54 -4.66 5.83 39.94
CA LEU D 54 -3.22 5.58 39.80
C LEU D 54 -2.50 5.40 41.15
N GLY D 55 -3.22 5.64 42.24
CA GLY D 55 -2.67 5.47 43.58
C GLY D 55 -1.61 6.48 43.97
N VAL D 56 -1.66 7.66 43.37
CA VAL D 56 -0.75 8.76 43.72
C VAL D 56 -1.04 9.21 45.15
N GLU D 57 -0.01 9.16 46.00
CA GLU D 57 -0.14 9.41 47.43
C GLU D 57 -0.65 10.81 47.78
N THR D 58 -0.09 11.84 47.14
CA THR D 58 -0.43 13.23 47.46
C THR D 58 -0.67 14.07 46.21
N THR D 59 -1.67 14.96 46.30
CA THR D 59 -2.01 15.86 45.22
C THR D 59 -1.87 17.33 45.63
N TYR D 60 -1.44 18.17 44.68
CA TYR D 60 -1.20 19.59 44.93
C TYR D 60 -1.81 20.44 43.83
N THR D 61 -2.19 21.66 44.17
CA THR D 61 -2.54 22.68 43.18
C THR D 61 -1.34 23.61 42.98
N ASN D 62 -0.53 23.74 44.03
CA ASN D 62 0.68 24.56 44.02
C ASN D 62 1.91 23.68 43.80
N TYR D 63 2.59 23.89 42.66
CA TYR D 63 3.76 23.08 42.31
C TYR D 63 4.98 23.38 43.19
N LYS D 64 5.13 24.64 43.58
CA LYS D 64 6.23 25.07 44.45
C LYS D 64 6.10 24.45 45.83
N ASP D 65 4.86 24.33 46.32
CA ASP D 65 4.61 23.68 47.60
CA ASP D 65 4.58 23.67 47.60
C ASP D 65 4.89 22.18 47.53
N MSE D 66 4.66 21.58 46.36
CA MSE D 66 4.94 20.16 46.14
C MSE D 66 6.44 19.88 46.18
O MSE D 66 6.88 18.92 46.82
CB MSE D 66 4.35 19.70 44.81
CG MSE D 66 4.62 18.22 44.50
SE MSE D 66 3.74 17.58 42.90
CE MSE D 66 4.71 18.61 41.58
N ILE D 67 7.22 20.72 45.49
CA ILE D 67 8.67 20.57 45.44
C ILE D 67 9.30 20.75 46.83
N ASP D 68 8.72 21.63 47.62
CA ASP D 68 9.25 21.98 48.94
C ASP D 68 8.78 21.08 50.08
N THR D 69 7.75 20.27 49.83
CA THR D 69 7.18 19.38 50.85
C THR D 69 7.57 17.92 50.61
N GLU D 70 7.39 17.47 49.37
CA GLU D 70 7.64 16.07 49.01
C GLU D 70 9.12 15.73 48.99
N ASN D 71 9.43 14.48 49.30
CA ASN D 71 10.78 13.95 49.14
C ASN D 71 10.89 13.29 47.78
N ILE D 72 11.46 14.01 46.82
CA ILE D 72 11.54 13.52 45.44
C ILE D 72 12.92 13.71 44.79
N ASP D 73 13.20 12.87 43.81
CA ASP D 73 14.45 12.92 43.05
C ASP D 73 14.26 13.57 41.69
N ALA D 74 13.12 13.28 41.06
CA ALA D 74 12.84 13.75 39.70
C ALA D 74 11.45 14.38 39.61
N ILE D 75 11.31 15.32 38.67
CA ILE D 75 10.01 15.92 38.40
C ILE D 75 9.72 15.92 36.88
N PHE D 76 8.47 15.64 36.54
CA PHE D 76 8.02 15.66 35.16
C PHE D 76 7.13 16.87 34.94
N ILE D 77 7.58 17.77 34.07
CA ILE D 77 6.85 19.00 33.77
C ILE D 77 6.02 18.86 32.50
N VAL D 78 4.71 18.71 32.67
CA VAL D 78 3.76 18.57 31.56
C VAL D 78 2.64 19.61 31.73
N ALA D 79 3.02 20.78 32.23
CA ALA D 79 2.11 21.93 32.32
C ALA D 79 2.30 22.74 31.03
N PRO D 80 1.40 23.72 30.77
CA PRO D 80 1.52 24.54 29.56
C PRO D 80 2.90 25.20 29.38
N THR D 81 3.29 25.34 28.12
CA THR D 81 4.58 25.92 27.72
C THR D 81 5.04 27.18 28.48
N PRO D 82 4.16 28.18 28.71
CA PRO D 82 4.60 29.39 29.42
C PRO D 82 5.22 29.14 30.80
N PHE D 83 4.79 28.08 31.47
CA PHE D 83 5.23 27.76 32.83
C PHE D 83 6.51 26.93 32.87
N HIS D 84 6.92 26.40 31.72
CA HIS D 84 8.10 25.53 31.62
C HIS D 84 9.38 26.17 32.20
N PRO D 85 9.73 27.40 31.78
CA PRO D 85 10.95 28.01 32.32
C PRO D 85 10.96 28.15 33.85
N GLU D 86 9.93 28.75 34.43
CA GLU D 86 9.89 28.99 35.87
C GLU D 86 9.78 27.73 36.73
N MSE D 87 9.17 26.68 36.18
CA MSE D 87 9.05 25.40 36.87
C MSE D 87 10.36 24.64 36.82
O MSE D 87 10.79 24.07 37.83
CB MSE D 87 7.92 24.55 36.26
CG MSE D 87 6.52 25.04 36.62
SE MSE D 87 5.13 24.07 35.68
CE MSE D 87 3.57 24.82 36.59
N THR D 88 11.00 24.64 35.66
CA THR D 88 12.32 24.05 35.48
C THR D 88 13.34 24.75 36.39
N ILE D 89 13.31 26.08 36.39
CA ILE D 89 14.24 26.87 37.20
C ILE D 89 14.07 26.57 38.70
N TYR D 90 12.81 26.52 39.15
CA TYR D 90 12.51 26.26 40.57
C TYR D 90 12.96 24.88 41.02
N ALA D 91 12.73 23.88 40.17
CA ALA D 91 13.10 22.51 40.47
C ALA D 91 14.63 22.32 40.45
N MSE D 92 15.28 22.88 39.44
CA MSE D 92 16.74 22.81 39.31
C MSE D 92 17.45 23.43 40.52
O MSE D 92 18.40 22.86 41.05
CB MSE D 92 17.22 23.50 38.02
CG MSE D 92 16.72 22.91 36.71
SE MSE D 92 17.59 21.27 36.12
CE MSE D 92 19.40 21.82 36.13
N ASN D 93 16.96 24.59 40.95
CA ASN D 93 17.50 25.28 42.12
C ASN D 93 17.21 24.54 43.44
N ALA D 94 16.30 23.58 43.39
CA ALA D 94 15.97 22.75 44.55
C ALA D 94 16.63 21.36 44.47
N GLY D 95 17.59 21.21 43.56
CA GLY D 95 18.39 19.98 43.46
C GLY D 95 17.81 18.85 42.62
N LEU D 96 16.58 19.04 42.15
CA LEU D 96 15.84 18.01 41.42
C LEU D 96 16.37 17.73 40.00
N ASN D 97 16.10 16.54 39.52
CA ASN D 97 16.31 16.18 38.12
C ASN D 97 15.03 16.47 37.35
N VAL D 98 15.17 17.09 36.19
CA VAL D 98 14.02 17.61 35.46
C VAL D 98 13.80 16.95 34.10
N PHE D 99 12.60 16.41 33.93
CA PHE D 99 12.09 16.10 32.60
C PHE D 99 11.04 17.16 32.24
N CYS D 100 11.31 17.89 31.18
CA CYS D 100 10.44 18.98 30.76
C CYS D 100 9.94 18.78 29.34
N GLU D 101 8.63 18.84 29.15
CA GLU D 101 8.02 18.67 27.84
C GLU D 101 8.34 19.82 26.86
N LYS D 102 8.20 19.53 25.57
CA LYS D 102 8.46 20.49 24.51
C LYS D 102 7.33 21.53 24.42
N PRO D 103 7.65 22.78 24.01
CA PRO D 103 8.99 23.34 23.84
C PRO D 103 9.54 23.86 25.17
N LEU D 104 10.79 24.33 25.16
CA LEU D 104 11.41 24.90 26.36
C LEU D 104 10.61 26.07 26.91
N GLY D 105 10.10 26.90 26.00
CA GLY D 105 9.30 28.07 26.36
C GLY D 105 8.97 28.89 25.13
N LEU D 106 8.40 30.08 25.35
CA LEU D 106 8.06 30.98 24.25
C LEU D 106 8.93 32.24 24.25
N ASP D 107 9.13 32.82 25.43
CA ASP D 107 9.96 34.01 25.59
C ASP D 107 11.44 33.62 25.56
N PHE D 108 12.20 34.23 24.65
CA PHE D 108 13.64 33.93 24.48
C PHE D 108 14.49 34.21 25.71
N ASN D 109 14.16 35.27 26.44
CA ASN D 109 14.87 35.62 27.67
C ASN D 109 14.67 34.58 28.77
N GLU D 110 13.41 34.17 28.96
CA GLU D 110 13.06 33.14 29.94
C GLU D 110 13.73 31.80 29.64
N VAL D 111 13.93 31.50 28.36
CA VAL D 111 14.59 30.27 27.93
C VAL D 111 16.11 30.37 28.11
N ASP D 112 16.66 31.57 27.94
CA ASP D 112 18.08 31.80 28.22
C ASP D 112 18.37 31.71 29.72
N GLU D 113 17.45 32.26 30.52
CA GLU D 113 17.52 32.17 31.99
C GLU D 113 17.42 30.71 32.41
N MSE D 114 16.51 29.99 31.76
CA MSE D 114 16.27 28.57 31.95
C MSE D 114 17.53 27.74 31.67
O MSE D 114 17.91 26.90 32.47
CB MSE D 114 15.13 28.13 31.05
CG MSE D 114 14.66 26.71 31.18
SE MSE D 114 13.24 26.40 29.88
CE MSE D 114 13.01 24.51 30.16
N ALA D 115 18.16 28.00 30.52
CA ALA D 115 19.41 27.33 30.12
C ALA D 115 20.55 27.63 31.09
N LYS D 116 20.60 28.86 31.59
CA LYS D 116 21.62 29.27 32.56
C LYS D 116 21.54 28.47 33.85
N VAL D 117 20.32 28.26 34.34
CA VAL D 117 20.07 27.46 35.55
C VAL D 117 20.44 25.99 35.30
N ILE D 118 20.16 25.50 34.10
CA ILE D 118 20.52 24.13 33.72
C ILE D 118 22.04 23.96 33.66
N LYS D 119 22.72 24.91 33.04
CA LYS D 119 24.17 24.86 32.86
C LYS D 119 24.93 24.94 34.18
N SER D 120 24.34 25.58 35.18
CA SER D 120 24.98 25.77 36.48
C SER D 120 24.70 24.63 37.48
N HIS D 121 23.91 23.66 37.04
CA HIS D 121 23.67 22.44 37.83
C HIS D 121 24.02 21.19 37.01
N PRO D 122 25.32 20.98 36.71
CA PRO D 122 25.74 19.92 35.78
C PRO D 122 25.63 18.52 36.39
N ASN D 123 25.52 18.44 37.72
CA ASN D 123 25.30 17.19 38.42
C ASN D 123 23.82 16.79 38.39
N GLN D 124 22.98 17.68 37.84
CA GLN D 124 21.54 17.42 37.72
C GLN D 124 21.13 17.19 36.27
N ILE D 125 20.29 16.18 36.06
CA ILE D 125 19.82 15.83 34.73
C ILE D 125 18.66 16.72 34.30
N PHE D 126 18.80 17.33 33.13
CA PHE D 126 17.69 17.98 32.45
C PHE D 126 17.43 17.31 31.10
N GLN D 127 16.18 16.94 30.84
CA GLN D 127 15.80 16.26 29.59
C GLN D 127 14.52 16.86 29.02
N SER D 128 14.52 17.10 27.71
CA SER D 128 13.34 17.62 27.02
C SER D 128 12.53 16.49 26.37
N GLY D 129 11.45 16.85 25.68
CA GLY D 129 10.51 15.87 25.14
C GLY D 129 10.46 15.71 23.63
N PHE D 130 11.63 15.57 23.00
CA PHE D 130 11.67 15.20 21.59
C PHE D 130 11.59 13.68 21.43
N MSE D 131 10.37 13.16 21.55
CA MSE D 131 10.12 11.72 21.63
C MSE D 131 10.28 10.97 20.31
O MSE D 131 10.46 9.74 20.32
CB MSE D 131 8.73 11.44 22.23
CG MSE D 131 7.56 11.59 21.26
SE MSE D 131 7.24 13.42 20.69
CE MSE D 131 5.72 13.12 19.53
N ARG D 132 10.23 11.68 19.19
CA ARG D 132 10.32 11.05 17.86
C ARG D 132 11.68 10.42 17.60
N ARG D 133 12.71 10.95 18.27
CA ARG D 133 14.05 10.37 18.22
C ARG D 133 14.09 8.97 18.86
N TYR D 134 13.06 8.65 19.65
CA TYR D 134 12.96 7.35 20.32
C TYR D 134 12.04 6.39 19.56
N ASP D 135 11.28 6.93 18.61
CA ASP D 135 10.35 6.13 17.82
C ASP D 135 11.11 5.11 16.96
N ASP D 136 10.63 3.87 17.01
CA ASP D 136 11.23 2.75 16.29
C ASP D 136 11.42 3.02 14.79
N SER D 137 10.39 3.60 14.15
CA SER D 137 10.43 3.90 12.72
C SER D 137 11.48 4.96 12.35
N TYR D 138 11.49 6.08 13.09
CA TYR D 138 12.48 7.14 12.86
C TYR D 138 13.93 6.67 13.07
N ARG D 139 14.14 5.86 14.10
CA ARG D 139 15.45 5.29 14.39
C ARG D 139 15.91 4.38 13.25
N TYR D 140 14.99 3.58 12.72
CA TYR D 140 15.24 2.68 11.61
C TYR D 140 15.70 3.44 10.36
N ALA D 141 15.00 4.52 10.05
CA ALA D 141 15.37 5.41 8.93
C ALA D 141 16.70 6.11 9.19
N LYS D 142 16.94 6.51 10.44
CA LYS D 142 18.18 7.17 10.83
C LYS D 142 19.38 6.22 10.70
N LYS D 143 19.15 4.95 10.99
CA LYS D 143 20.17 3.91 10.82
C LYS D 143 20.45 3.69 9.34
N ILE D 144 19.41 3.74 8.51
CA ILE D 144 19.55 3.63 7.05
C ILE D 144 20.42 4.77 6.48
N VAL D 145 20.10 6.01 6.83
CA VAL D 145 20.86 7.18 6.39
C VAL D 145 22.32 7.11 6.86
N ASP D 146 22.53 6.74 8.13
CA ASP D 146 23.89 6.64 8.69
C ASP D 146 24.75 5.58 8.00
N ASN D 147 24.13 4.48 7.57
CA ASN D 147 24.84 3.40 6.87
C ASN D 147 25.18 3.77 5.42
N GLY D 148 24.64 4.89 4.95
CA GLY D 148 24.86 5.37 3.59
C GLY D 148 23.95 4.75 2.55
N ASP D 149 22.82 4.20 3.01
CA ASP D 149 21.92 3.45 2.13
C ASP D 149 21.11 4.31 1.16
N ILE D 150 21.01 5.61 1.45
CA ILE D 150 20.34 6.53 0.54
C ILE D 150 21.28 7.57 -0.07
N GLY D 151 22.59 7.32 0.05
CA GLY D 151 23.61 8.26 -0.37
C GLY D 151 23.59 9.51 0.49
N LYS D 152 23.77 10.67 -0.14
CA LYS D 152 23.69 11.95 0.55
C LYS D 152 22.26 12.48 0.54
N ILE D 153 21.84 13.11 1.64
CA ILE D 153 20.53 13.73 1.72
C ILE D 153 20.51 14.98 0.83
N ILE D 154 19.45 15.11 0.02
CA ILE D 154 19.28 16.30 -0.80
C ILE D 154 18.12 17.17 -0.31
N TYR D 155 17.05 16.51 0.13
CA TYR D 155 15.83 17.20 0.52
C TYR D 155 15.08 16.42 1.58
N MSE D 156 14.47 17.15 2.50
CA MSE D 156 13.62 16.56 3.52
C MSE D 156 12.29 17.28 3.64
O MSE D 156 12.22 18.50 3.49
CB MSE D 156 14.34 16.57 4.88
CG MSE D 156 15.46 15.56 4.97
SE MSE D 156 16.35 15.57 6.67
CE MSE D 156 14.88 14.83 7.75
N ARG D 157 11.24 16.52 3.90
CA ARG D 157 9.90 17.07 4.00
C ARG D 157 9.20 16.57 5.28
N GLY D 158 8.69 17.50 6.06
CA GLY D 158 8.08 17.17 7.34
C GLY D 158 6.62 17.59 7.42
N TYR D 159 5.77 16.65 7.79
CA TYR D 159 4.33 16.90 7.94
C TYR D 159 3.89 16.70 9.39
N GLY D 160 3.06 17.62 9.87
CA GLY D 160 2.46 17.52 11.20
C GLY D 160 1.07 18.12 11.15
N ILE D 161 0.07 17.27 10.89
CA ILE D 161 -1.29 17.74 10.66
C ILE D 161 -2.32 17.00 11.52
N ASP D 162 -3.08 17.77 12.28
CA ASP D 162 -4.11 17.26 13.18
C ASP D 162 -5.44 17.06 12.45
N PRO D 163 -6.25 16.08 12.91
CA PRO D 163 -7.57 15.86 12.32
C PRO D 163 -8.54 16.99 12.64
N ILE D 164 -9.55 17.16 11.78
CA ILE D 164 -10.61 18.16 11.98
C ILE D 164 -11.22 18.11 13.39
N SER D 165 -11.36 16.89 13.93
CA SER D 165 -11.97 16.68 15.25
C SER D 165 -11.32 17.50 16.38
N GLY D 166 -10.04 17.84 16.23
CA GLY D 166 -9.30 18.61 17.22
C GLY D 166 -9.54 20.12 17.17
N MSE D 167 -10.24 20.59 16.14
CA MSE D 167 -10.47 22.03 15.93
C MSE D 167 -11.17 22.73 17.09
O MSE D 167 -10.71 23.77 17.56
CB MSE D 167 -11.24 22.29 14.62
CG MSE D 167 -10.35 22.40 13.38
SE MSE D 167 -8.97 23.79 13.53
CE MSE D 167 -10.11 25.33 13.91
N GLU D 168 -12.28 22.15 17.54
CA GLU D 168 -13.06 22.74 18.63
C GLU D 168 -12.29 22.72 19.96
N SER D 169 -11.46 21.69 20.13
CA SER D 169 -10.55 21.58 21.26
C SER D 169 -9.47 22.66 21.22
N PHE D 170 -8.83 22.82 20.05
CA PHE D 170 -7.75 23.78 19.89
C PHE D 170 -8.20 25.24 20.00
N THR D 171 -9.37 25.54 19.43
CA THR D 171 -9.91 26.90 19.42
C THR D 171 -10.04 27.47 20.84
N LYS D 172 -10.60 26.66 21.75
CA LYS D 172 -10.77 27.08 23.15
C LYS D 172 -9.43 27.36 23.84
N PHE D 173 -8.44 26.53 23.56
CA PHE D 173 -7.10 26.69 24.12
C PHE D 173 -6.38 27.94 23.59
N ALA D 174 -6.42 28.13 22.27
CA ALA D 174 -5.71 29.22 21.60
C ALA D 174 -6.33 30.60 21.87
N THR D 175 -7.57 30.62 22.36
CA THR D 175 -8.25 31.86 22.72
C THR D 175 -7.71 32.39 24.07
N GLU D 176 -7.51 31.48 25.02
CA GLU D 176 -7.07 31.85 26.36
C GLU D 176 -5.54 31.88 26.50
N ALA D 177 -4.86 30.99 25.80
CA ALA D 177 -3.40 30.85 25.93
C ALA D 177 -2.65 31.06 24.61
N ASP D 178 -1.34 31.32 24.72
CA ASP D 178 -0.47 31.48 23.56
C ASP D 178 0.16 30.14 23.19
N SER D 179 -0.18 29.65 21.99
CA SER D 179 0.33 28.38 21.47
C SER D 179 1.76 28.50 20.93
N GLY D 180 2.18 29.74 20.68
CA GLY D 180 3.48 30.01 20.07
C GLY D 180 3.40 30.04 18.56
N GLY D 181 2.26 29.66 18.01
CA GLY D 181 2.04 29.68 16.58
C GLY D 181 2.16 28.30 15.96
N ILE D 182 1.62 28.18 14.74
CA ILE D 182 1.54 26.90 14.02
C ILE D 182 2.89 26.20 13.82
N PHE D 183 3.94 26.97 13.49
CA PHE D 183 5.27 26.40 13.30
C PHE D 183 5.88 25.89 14.59
N VAL D 184 5.76 26.68 15.65
CA VAL D 184 6.28 26.30 16.97
C VAL D 184 5.55 25.07 17.52
N ASP D 185 4.23 25.05 17.34
CA ASP D 185 3.38 24.02 17.92
C ASP D 185 3.41 22.70 17.14
N MSE D 186 3.33 22.79 15.82
CA MSE D 186 3.17 21.59 14.98
C MSE D 186 4.45 21.10 14.28
O MSE D 186 4.49 19.94 13.85
CB MSE D 186 2.05 21.81 13.94
CG MSE D 186 0.69 22.17 14.52
SE MSE D 186 -0.19 20.73 15.53
CE MSE D 186 -0.60 19.55 14.10
N ASN D 187 5.46 21.94 14.18
CA ASN D 187 6.65 21.62 13.34
C ASN D 187 7.99 21.51 14.07
N ILE D 188 8.02 21.90 15.34
CA ILE D 188 9.25 21.88 16.13
C ILE D 188 9.91 20.48 16.17
N HIS D 189 9.09 19.44 16.25
CA HIS D 189 9.57 18.06 16.19
C HIS D 189 10.28 17.77 14.86
N ASP D 190 9.63 18.16 13.76
CA ASP D 190 10.17 17.97 12.42
C ASP D 190 11.48 18.74 12.22
N ILE D 191 11.59 19.92 12.83
CA ILE D 191 12.79 20.77 12.76
C ILE D 191 13.98 20.08 13.43
N ASP D 192 13.74 19.55 14.63
CA ASP D 192 14.74 18.77 15.35
C ASP D 192 15.20 17.56 14.54
N LEU D 193 14.23 16.85 13.95
CA LEU D 193 14.52 15.68 13.12
C LEU D 193 15.43 16.03 11.94
N ILE D 194 15.13 17.14 11.26
CA ILE D 194 15.93 17.62 10.14
C ILE D 194 17.37 17.89 10.58
N ARG D 195 17.52 18.60 11.70
CA ARG D 195 18.84 18.88 12.28
C ARG D 195 19.58 17.60 12.63
N TRP D 196 18.86 16.65 13.24
CA TRP D 196 19.38 15.34 13.62
C TRP D 196 19.85 14.53 12.40
N PHE D 197 18.97 14.38 11.41
CA PHE D 197 19.29 13.66 10.19
C PHE D 197 20.42 14.28 9.35
N THR D 198 20.43 15.61 9.25
CA THR D 198 21.41 16.30 8.38
C THR D 198 22.70 16.67 9.10
N GLY D 199 22.62 16.91 10.40
CA GLY D 199 23.76 17.42 11.17
C GLY D 199 24.09 18.86 10.84
N GLN D 200 23.11 19.56 10.27
CA GLN D 200 23.29 20.94 9.81
C GLN D 200 22.14 21.83 10.25
N ASP D 201 22.32 23.14 10.10
CA ASP D 201 21.34 24.13 10.54
C ASP D 201 20.76 24.92 9.37
N PRO D 202 19.47 25.32 9.48
CA PRO D 202 18.85 26.27 8.56
C PRO D 202 19.52 27.63 8.57
N VAL D 203 19.77 28.20 7.39
CA VAL D 203 20.38 29.51 7.27
C VAL D 203 19.38 30.55 6.75
N GLN D 204 18.29 30.06 6.18
CA GLN D 204 17.26 30.91 5.58
C GLN D 204 15.90 30.22 5.61
N ALA D 205 14.85 30.99 5.81
CA ALA D 205 13.50 30.45 5.92
C ALA D 205 12.48 31.27 5.15
N TYR D 206 11.58 30.58 4.45
CA TYR D 206 10.45 31.20 3.79
C TYR D 206 9.17 30.58 4.34
N GLY D 207 8.35 31.39 4.98
CA GLY D 207 7.11 30.92 5.57
C GLY D 207 5.89 31.53 4.92
N LEU D 208 4.85 30.72 4.79
CA LEU D 208 3.54 31.18 4.35
C LEU D 208 2.49 30.57 5.26
N THR D 209 1.42 31.32 5.52
CA THR D 209 0.32 30.84 6.37
C THR D 209 -1.03 30.86 5.66
N SER D 210 -1.98 30.14 6.22
CA SER D 210 -3.30 30.01 5.62
C SER D 210 -4.41 29.91 6.67
N ASN D 211 -5.57 30.42 6.33
CA ASN D 211 -6.77 30.29 7.15
C ASN D 211 -7.99 29.88 6.33
N ILE D 212 -7.74 29.36 5.14
CA ILE D 212 -8.81 28.94 4.22
C ILE D 212 -9.68 27.83 4.83
N ALA D 213 -9.04 26.89 5.51
CA ALA D 213 -9.73 25.75 6.12
C ALA D 213 -10.46 26.11 7.42
N ALA D 214 -9.98 27.15 8.10
CA ALA D 214 -10.59 27.62 9.35
C ALA D 214 -10.45 29.16 9.48
N PRO D 215 -11.30 29.91 8.75
CA PRO D 215 -11.22 31.38 8.75
C PRO D 215 -11.48 32.02 10.11
N GLN D 216 -12.10 31.27 11.01
CA GLN D 216 -12.44 31.77 12.35
C GLN D 216 -11.19 31.95 13.24
N LEU D 217 -10.09 31.30 12.86
CA LEU D 217 -8.84 31.39 13.61
C LEU D 217 -8.14 32.75 13.46
N ALA D 218 -8.48 33.46 12.39
CA ALA D 218 -7.96 34.81 12.14
C ALA D 218 -8.36 35.80 13.24
N ASP D 219 -9.50 35.54 13.87
CA ASP D 219 -10.01 36.36 14.96
C ASP D 219 -9.15 36.25 16.22
N ILE D 220 -8.62 35.06 16.47
CA ILE D 220 -7.76 34.82 17.64
C ILE D 220 -6.26 34.78 17.29
N GLY D 221 -5.91 35.44 16.17
CA GLY D 221 -4.51 35.59 15.74
C GLY D 221 -3.76 34.30 15.43
N GLU D 222 -4.50 33.24 15.14
CA GLU D 222 -3.93 31.94 14.83
C GLU D 222 -3.99 31.64 13.35
N PHE D 223 -3.18 30.69 12.89
CA PHE D 223 -3.22 30.25 11.51
C PHE D 223 -3.42 28.74 11.44
N GLU D 224 -4.37 28.33 10.61
CA GLU D 224 -4.72 26.92 10.44
C GLU D 224 -3.56 26.13 9.84
N THR D 225 -2.93 26.70 8.81
CA THR D 225 -1.83 26.03 8.12
C THR D 225 -0.61 26.93 8.03
N GLY D 226 0.55 26.34 8.23
CA GLY D 226 1.83 27.01 8.01
C GLY D 226 2.71 26.15 7.12
N VAL D 227 3.13 26.70 6.00
CA VAL D 227 4.08 26.02 5.11
C VAL D 227 5.40 26.78 5.10
N ALA D 228 6.50 26.07 5.32
CA ALA D 228 7.82 26.68 5.38
C ALA D 228 8.84 25.97 4.51
N GLN D 229 9.60 26.73 3.73
CA GLN D 229 10.73 26.20 2.98
C GLN D 229 12.03 26.68 3.59
N LEU D 230 12.95 25.75 3.82
CA LEU D 230 14.18 26.06 4.53
C LEU D 230 15.41 25.73 3.69
N LYS D 231 16.39 26.62 3.77
CA LYS D 231 17.70 26.41 3.16
C LYS D 231 18.69 26.02 4.25
N MSE D 232 19.30 24.84 4.13
CA MSE D 232 20.28 24.36 5.11
C MSE D 232 21.68 24.88 4.82
O MSE D 232 21.97 25.31 3.68
CB MSE D 232 20.31 22.83 5.19
CG MSE D 232 19.00 22.13 5.47
SE MSE D 232 18.12 22.60 7.14
CE MSE D 232 16.90 23.86 6.43
N SER D 233 22.55 24.84 5.82
CA SER D 233 23.92 25.34 5.72
C SER D 233 24.81 24.53 4.78
N ASP D 234 24.39 23.32 4.45
CA ASP D 234 25.17 22.42 3.57
C ASP D 234 24.56 22.23 2.17
N GLY D 235 23.47 22.95 1.89
CA GLY D 235 22.82 22.86 0.59
C GLY D 235 21.56 22.02 0.56
N VAL D 236 21.24 21.37 1.68
CA VAL D 236 20.01 20.59 1.81
C VAL D 236 18.80 21.53 1.87
N ILE D 237 17.68 21.09 1.31
CA ILE D 237 16.47 21.89 1.26
C ILE D 237 15.37 21.16 2.04
N ALA D 238 14.56 21.91 2.76
CA ALA D 238 13.50 21.31 3.58
C ALA D 238 12.16 22.03 3.42
N THR D 239 11.09 21.28 3.64
CA THR D 239 9.74 21.82 3.65
C THR D 239 9.02 21.33 4.91
N LEU D 240 8.44 22.27 5.66
CA LEU D 240 7.62 21.94 6.82
C LEU D 240 6.17 22.32 6.58
N ILE D 241 5.25 21.43 6.91
CA ILE D 241 3.83 21.76 6.93
C ILE D 241 3.20 21.40 8.27
N GLY D 242 2.56 22.40 8.87
CA GLY D 242 1.72 22.21 10.06
C GLY D 242 0.29 22.53 9.69
N GLY D 243 -0.64 21.72 10.18
CA GLY D 243 -2.05 21.87 9.86
C GLY D 243 -2.97 21.35 10.94
N ARG D 244 -4.25 21.67 10.82
CA ARG D 244 -5.23 21.34 11.86
C ARG D 244 -6.56 20.85 11.29
N HIS D 245 -6.59 20.55 10.00
CA HIS D 245 -7.85 20.25 9.32
C HIS D 245 -7.84 19.00 8.41
N ALA D 246 -7.02 18.01 8.77
CA ALA D 246 -7.00 16.73 8.04
C ALA D 246 -8.27 15.92 8.34
N ALA D 247 -8.87 15.35 7.30
CA ALA D 247 -10.11 14.60 7.45
C ALA D 247 -9.86 13.16 7.92
N HIS D 248 -8.73 12.60 7.53
CA HIS D 248 -8.46 11.17 7.75
C HIS D 248 -7.93 10.82 9.14
N GLY D 249 -7.31 11.78 9.79
CA GLY D 249 -6.74 11.57 11.11
C GLY D 249 -5.47 12.38 11.34
N ASN D 250 -4.60 11.88 12.20
CA ASN D 250 -3.36 12.55 12.54
C ASN D 250 -2.26 12.16 11.57
N GLN D 251 -1.88 13.10 10.71
CA GLN D 251 -0.80 12.89 9.75
C GLN D 251 0.54 13.38 10.30
N VAL D 252 1.43 12.44 10.58
CA VAL D 252 2.82 12.75 10.92
C VAL D 252 3.74 11.98 9.97
N GLU D 253 4.41 12.73 9.11
CA GLU D 253 5.17 12.17 8.01
C GLU D 253 6.53 12.84 7.88
N LEU D 254 7.55 12.03 7.63
CA LEU D 254 8.88 12.53 7.26
C LEU D 254 9.35 11.84 5.99
N GLU D 255 9.72 12.64 5.00
CA GLU D 255 10.32 12.12 3.78
C GLU D 255 11.77 12.57 3.74
N VAL D 256 12.67 11.62 3.49
CA VAL D 256 14.09 11.92 3.40
C VAL D 256 14.56 11.52 2.00
N MSE D 257 14.75 12.51 1.15
CA MSE D 257 15.10 12.30 -0.24
C MSE D 257 16.62 12.35 -0.39
O MSE D 257 17.25 13.39 -0.17
CB MSE D 257 14.41 13.34 -1.12
CG MSE D 257 14.56 13.11 -2.60
SE MSE D 257 13.85 14.61 -3.61
CE MSE D 257 11.95 14.24 -3.40
N GLY D 258 17.20 11.21 -0.76
CA GLY D 258 18.66 11.11 -0.90
C GLY D 258 19.12 11.00 -2.34
N SER D 259 20.43 10.97 -2.53
CA SER D 259 21.05 10.91 -3.85
C SER D 259 21.00 9.51 -4.47
N ASN D 260 20.82 8.50 -3.62
CA ASN D 260 20.71 7.12 -4.08
C ASN D 260 19.71 6.34 -3.22
N GLY D 261 18.47 6.80 -3.23
CA GLY D 261 17.40 6.18 -2.45
C GLY D 261 16.62 7.19 -1.62
N TRP D 262 15.35 6.89 -1.37
CA TRP D 262 14.54 7.69 -0.46
C TRP D 262 13.98 6.81 0.64
N VAL D 263 13.73 7.42 1.80
CA VAL D 263 12.89 6.80 2.81
C VAL D 263 11.74 7.73 3.16
N ARG D 264 10.58 7.14 3.41
CA ARG D 264 9.46 7.89 3.91
C ARG D 264 8.98 7.26 5.20
N ILE D 265 8.66 8.10 6.17
CA ILE D 265 8.25 7.63 7.49
C ILE D 265 6.82 8.09 7.74
N GLY D 266 5.93 7.14 8.00
CA GLY D 266 4.51 7.44 8.23
C GLY D 266 3.85 8.12 7.04
N GLU D 267 4.04 7.56 5.86
CA GLU D 267 3.43 8.05 4.62
C GLU D 267 1.91 8.04 4.75
N HIS D 268 1.37 6.95 5.28
CA HIS D 268 -0.02 6.87 5.70
C HIS D 268 -0.05 6.64 7.21
N PRO D 269 -0.94 7.34 7.94
CA PRO D 269 -0.96 7.16 9.38
C PRO D 269 -1.78 5.94 9.81
N ASP D 270 -1.33 4.75 9.39
CA ASP D 270 -2.05 3.51 9.64
C ASP D 270 -2.31 3.26 11.12
N LEU D 271 -3.57 3.00 11.46
CA LEU D 271 -4.00 2.74 12.83
C LEU D 271 -3.46 1.41 13.35
N ASN D 272 -3.60 0.38 12.52
CA ASN D 272 -3.22 -0.99 12.86
C ASN D 272 -2.99 -1.78 11.57
N ARG D 273 -3.07 -3.11 11.66
CA ARG D 273 -2.75 -4.00 10.55
C ARG D 273 -3.99 -4.51 9.81
N VAL D 274 -5.12 -3.83 10.01
CA VAL D 274 -6.37 -4.25 9.37
C VAL D 274 -6.65 -3.44 8.11
N THR D 275 -6.91 -4.15 7.02
CA THR D 275 -7.34 -3.54 5.76
C THR D 275 -8.84 -3.81 5.56
N VAL D 276 -9.58 -2.75 5.29
CA VAL D 276 -11.03 -2.83 5.13
C VAL D 276 -11.41 -2.78 3.66
N PHE D 277 -12.35 -3.65 3.27
CA PHE D 277 -12.91 -3.66 1.92
C PHE D 277 -14.40 -3.33 2.06
N ASN D 278 -14.78 -2.16 1.55
CA ASN D 278 -16.18 -1.75 1.53
C ASN D 278 -16.51 -0.95 0.26
N ASP D 279 -17.69 -0.32 0.23
CA ASP D 279 -18.16 0.37 -0.98
C ASP D 279 -17.29 1.55 -1.42
N GLN D 280 -16.41 2.00 -0.53
CA GLN D 280 -15.45 3.07 -0.85
C GLN D 280 -14.25 2.53 -1.63
N GLY D 281 -14.07 1.20 -1.60
CA GLY D 281 -12.88 0.57 -2.16
C GLY D 281 -12.08 -0.17 -1.11
N VAL D 282 -10.77 0.03 -1.13
CA VAL D 282 -9.84 -0.61 -0.18
C VAL D 282 -9.31 0.45 0.78
N VAL D 283 -9.59 0.25 2.07
CA VAL D 283 -9.43 1.29 3.10
C VAL D 283 -8.47 0.89 4.21
N ARG D 284 -7.56 1.80 4.56
CA ARG D 284 -6.75 1.67 5.77
C ARG D 284 -7.12 2.74 6.80
N PRO D 285 -7.81 2.33 7.88
CA PRO D 285 -8.15 3.25 8.98
C PRO D 285 -6.90 3.91 9.55
N SER D 286 -7.02 5.17 9.96
CA SER D 286 -5.89 5.95 10.41
C SER D 286 -5.92 6.29 11.91
N LEU D 287 -4.74 6.59 12.45
CA LEU D 287 -4.58 7.11 13.81
C LEU D 287 -5.23 8.49 13.95
N GLN D 288 -5.74 8.79 15.14
CA GLN D 288 -6.49 10.04 15.35
C GLN D 288 -5.83 11.04 16.29
N SER D 289 -4.68 10.67 16.84
CA SER D 289 -3.94 11.55 17.75
C SER D 289 -2.45 11.19 17.82
N PHE D 290 -1.63 12.21 18.12
CA PHE D 290 -0.20 12.04 18.33
C PHE D 290 0.10 11.00 19.43
N GLY D 291 -0.79 10.93 20.43
CA GLY D 291 -0.61 10.06 21.59
C GLY D 291 -0.62 8.59 21.22
N GLU D 292 -1.59 8.20 20.39
CA GLU D 292 -1.67 6.83 19.89
C GLU D 292 -0.51 6.48 18.96
N ARG D 293 -0.07 7.46 18.16
CA ARG D 293 1.02 7.27 17.22
C ARG D 293 2.38 7.08 17.92
N PHE D 294 2.66 7.92 18.93
CA PHE D 294 3.97 7.91 19.59
C PHE D 294 3.95 7.43 21.04
N ASP D 295 2.95 6.61 21.38
CA ASP D 295 2.78 6.08 22.74
C ASP D 295 4.01 5.33 23.26
N THR D 296 4.54 4.44 22.43
CA THR D 296 5.75 3.68 22.77
C THR D 296 6.95 4.61 22.94
N ALA D 297 7.02 5.61 22.07
CA ALA D 297 8.06 6.64 22.13
C ALA D 297 8.01 7.42 23.44
N PHE D 298 6.79 7.79 23.86
CA PHE D 298 6.56 8.47 25.13
C PHE D 298 7.03 7.63 26.32
N THR D 299 6.76 6.32 26.27
CA THR D 299 7.21 5.38 27.29
C THR D 299 8.74 5.24 27.29
N ASP D 300 9.33 5.09 26.10
CA ASP D 300 10.76 4.86 25.97
C ASP D 300 11.63 6.05 26.39
N GLU D 301 11.21 7.26 26.06
CA GLU D 301 11.98 8.46 26.41
C GLU D 301 11.96 8.73 27.92
N VAL D 302 10.81 8.48 28.54
CA VAL D 302 10.65 8.63 29.98
C VAL D 302 11.47 7.59 30.74
N GLN D 303 11.47 6.36 30.23
CA GLN D 303 12.33 5.29 30.75
C GLN D 303 13.79 5.67 30.62
N ASP D 304 14.15 6.25 29.46
CA ASP D 304 15.52 6.71 29.20
C ASP D 304 15.95 7.76 30.23
N PHE D 305 15.03 8.66 30.57
CA PHE D 305 15.27 9.72 31.56
C PHE D 305 15.52 9.15 32.95
N VAL D 306 14.68 8.20 33.36
CA VAL D 306 14.85 7.50 34.63
C VAL D 306 16.23 6.83 34.68
N ASN D 307 16.56 6.09 33.62
CA ASN D 307 17.86 5.43 33.50
C ASN D 307 19.03 6.42 33.55
N ASN D 308 18.82 7.59 32.93
CA ASN D 308 19.82 8.67 32.94
C ASN D 308 20.09 9.23 34.33
N VAL D 309 19.03 9.37 35.12
CA VAL D 309 19.13 9.86 36.50
C VAL D 309 19.87 8.85 37.38
N ILE D 310 19.49 7.57 37.25
CA ILE D 310 20.11 6.47 38.00
C ILE D 310 21.59 6.32 37.68
N VAL D 311 21.92 6.29 36.38
CA VAL D 311 23.29 6.10 35.92
C VAL D 311 24.12 7.39 36.00
N GLY D 312 23.43 8.53 36.12
CA GLY D 312 24.10 9.82 36.21
C GLY D 312 24.72 10.25 34.89
N LYS D 313 23.91 10.19 33.83
CA LYS D 313 24.36 10.53 32.48
C LYS D 313 23.37 11.48 31.81
N GLN D 314 23.88 12.56 31.23
CA GLN D 314 23.05 13.55 30.54
C GLN D 314 22.57 13.01 29.19
N PRO D 315 21.33 13.36 28.80
CA PRO D 315 20.78 12.90 27.52
C PRO D 315 21.50 13.45 26.29
N GLU D 316 21.41 12.73 25.17
CA GLU D 316 21.95 13.15 23.88
C GLU D 316 21.42 14.53 23.46
N VAL D 317 20.11 14.70 23.53
CA VAL D 317 19.47 15.98 23.17
C VAL D 317 19.72 17.04 24.26
N THR D 318 20.43 18.10 23.86
CA THR D 318 20.79 19.18 24.78
C THR D 318 19.70 20.25 24.85
N VAL D 319 19.86 21.20 25.77
CA VAL D 319 19.00 22.37 25.88
C VAL D 319 19.16 23.23 24.63
N ASP D 320 20.41 23.30 24.15
CA ASP D 320 20.78 24.02 22.93
C ASP D 320 19.96 23.54 21.72
N ASP D 321 19.76 22.22 21.62
CA ASP D 321 18.91 21.63 20.58
C ASP D 321 17.48 22.17 20.69
N GLY D 322 17.00 22.34 21.92
CA GLY D 322 15.66 22.87 22.17
C GLY D 322 15.53 24.35 21.85
N ILE D 323 16.61 25.10 22.06
CA ILE D 323 16.66 26.52 21.76
C ILE D 323 16.67 26.74 20.25
N LYS D 324 17.55 26.00 19.57
CA LYS D 324 17.73 26.13 18.13
C LYS D 324 16.44 25.82 17.35
N ALA D 325 15.81 24.70 17.68
CA ALA D 325 14.54 24.30 17.08
C ALA D 325 13.44 25.35 17.29
N LEU D 326 13.50 26.04 18.43
CA LEU D 326 12.54 27.09 18.76
C LEU D 326 12.81 28.36 17.95
N LYS D 327 14.08 28.71 17.82
CA LYS D 327 14.51 29.86 17.02
C LYS D 327 14.17 29.68 15.55
N ILE D 328 14.32 28.44 15.07
CA ILE D 328 14.02 28.10 13.66
C ILE D 328 12.51 28.19 13.39
N ALA D 329 11.71 27.63 14.30
CA ALA D 329 10.25 27.68 14.19
C ALA D 329 9.73 29.11 14.22
N LYS D 330 10.30 29.93 15.09
CA LYS D 330 9.92 31.34 15.21
C LYS D 330 10.34 32.16 13.98
N ALA D 331 11.44 31.77 13.35
CA ALA D 331 11.90 32.39 12.11
C ALA D 331 10.93 32.14 10.95
N CYS D 332 10.28 30.98 10.96
CA CYS D 332 9.28 30.62 9.95
C CYS D 332 8.00 31.42 10.12
N GLN D 333 7.59 31.61 11.37
CA GLN D 333 6.40 32.39 11.70
C GLN D 333 6.63 33.86 11.37
N GLN D 334 7.82 34.37 11.69
CA GLN D 334 8.20 35.74 11.36
C GLN D 334 8.17 35.99 9.85
N SER D 335 8.74 35.05 9.09
CA SER D 335 8.77 35.13 7.64
C SER D 335 7.38 35.32 7.03
N ALA D 336 6.43 34.51 7.50
CA ALA D 336 5.03 34.59 7.05
C ALA D 336 4.40 35.92 7.45
N ASN D 337 4.64 36.34 8.70
CA ASN D 337 4.01 37.54 9.25
C ASN D 337 4.47 38.84 8.58
N ILE D 338 5.77 38.95 8.33
CA ILE D 338 6.33 40.14 7.66
C ILE D 338 6.34 40.04 6.13
N GLY D 339 6.02 38.86 5.61
CA GLY D 339 5.97 38.62 4.17
C GLY D 339 7.33 38.71 3.50
N LYS D 340 8.37 38.29 4.20
CA LYS D 340 9.74 38.39 3.73
C LYS D 340 10.54 37.14 4.05
N LEU D 341 11.63 36.95 3.31
CA LEU D 341 12.62 35.91 3.58
C LEU D 341 13.36 36.26 4.87
N VAL D 342 13.58 35.25 5.72
CA VAL D 342 14.29 35.46 6.99
C VAL D 342 15.60 34.69 7.02
N ASP D 343 16.70 35.41 7.27
CA ASP D 343 18.01 34.79 7.48
C ASP D 343 18.15 34.38 8.95
N ILE D 344 18.60 33.15 9.18
CA ILE D 344 18.60 32.58 10.51
C ILE D 344 20.00 32.52 11.12
N GLN D 345 20.11 33.02 12.35
CA GLN D 345 21.24 32.76 13.24
C GLN D 345 20.94 33.24 14.65
PA NAD E . 15.89 14.75 -27.78
O1A NAD E . 15.87 13.38 -27.25
O2A NAD E . 17.23 15.38 -27.64
O5B NAD E . 15.41 14.73 -29.31
C5B NAD E . 15.53 15.87 -30.14
C4B NAD E . 15.33 15.48 -31.60
O4B NAD E . 15.16 16.63 -32.41
C3B NAD E . 16.52 14.73 -32.16
O3B NAD E . 16.03 13.60 -32.85
C2B NAD E . 17.18 15.69 -33.12
O2B NAD E . 17.73 15.04 -34.26
C1B NAD E . 16.05 16.62 -33.51
N9A NAD E . 16.55 17.98 -33.79
C8A NAD E . 17.33 18.77 -32.98
N7A NAD E . 17.56 19.95 -33.60
C5A NAD E . 16.93 19.93 -34.79
C6A NAD E . 16.83 20.88 -35.80
N6A NAD E . 17.23 22.12 -35.59
N1A NAD E . 16.09 20.57 -36.94
C2A NAD E . 15.46 19.35 -37.07
N3A NAD E . 15.56 18.42 -36.05
C4A NAD E . 16.28 18.71 -34.92
O3 NAD E . 14.79 15.66 -27.04
PN NAD E . 13.40 15.04 -26.48
O1N NAD E . 12.87 14.07 -27.47
O2N NAD E . 13.64 14.64 -25.09
O5D NAD E . 12.41 16.30 -26.41
C5D NAD E . 12.22 17.20 -27.48
C4D NAD E . 11.20 18.24 -27.03
O4D NAD E . 10.13 17.61 -26.35
C3D NAD E . 11.81 19.26 -26.08
O3D NAD E . 11.47 20.55 -26.52
C2D NAD E . 11.16 18.97 -24.74
O2D NAD E . 10.87 20.14 -24.03
C1D NAD E . 9.89 18.21 -25.10
N1N NAD E . 9.56 17.20 -24.08
C2N NAD E . 8.28 17.19 -23.55
C3N NAD E . 7.93 16.25 -22.58
C7N NAD E . 6.49 16.11 -22.13
O7N NAD E . 6.25 15.50 -20.89
N7N NAD E . 5.51 16.57 -22.90
C4N NAD E . 8.87 15.32 -22.14
C5N NAD E . 10.16 15.34 -22.68
C6N NAD E . 10.48 16.29 -23.65
CL CL F . -14.93 -19.62 20.75
PA NAD G . 12.45 -24.35 22.25
O1A NAD G . 12.96 -23.09 21.67
O2A NAD G . 12.95 -25.54 21.51
O5B NAD G . 12.88 -24.41 23.79
C5B NAD G . 12.47 -25.48 24.61
C4B NAD G . 12.84 -25.17 26.05
O4B NAD G . 12.26 -26.12 26.93
C3B NAD G . 14.35 -25.23 26.27
O3B NAD G . 14.73 -24.11 27.01
C2B NAD G . 14.57 -26.50 27.07
O2B NAD G . 15.63 -26.34 28.00
C1B NAD G . 13.24 -26.68 27.78
N9A NAD G . 12.95 -28.09 28.05
C8A NAD G . 12.87 -29.12 27.14
N7A NAD G . 12.57 -30.26 27.81
C5A NAD G . 12.45 -29.97 29.12
C6A NAD G . 12.15 -30.77 30.23
N6A NAD G . 11.55 -31.94 30.04
N1A NAD G . 12.11 -30.18 31.48
C2A NAD G . 12.34 -28.82 31.63
N3A NAD G . 12.64 -28.05 30.53
C4A NAD G . 12.69 -28.61 29.30
O3 NAD G . 10.83 -24.36 22.27
PN NAD G . 9.94 -23.02 22.09
O1N NAD G . 10.36 -22.03 23.10
O2N NAD G . 9.96 -22.65 20.66
O5D NAD G . 8.44 -23.52 22.40
C5D NAD G . 8.03 -23.96 23.69
C4D NAD G . 6.53 -24.20 23.67
O4D NAD G . 5.84 -23.01 23.33
C3D NAD G . 6.12 -25.25 22.65
O3D NAD G . 5.20 -26.14 23.25
C2D NAD G . 5.45 -24.49 21.54
O2D NAD G . 4.35 -25.18 21.01
C1D NAD G . 5.01 -23.19 22.21
N1N NAD G . 5.11 -22.05 21.29
C2N NAD G . 4.02 -21.23 21.16
C3N NAD G . 4.06 -20.13 20.31
C7N NAD G . 2.86 -19.24 20.15
O7N NAD G . 2.72 -18.53 18.95
N7N NAD G . 1.98 -19.15 21.13
C4N NAD G . 5.23 -19.86 19.59
C5N NAD G . 6.33 -20.70 19.73
C6N NAD G . 6.26 -21.78 20.59
PA NAD H . -24.76 -10.75 -23.20
O1A NAD H . -24.46 -9.48 -22.51
O2A NAD H . -26.01 -11.35 -22.69
O5B NAD H . -24.86 -10.49 -24.78
C5B NAD H . -25.29 -11.48 -25.68
C4B NAD H . -25.34 -10.90 -27.09
O4B NAD H . -25.47 -11.93 -28.06
C3B NAD H . -26.50 -9.95 -27.28
O3B NAD H . -26.03 -8.81 -27.96
C2B NAD H . -27.48 -10.71 -28.15
O2B NAD H . -28.16 -9.85 -29.05
C1B NAD H . -26.59 -11.69 -28.89
N9A NAD H . -27.29 -12.95 -29.19
C8A NAD H . -27.95 -13.75 -28.29
N7A NAD H . -28.44 -14.82 -28.95
C5A NAD H . -28.13 -14.71 -30.26
C6A NAD H . -28.38 -15.51 -31.37
N6A NAD H . -28.80 -16.76 -31.18
N1A NAD H . -27.92 -15.14 -32.61
C2A NAD H . -27.19 -13.98 -32.76
N3A NAD H . -26.93 -13.17 -31.66
C4A NAD H . -27.39 -13.54 -30.42
O3 NAD H . -23.52 -11.79 -23.06
PN NAD H . -22.03 -11.30 -22.70
O1N NAD H . -21.64 -10.20 -23.63
O2N NAD H . -21.95 -11.09 -21.23
O5D NAD H . -21.13 -12.58 -23.03
C5D NAD H . -21.16 -13.23 -24.29
C4D NAD H . -20.19 -14.40 -24.27
O4D NAD H . -18.90 -13.96 -23.86
C3D NAD H . -20.64 -15.49 -23.30
O3D NAD H . -20.62 -16.74 -23.95
C2D NAD H . -19.65 -15.43 -22.16
O2D NAD H . -19.29 -16.72 -21.70
C1D NAD H . -18.43 -14.72 -22.75
N1N NAD H . -17.76 -13.89 -21.74
C2N NAD H . -16.39 -13.99 -21.60
C3N NAD H . -15.73 -13.22 -20.64
C7N NAD H . -14.23 -13.18 -20.59
O7N NAD H . -13.58 -12.90 -19.36
N7N NAD H . -13.52 -13.41 -21.69
C4N NAD H . -16.46 -12.36 -19.82
C5N NAD H . -17.85 -12.27 -19.96
C6N NAD H . -18.48 -13.04 -20.93
C1 EDO I . 0.23 -23.83 -21.02
O1 EDO I . 1.39 -24.58 -20.62
C2 EDO I . -1.00 -24.59 -20.58
O2 EDO I . -1.75 -24.95 -21.74
PA NAD J . -3.38 20.42 28.74
O1A NAD J . -4.18 19.30 28.20
O2A NAD J . -4.11 21.71 28.63
O5B NAD J . -2.98 20.10 30.27
C5B NAD J . -2.31 21.05 31.08
C4B NAD J . -2.22 20.52 32.51
O4B NAD J . -1.34 21.33 33.27
C3B NAD J . -3.58 20.54 33.21
O3B NAD J . -3.74 19.31 33.87
C2B NAD J . -3.48 21.67 34.21
O2B NAD J . -4.17 21.39 35.40
C1B NAD J . -1.98 21.77 34.47
N9A NAD J . -1.57 23.14 34.83
C8A NAD J . -1.80 24.28 34.11
N7A NAD J . -1.26 25.34 34.78
C5A NAD J . -0.71 24.87 35.93
C6A NAD J . -0.04 25.51 36.96
N6A NAD J . 0.28 26.80 36.85
N1A NAD J . 0.44 24.77 38.03
C2A NAD J . 0.23 23.40 38.06
N3A NAD J . -0.43 22.77 37.02
C4A NAD J . -0.89 23.49 35.97
O3 NAD J . -1.96 20.53 27.96
PN NAD J . -1.28 19.26 27.25
O1N NAD J . -1.36 18.10 28.18
O2N NAD J . -1.78 19.13 25.88
O5D NAD J . 0.25 19.71 27.13
C5D NAD J . 1.05 20.00 28.26
C4D NAD J . 2.47 20.28 27.80
O4D NAD J . 2.96 19.19 27.05
C3D NAD J . 2.54 21.51 26.92
O3D NAD J . 3.55 22.37 27.39
C2D NAD J . 2.89 21.01 25.55
O2D NAD J . 3.84 21.83 24.91
C1D NAD J . 3.46 19.61 25.79
N1N NAD J . 3.06 18.69 24.70
C2N NAD J . 4.02 18.00 24.03
C3N NAD J . 3.68 17.12 22.99
C7N NAD J . 4.72 16.29 22.31
O7N NAD J . 4.53 15.93 20.96
N7N NAD J . 5.81 15.91 23.00
C4N NAD J . 2.34 16.96 22.67
C5N NAD J . 1.36 17.66 23.36
C6N NAD J . 1.73 18.52 24.38
C1 EDO K . 22.58 17.08 15.70
O1 EDO K . 22.06 15.75 15.64
C2 EDO K . 21.51 18.02 16.22
O2 EDO K . 20.96 17.50 17.44
C1 EDO L . -5.37 0.83 1.31
O1 EDO L . -4.29 0.09 0.73
C2 EDO L . -5.37 2.26 0.81
O2 EDO L . -4.02 2.72 0.59
#